data_1F53
# 
_entry.id   1F53 
# 
_audit_conform.dict_name       mmcif_pdbx.dic 
_audit_conform.dict_version    5.397 
_audit_conform.dict_location   http://mmcif.pdb.org/dictionaries/ascii/mmcif_pdbx.dic 
# 
loop_
_database_2.database_id 
_database_2.database_code 
_database_2.pdbx_database_accession 
_database_2.pdbx_DOI 
PDB   1F53         pdb_00001f53 10.2210/pdb1f53/pdb 
RCSB  RCSB011253   ?            ?                   
WWPDB D_1000011253 ?            ?                   
# 
loop_
_pdbx_audit_revision_history.ordinal 
_pdbx_audit_revision_history.data_content_type 
_pdbx_audit_revision_history.major_revision 
_pdbx_audit_revision_history.minor_revision 
_pdbx_audit_revision_history.revision_date 
1 'Structure model' 1 0 2000-12-27 
2 'Structure model' 1 1 2008-04-27 
3 'Structure model' 1 2 2011-07-13 
4 'Structure model' 1 3 2022-02-16 
5 'Structure model' 1 4 2024-10-23 
# 
_pdbx_audit_revision_details.ordinal             1 
_pdbx_audit_revision_details.revision_ordinal    1 
_pdbx_audit_revision_details.data_content_type   'Structure model' 
_pdbx_audit_revision_details.provider            repository 
_pdbx_audit_revision_details.type                'Initial release' 
_pdbx_audit_revision_details.description         ? 
_pdbx_audit_revision_details.details             ? 
# 
loop_
_pdbx_audit_revision_group.ordinal 
_pdbx_audit_revision_group.revision_ordinal 
_pdbx_audit_revision_group.data_content_type 
_pdbx_audit_revision_group.group 
1 2 'Structure model' 'Version format compliance' 
2 3 'Structure model' 'Version format compliance' 
3 4 'Structure model' 'Data collection'           
4 4 'Structure model' 'Database references'       
5 4 'Structure model' 'Derived calculations'      
6 5 'Structure model' 'Data collection'           
7 5 'Structure model' 'Structure summary'         
# 
loop_
_pdbx_audit_revision_category.ordinal 
_pdbx_audit_revision_category.revision_ordinal 
_pdbx_audit_revision_category.data_content_type 
_pdbx_audit_revision_category.category 
1 4 'Structure model' database_2                
2 4 'Structure model' pdbx_nmr_spectrometer     
3 4 'Structure model' pdbx_struct_assembly      
4 4 'Structure model' pdbx_struct_oper_list     
5 4 'Structure model' struct_sheet              
6 5 'Structure model' chem_comp_atom            
7 5 'Structure model' chem_comp_bond            
8 5 'Structure model' pdbx_entry_details        
9 5 'Structure model' pdbx_modification_feature 
# 
loop_
_pdbx_audit_revision_item.ordinal 
_pdbx_audit_revision_item.revision_ordinal 
_pdbx_audit_revision_item.data_content_type 
_pdbx_audit_revision_item.item 
1 4 'Structure model' '_database_2.pdbx_DOI'                
2 4 'Structure model' '_database_2.pdbx_database_accession' 
3 4 'Structure model' '_pdbx_nmr_spectrometer.model'        
4 4 'Structure model' '_struct_sheet.number_strands'        
# 
_pdbx_database_status.status_code                     REL 
_pdbx_database_status.entry_id                        1F53 
_pdbx_database_status.recvd_initial_deposition_date   2000-06-12 
_pdbx_database_status.deposit_site                    RCSB 
_pdbx_database_status.process_site                    PDBJ 
_pdbx_database_status.status_code_mr                  REL 
_pdbx_database_status.SG_entry                        . 
_pdbx_database_status.pdb_format_compatible           Y 
_pdbx_database_status.status_code_sf                  ? 
_pdbx_database_status.status_code_cs                  ? 
_pdbx_database_status.status_code_nmr_data            ? 
_pdbx_database_status.methods_development_category    ? 
# 
loop_
_pdbx_database_related.db_name 
_pdbx_database_related.db_id 
_pdbx_database_related.details 
_pdbx_database_related.content_type 
PDB 2BB2 '2BB2 contains BETA-B2-CRYSTALLIN'                                    unspecified 
PDB 1AG4 '1AG4 contains SPHERULIN 3A'                                          unspecified 
PDB 1PRS '1PRS contains DEVELOPMENT-SPECIFIC PROTEIN S (SPORE COAT PROTEIN S)' unspecified 
PDB 1WKT '1WKT contains YEAST KILLER TOXIN'                                    unspecified 
PDB 1BHU '1BHU contains METALLOPROTEINASE INHIBITOR'                           unspecified 
# 
loop_
_audit_author.name 
_audit_author.pdbx_ordinal 
'Ohki, S.'     1 
'Kariya, E.'   2 
'Hiraga, K.'   3 
'Wakamiya, A.' 4 
'Isobe, T.'    5 
'Oda, K.'      6 
'Kainosho, M.' 7 
# 
_citation.id                        primary 
_citation.title                     
;NMR structure of Streptomyces killer toxin-like protein, SKLP: further evidence for the wide distribution of single-domain betagamma-crystallin superfamily proteins.
;
_citation.journal_abbrev            J.Mol.Biol. 
_citation.journal_volume            305 
_citation.page_first                109 
_citation.page_last                 120 
_citation.year                      2001 
_citation.journal_id_ASTM           JMOBAK 
_citation.country                   UK 
_citation.journal_id_ISSN           0022-2836 
_citation.journal_id_CSD            0070 
_citation.book_publisher            ? 
_citation.pdbx_database_id_PubMed   11114251 
_citation.pdbx_database_id_DOI      10.1006/jmbi.2000.4244 
# 
loop_
_citation_author.citation_id 
_citation_author.name 
_citation_author.ordinal 
_citation_author.identifier_ORCID 
primary 'Ohki, S.Y.'   1 ? 
primary 'Kariya, E.'   2 ? 
primary 'Hiraga, K.'   3 ? 
primary 'Wakamiya, A.' 4 ? 
primary 'Isobe, T.'    5 ? 
primary 'Oda, K.'      6 ? 
primary 'Kainosho, M.' 7 ? 
# 
_entity.id                         1 
_entity.type                       polymer 
_entity.src_method                 nat 
_entity.pdbx_description           'YEAST KILLER TOXIN-LIKE PROTEIN' 
_entity.formula_weight             9618.595 
_entity.pdbx_number_of_molecules   1 
_entity.pdbx_ec                    ? 
_entity.pdbx_mutation              ? 
_entity.pdbx_fragment              ? 
_entity.details                    ? 
# 
_entity_poly.entity_id                      1 
_entity_poly.type                           'polypeptide(L)' 
_entity_poly.nstd_linkage                   no 
_entity_poly.nstd_monomer                   no 
_entity_poly.pdbx_seq_one_letter_code       
;IDHVPCRGGENFLKIWSHSGGQQSVDCYANRGRIDFGGWWVDKISTGNNDLIYYDANGDSVRVDRWHDITYPNRPPKVNS
IEIL
;
_entity_poly.pdbx_seq_one_letter_code_can   
;IDHVPCRGGENFLKIWSHSGGQQSVDCYANRGRIDFGGWWVDKISTGNNDLIYYDANGDSVRVDRWHDITYPNRPPKVNS
IEIL
;
_entity_poly.pdbx_strand_id                 A 
_entity_poly.pdbx_target_identifier         ? 
# 
loop_
_entity_poly_seq.entity_id 
_entity_poly_seq.num 
_entity_poly_seq.mon_id 
_entity_poly_seq.hetero 
1 1  ILE n 
1 2  ASP n 
1 3  HIS n 
1 4  VAL n 
1 5  PRO n 
1 6  CYS n 
1 7  ARG n 
1 8  GLY n 
1 9  GLY n 
1 10 GLU n 
1 11 ASN n 
1 12 PHE n 
1 13 LEU n 
1 14 LYS n 
1 15 ILE n 
1 16 TRP n 
1 17 SER n 
1 18 HIS n 
1 19 SER n 
1 20 GLY n 
1 21 GLY n 
1 22 GLN n 
1 23 GLN n 
1 24 SER n 
1 25 VAL n 
1 26 ASP n 
1 27 CYS n 
1 28 TYR n 
1 29 ALA n 
1 30 ASN n 
1 31 ARG n 
1 32 GLY n 
1 33 ARG n 
1 34 ILE n 
1 35 ASP n 
1 36 PHE n 
1 37 GLY n 
1 38 GLY n 
1 39 TRP n 
1 40 TRP n 
1 41 VAL n 
1 42 ASP n 
1 43 LYS n 
1 44 ILE n 
1 45 SER n 
1 46 THR n 
1 47 GLY n 
1 48 ASN n 
1 49 ASN n 
1 50 ASP n 
1 51 LEU n 
1 52 ILE n 
1 53 TYR n 
1 54 TYR n 
1 55 ASP n 
1 56 ALA n 
1 57 ASN n 
1 58 GLY n 
1 59 ASP n 
1 60 SER n 
1 61 VAL n 
1 62 ARG n 
1 63 VAL n 
1 64 ASP n 
1 65 ARG n 
1 66 TRP n 
1 67 HIS n 
1 68 ASP n 
1 69 ILE n 
1 70 THR n 
1 71 TYR n 
1 72 PRO n 
1 73 ASN n 
1 74 ARG n 
1 75 PRO n 
1 76 PRO n 
1 77 LYS n 
1 78 VAL n 
1 79 ASN n 
1 80 SER n 
1 81 ILE n 
1 82 GLU n 
1 83 ILE n 
1 84 LEU n 
# 
_entity_src_nat.entity_id                  1 
_entity_src_nat.pdbx_src_id                1 
_entity_src_nat.pdbx_alt_source_flag       sample 
_entity_src_nat.pdbx_beg_seq_num           ? 
_entity_src_nat.pdbx_end_seq_num           ? 
_entity_src_nat.common_name                ? 
_entity_src_nat.pdbx_organism_scientific   'Streptomyces sp.' 
_entity_src_nat.pdbx_ncbi_taxonomy_id      1931 
_entity_src_nat.genus                      Streptomyces 
_entity_src_nat.species                    ? 
_entity_src_nat.strain                     ? 
_entity_src_nat.tissue                     ? 
_entity_src_nat.tissue_fraction            ? 
_entity_src_nat.pdbx_secretion             ? 
_entity_src_nat.pdbx_fragment              ? 
_entity_src_nat.pdbx_variant               ? 
_entity_src_nat.pdbx_cell_line             ? 
_entity_src_nat.pdbx_atcc                  ? 
_entity_src_nat.pdbx_cellular_location     ? 
_entity_src_nat.pdbx_organ                 ? 
_entity_src_nat.pdbx_organelle             ? 
_entity_src_nat.pdbx_cell                  F-287 
_entity_src_nat.pdbx_plasmid_name          ? 
_entity_src_nat.pdbx_plasmid_details       ? 
_entity_src_nat.details                    ? 
# 
loop_
_chem_comp.id 
_chem_comp.type 
_chem_comp.mon_nstd_flag 
_chem_comp.name 
_chem_comp.pdbx_synonyms 
_chem_comp.formula 
_chem_comp.formula_weight 
ALA 'L-peptide linking' y ALANINE         ? 'C3 H7 N O2'     89.093  
ARG 'L-peptide linking' y ARGININE        ? 'C6 H15 N4 O2 1' 175.209 
ASN 'L-peptide linking' y ASPARAGINE      ? 'C4 H8 N2 O3'    132.118 
ASP 'L-peptide linking' y 'ASPARTIC ACID' ? 'C4 H7 N O4'     133.103 
CYS 'L-peptide linking' y CYSTEINE        ? 'C3 H7 N O2 S'   121.158 
GLN 'L-peptide linking' y GLUTAMINE       ? 'C5 H10 N2 O3'   146.144 
GLU 'L-peptide linking' y 'GLUTAMIC ACID' ? 'C5 H9 N O4'     147.129 
GLY 'peptide linking'   y GLYCINE         ? 'C2 H5 N O2'     75.067  
HIS 'L-peptide linking' y HISTIDINE       ? 'C6 H10 N3 O2 1' 156.162 
ILE 'L-peptide linking' y ISOLEUCINE      ? 'C6 H13 N O2'    131.173 
LEU 'L-peptide linking' y LEUCINE         ? 'C6 H13 N O2'    131.173 
LYS 'L-peptide linking' y LYSINE          ? 'C6 H15 N2 O2 1' 147.195 
PHE 'L-peptide linking' y PHENYLALANINE   ? 'C9 H11 N O2'    165.189 
PRO 'L-peptide linking' y PROLINE         ? 'C5 H9 N O2'     115.130 
SER 'L-peptide linking' y SERINE          ? 'C3 H7 N O3'     105.093 
THR 'L-peptide linking' y THREONINE       ? 'C4 H9 N O3'     119.119 
TRP 'L-peptide linking' y TRYPTOPHAN      ? 'C11 H12 N2 O2'  204.225 
TYR 'L-peptide linking' y TYROSINE        ? 'C9 H11 N O3'    181.189 
VAL 'L-peptide linking' y VALINE          ? 'C5 H11 N O2'    117.146 
# 
loop_
_pdbx_poly_seq_scheme.asym_id 
_pdbx_poly_seq_scheme.entity_id 
_pdbx_poly_seq_scheme.seq_id 
_pdbx_poly_seq_scheme.mon_id 
_pdbx_poly_seq_scheme.ndb_seq_num 
_pdbx_poly_seq_scheme.pdb_seq_num 
_pdbx_poly_seq_scheme.auth_seq_num 
_pdbx_poly_seq_scheme.pdb_mon_id 
_pdbx_poly_seq_scheme.auth_mon_id 
_pdbx_poly_seq_scheme.pdb_strand_id 
_pdbx_poly_seq_scheme.pdb_ins_code 
_pdbx_poly_seq_scheme.hetero 
A 1 1  ILE 1  1  1  ILE ILE A . n 
A 1 2  ASP 2  2  2  ASP ASP A . n 
A 1 3  HIS 3  3  3  HIS HIS A . n 
A 1 4  VAL 4  4  4  VAL VAL A . n 
A 1 5  PRO 5  5  5  PRO PRO A . n 
A 1 6  CYS 6  6  6  CYS CYS A . n 
A 1 7  ARG 7  7  7  ARG ARG A . n 
A 1 8  GLY 8  8  8  GLY GLY A . n 
A 1 9  GLY 9  9  9  GLY GLY A . n 
A 1 10 GLU 10 10 10 GLU GLU A . n 
A 1 11 ASN 11 11 11 ASN ASN A . n 
A 1 12 PHE 12 12 12 PHE PHE A . n 
A 1 13 LEU 13 13 13 LEU LEU A . n 
A 1 14 LYS 14 14 14 LYS LYS A . n 
A 1 15 ILE 15 15 15 ILE ILE A . n 
A 1 16 TRP 16 16 16 TRP TRP A . n 
A 1 17 SER 17 17 17 SER SER A . n 
A 1 18 HIS 18 18 18 HIS HIS A . n 
A 1 19 SER 19 19 19 SER SER A . n 
A 1 20 GLY 20 20 20 GLY GLY A . n 
A 1 21 GLY 21 21 21 GLY GLY A . n 
A 1 22 GLN 22 22 22 GLN GLN A . n 
A 1 23 GLN 23 23 23 GLN GLN A . n 
A 1 24 SER 24 24 24 SER SER A . n 
A 1 25 VAL 25 25 25 VAL VAL A . n 
A 1 26 ASP 26 26 26 ASP ASP A . n 
A 1 27 CYS 27 27 27 CYS CYS A . n 
A 1 28 TYR 28 28 28 TYR TYR A . n 
A 1 29 ALA 29 29 29 ALA ALA A . n 
A 1 30 ASN 30 30 30 ASN ASN A . n 
A 1 31 ARG 31 31 31 ARG ARG A . n 
A 1 32 GLY 32 32 32 GLY GLY A . n 
A 1 33 ARG 33 33 33 ARG ARG A . n 
A 1 34 ILE 34 34 34 ILE ILE A . n 
A 1 35 ASP 35 35 35 ASP ASP A . n 
A 1 36 PHE 36 36 36 PHE PHE A . n 
A 1 37 GLY 37 37 37 GLY GLY A . n 
A 1 38 GLY 38 38 38 GLY GLY A . n 
A 1 39 TRP 39 39 39 TRP TRP A . n 
A 1 40 TRP 40 40 40 TRP TRP A . n 
A 1 41 VAL 41 41 41 VAL VAL A . n 
A 1 42 ASP 42 42 42 ASP ASP A . n 
A 1 43 LYS 43 43 43 LYS LYS A . n 
A 1 44 ILE 44 44 44 ILE ILE A . n 
A 1 45 SER 45 45 45 SER SER A . n 
A 1 46 THR 46 46 46 THR THR A . n 
A 1 47 GLY 47 47 47 GLY GLY A . n 
A 1 48 ASN 48 48 48 ASN ASN A . n 
A 1 49 ASN 49 49 49 ASN ASN A . n 
A 1 50 ASP 50 50 50 ASP ASP A . n 
A 1 51 LEU 51 51 51 LEU LEU A . n 
A 1 52 ILE 52 52 52 ILE ILE A . n 
A 1 53 TYR 53 53 53 TYR TYR A . n 
A 1 54 TYR 54 54 54 TYR TYR A . n 
A 1 55 ASP 55 55 55 ASP ASP A . n 
A 1 56 ALA 56 56 56 ALA ALA A . n 
A 1 57 ASN 57 57 57 ASN ASN A . n 
A 1 58 GLY 58 58 58 GLY GLY A . n 
A 1 59 ASP 59 59 59 ASP ASP A . n 
A 1 60 SER 60 60 60 SER SER A . n 
A 1 61 VAL 61 61 61 VAL VAL A . n 
A 1 62 ARG 62 62 62 ARG ARG A . n 
A 1 63 VAL 63 63 63 VAL VAL A . n 
A 1 64 ASP 64 64 64 ASP ASP A . n 
A 1 65 ARG 65 65 65 ARG ARG A . n 
A 1 66 TRP 66 66 66 TRP TRP A . n 
A 1 67 HIS 67 67 67 HIS HIS A . n 
A 1 68 ASP 68 68 68 ASP ASP A . n 
A 1 69 ILE 69 69 69 ILE ILE A . n 
A 1 70 THR 70 70 70 THR THR A . n 
A 1 71 TYR 71 71 71 TYR TYR A . n 
A 1 72 PRO 72 72 72 PRO PRO A . n 
A 1 73 ASN 73 73 73 ASN ASN A . n 
A 1 74 ARG 74 74 74 ARG ARG A . n 
A 1 75 PRO 75 75 75 PRO PRO A . n 
A 1 76 PRO 76 76 76 PRO PRO A . n 
A 1 77 LYS 77 77 77 LYS LYS A . n 
A 1 78 VAL 78 78 78 VAL VAL A . n 
A 1 79 ASN 79 79 79 ASN ASN A . n 
A 1 80 SER 80 80 80 SER SER A . n 
A 1 81 ILE 81 81 81 ILE ILE A . n 
A 1 82 GLU 82 82 82 GLU GLU A . n 
A 1 83 ILE 83 83 83 ILE ILE A . n 
A 1 84 LEU 84 84 84 LEU LEU A . n 
# 
_cell.entry_id           1F53 
_cell.length_a           1.000 
_cell.length_b           1.000 
_cell.length_c           1.000 
_cell.angle_alpha        90.00 
_cell.angle_beta         90.00 
_cell.angle_gamma        90.00 
_cell.Z_PDB              1 
_cell.pdbx_unique_axis   ? 
# 
_symmetry.entry_id                         1F53 
_symmetry.space_group_name_H-M             'P 1' 
_symmetry.pdbx_full_space_group_name_H-M   ? 
_symmetry.cell_setting                     ? 
_symmetry.Int_Tables_number                1 
# 
_exptl.entry_id          1F53 
_exptl.method            'SOLUTION NMR' 
_exptl.crystals_number   ? 
# 
_struct.entry_id                  1F53 
_struct.title                     'NMR STRUCTURE OF KILLER TOXIN-LIKE PROTEIN SKLP' 
_struct.pdbx_model_details        ? 
_struct.pdbx_CASP_flag            ? 
_struct.pdbx_model_type_details   ? 
# 
_struct_keywords.entry_id        1F53 
_struct_keywords.pdbx_keywords   TOXIN 
_struct_keywords.text            'killer toxin-like protein, SKLP, crystallin family, TOXIN' 
# 
_struct_asym.id                            A 
_struct_asym.pdbx_blank_PDB_chainid_flag   N 
_struct_asym.pdbx_modified                 N 
_struct_asym.entity_id                     1 
_struct_asym.details                       ? 
# 
_struct_ref.id                         1 
_struct_ref.entity_id                  1 
_struct_ref.db_name                    PDB 
_struct_ref.db_code                    1F53 
_struct_ref.pdbx_db_accession          1F53 
_struct_ref.pdbx_db_isoform            ? 
_struct_ref.pdbx_seq_one_letter_code   ? 
_struct_ref.pdbx_align_begin           ? 
# 
_struct_ref_seq.align_id                      1 
_struct_ref_seq.ref_id                        1 
_struct_ref_seq.pdbx_PDB_id_code              1F53 
_struct_ref_seq.pdbx_strand_id                A 
_struct_ref_seq.seq_align_beg                 1 
_struct_ref_seq.pdbx_seq_align_beg_ins_code   ? 
_struct_ref_seq.seq_align_end                 84 
_struct_ref_seq.pdbx_seq_align_end_ins_code   ? 
_struct_ref_seq.pdbx_db_accession             1F53 
_struct_ref_seq.db_align_beg                  1 
_struct_ref_seq.pdbx_db_align_beg_ins_code    ? 
_struct_ref_seq.db_align_end                  84 
_struct_ref_seq.pdbx_db_align_end_ins_code    ? 
_struct_ref_seq.pdbx_auth_seq_align_beg       1 
_struct_ref_seq.pdbx_auth_seq_align_end       84 
# 
_pdbx_struct_assembly.id                   1 
_pdbx_struct_assembly.details              author_defined_assembly 
_pdbx_struct_assembly.method_details       ? 
_pdbx_struct_assembly.oligomeric_details   monomeric 
_pdbx_struct_assembly.oligomeric_count     1 
# 
_pdbx_struct_assembly_gen.assembly_id       1 
_pdbx_struct_assembly_gen.oper_expression   1 
_pdbx_struct_assembly_gen.asym_id_list      A 
# 
_pdbx_struct_oper_list.id                   1 
_pdbx_struct_oper_list.type                 'identity operation' 
_pdbx_struct_oper_list.name                 1_555 
_pdbx_struct_oper_list.symmetry_operation   x,y,z 
_pdbx_struct_oper_list.matrix[1][1]         1.0000000000 
_pdbx_struct_oper_list.matrix[1][2]         0.0000000000 
_pdbx_struct_oper_list.matrix[1][3]         0.0000000000 
_pdbx_struct_oper_list.vector[1]            0.0000000000 
_pdbx_struct_oper_list.matrix[2][1]         0.0000000000 
_pdbx_struct_oper_list.matrix[2][2]         1.0000000000 
_pdbx_struct_oper_list.matrix[2][3]         0.0000000000 
_pdbx_struct_oper_list.vector[2]            0.0000000000 
_pdbx_struct_oper_list.matrix[3][1]         0.0000000000 
_pdbx_struct_oper_list.matrix[3][2]         0.0000000000 
_pdbx_struct_oper_list.matrix[3][3]         1.0000000000 
_pdbx_struct_oper_list.vector[3]            0.0000000000 
# 
_struct_biol.id   1 
# 
_struct_conn.id                            disulf1 
_struct_conn.conn_type_id                  disulf 
_struct_conn.pdbx_leaving_atom_flag        ? 
_struct_conn.pdbx_PDB_id                   ? 
_struct_conn.ptnr1_label_asym_id           A 
_struct_conn.ptnr1_label_comp_id           CYS 
_struct_conn.ptnr1_label_seq_id            6 
_struct_conn.ptnr1_label_atom_id           SG 
_struct_conn.pdbx_ptnr1_label_alt_id       ? 
_struct_conn.pdbx_ptnr1_PDB_ins_code       ? 
_struct_conn.pdbx_ptnr1_standard_comp_id   ? 
_struct_conn.ptnr1_symmetry                1_555 
_struct_conn.ptnr2_label_asym_id           A 
_struct_conn.ptnr2_label_comp_id           CYS 
_struct_conn.ptnr2_label_seq_id            27 
_struct_conn.ptnr2_label_atom_id           SG 
_struct_conn.pdbx_ptnr2_label_alt_id       ? 
_struct_conn.pdbx_ptnr2_PDB_ins_code       ? 
_struct_conn.ptnr1_auth_asym_id            A 
_struct_conn.ptnr1_auth_comp_id            CYS 
_struct_conn.ptnr1_auth_seq_id             6 
_struct_conn.ptnr2_auth_asym_id            A 
_struct_conn.ptnr2_auth_comp_id            CYS 
_struct_conn.ptnr2_auth_seq_id             27 
_struct_conn.ptnr2_symmetry                1_555 
_struct_conn.pdbx_ptnr3_label_atom_id      ? 
_struct_conn.pdbx_ptnr3_label_seq_id       ? 
_struct_conn.pdbx_ptnr3_label_comp_id      ? 
_struct_conn.pdbx_ptnr3_label_asym_id      ? 
_struct_conn.pdbx_ptnr3_label_alt_id       ? 
_struct_conn.pdbx_ptnr3_PDB_ins_code       ? 
_struct_conn.details                       ? 
_struct_conn.pdbx_dist_value               2.476 
_struct_conn.pdbx_value_order              ? 
_struct_conn.pdbx_role                     ? 
# 
_struct_conn_type.id          disulf 
_struct_conn_type.criteria    ? 
_struct_conn_type.reference   ? 
# 
_pdbx_modification_feature.ordinal                            1 
_pdbx_modification_feature.label_comp_id                      CYS 
_pdbx_modification_feature.label_asym_id                      A 
_pdbx_modification_feature.label_seq_id                       6 
_pdbx_modification_feature.label_alt_id                       ? 
_pdbx_modification_feature.modified_residue_label_comp_id     CYS 
_pdbx_modification_feature.modified_residue_label_asym_id     A 
_pdbx_modification_feature.modified_residue_label_seq_id      27 
_pdbx_modification_feature.modified_residue_label_alt_id      ? 
_pdbx_modification_feature.auth_comp_id                       CYS 
_pdbx_modification_feature.auth_asym_id                       A 
_pdbx_modification_feature.auth_seq_id                        6 
_pdbx_modification_feature.PDB_ins_code                       ? 
_pdbx_modification_feature.symmetry                           1_555 
_pdbx_modification_feature.modified_residue_auth_comp_id      CYS 
_pdbx_modification_feature.modified_residue_auth_asym_id      A 
_pdbx_modification_feature.modified_residue_auth_seq_id       27 
_pdbx_modification_feature.modified_residue_PDB_ins_code      ? 
_pdbx_modification_feature.modified_residue_symmetry          1_555 
_pdbx_modification_feature.comp_id_linking_atom               SG 
_pdbx_modification_feature.modified_residue_id_linking_atom   SG 
_pdbx_modification_feature.modified_residue_id                . 
_pdbx_modification_feature.ref_pcm_id                         . 
_pdbx_modification_feature.ref_comp_id                        . 
_pdbx_modification_feature.type                               None 
_pdbx_modification_feature.category                           'Disulfide bridge' 
# 
loop_
_struct_sheet.id 
_struct_sheet.type 
_struct_sheet.number_strands 
_struct_sheet.details 
S1 ? 5 ? 
S2 ? 2 ? 
# 
loop_
_struct_sheet_order.sheet_id 
_struct_sheet_order.range_id_1 
_struct_sheet_order.range_id_2 
_struct_sheet_order.offset 
_struct_sheet_order.sense 
S1 1 2 ? parallel      
S1 2 3 ? anti-parallel 
S1 3 4 ? anti-parallel 
S1 4 5 ? anti-parallel 
S2 1 2 ? anti-parallel 
# 
loop_
_struct_sheet_range.sheet_id 
_struct_sheet_range.id 
_struct_sheet_range.beg_label_comp_id 
_struct_sheet_range.beg_label_asym_id 
_struct_sheet_range.beg_label_seq_id 
_struct_sheet_range.pdbx_beg_PDB_ins_code 
_struct_sheet_range.end_label_comp_id 
_struct_sheet_range.end_label_asym_id 
_struct_sheet_range.end_label_seq_id 
_struct_sheet_range.pdbx_end_PDB_ins_code 
_struct_sheet_range.beg_auth_comp_id 
_struct_sheet_range.beg_auth_asym_id 
_struct_sheet_range.beg_auth_seq_id 
_struct_sheet_range.end_auth_comp_id 
_struct_sheet_range.end_auth_asym_id 
_struct_sheet_range.end_auth_seq_id 
S1 1 ASP A 2  ? HIS A 3  ? ASP A 2  HIS A 3  
S1 2 GLN A 23 ? ALA A 29 ? GLN A 23 ALA A 29 
S1 3 LEU A 13 ? HIS A 18 ? LEU A 13 HIS A 18 
S1 4 LYS A 43 ? THR A 46 ? LYS A 43 THR A 46 
S1 5 HIS A 67 ? ILE A 69 ? HIS A 67 ILE A 69 
S2 1 SER A 80 ? ILE A 83 ? SER A 80 ILE A 83 
S2 2 ASP A 59 ? ASP A 64 ? ASP A 59 ASP A 64 
# 
loop_
_pdbx_struct_sheet_hbond.sheet_id 
_pdbx_struct_sheet_hbond.range_id_1 
_pdbx_struct_sheet_hbond.range_id_2 
_pdbx_struct_sheet_hbond.range_1_label_atom_id 
_pdbx_struct_sheet_hbond.range_1_label_comp_id 
_pdbx_struct_sheet_hbond.range_1_label_asym_id 
_pdbx_struct_sheet_hbond.range_1_label_seq_id 
_pdbx_struct_sheet_hbond.range_1_PDB_ins_code 
_pdbx_struct_sheet_hbond.range_1_auth_atom_id 
_pdbx_struct_sheet_hbond.range_1_auth_comp_id 
_pdbx_struct_sheet_hbond.range_1_auth_asym_id 
_pdbx_struct_sheet_hbond.range_1_auth_seq_id 
_pdbx_struct_sheet_hbond.range_2_label_atom_id 
_pdbx_struct_sheet_hbond.range_2_label_comp_id 
_pdbx_struct_sheet_hbond.range_2_label_asym_id 
_pdbx_struct_sheet_hbond.range_2_label_seq_id 
_pdbx_struct_sheet_hbond.range_2_PDB_ins_code 
_pdbx_struct_sheet_hbond.range_2_auth_atom_id 
_pdbx_struct_sheet_hbond.range_2_auth_comp_id 
_pdbx_struct_sheet_hbond.range_2_auth_asym_id 
_pdbx_struct_sheet_hbond.range_2_auth_seq_id 
S1 1 2 N ASP A 2  ? N ASP A 2  O ALA A 29 ? O ALA A 29 
S1 2 3 N TYR A 28 ? N TYR A 28 O LEU A 13 ? O LEU A 13 
S1 3 4 N TRP A 16 ? N TRP A 16 O LYS A 43 ? O LYS A 43 
S1 4 5 O ILE A 44 ? O ILE A 44 N ILE A 69 ? N ILE A 69 
S2 1 2 O LEU A 51 ? O LEU A 51 N VAL A 63 ? N VAL A 63 
# 
_pdbx_entry_details.entry_id                   1F53 
_pdbx_entry_details.compound_details           ? 
_pdbx_entry_details.source_details             ? 
_pdbx_entry_details.nonpolymer_details         ? 
_pdbx_entry_details.sequence_details           ? 
_pdbx_entry_details.has_ligand_of_interest     ? 
_pdbx_entry_details.has_protein_modification   Y 
# 
loop_
_pdbx_validate_close_contact.id 
_pdbx_validate_close_contact.PDB_model_num 
_pdbx_validate_close_contact.auth_atom_id_1 
_pdbx_validate_close_contact.auth_asym_id_1 
_pdbx_validate_close_contact.auth_comp_id_1 
_pdbx_validate_close_contact.auth_seq_id_1 
_pdbx_validate_close_contact.PDB_ins_code_1 
_pdbx_validate_close_contact.label_alt_id_1 
_pdbx_validate_close_contact.auth_atom_id_2 
_pdbx_validate_close_contact.auth_asym_id_2 
_pdbx_validate_close_contact.auth_comp_id_2 
_pdbx_validate_close_contact.auth_seq_id_2 
_pdbx_validate_close_contact.PDB_ins_code_2 
_pdbx_validate_close_contact.label_alt_id_2 
_pdbx_validate_close_contact.dist 
1 1 O A LYS 14 ? ? H A SER 45 ? ? 1.43 
2 1 H A TRP 16 ? ? O A LYS 43 ? ? 1.45 
3 1 O A LEU 51 ? ? H A VAL 63 ? ? 1.51 
4 1 O A ASP 55 ? ? H A GLY 58 ? ? 1.55 
# 
loop_
_pdbx_validate_torsion.id 
_pdbx_validate_torsion.PDB_model_num 
_pdbx_validate_torsion.auth_comp_id 
_pdbx_validate_torsion.auth_asym_id 
_pdbx_validate_torsion.auth_seq_id 
_pdbx_validate_torsion.PDB_ins_code 
_pdbx_validate_torsion.label_alt_id 
_pdbx_validate_torsion.phi 
_pdbx_validate_torsion.psi 
1  1 CYS A 6  ? ? 57.51   160.50  
2  1 ARG A 7  ? ? -94.24  57.71   
3  1 GLU A 10 ? ? -161.15 41.50   
4  1 ASN A 11 ? ? 171.14  -153.26 
5  1 PHE A 12 ? ? 44.48   -170.32 
6  1 SER A 19 ? ? 177.26  166.85  
7  1 SER A 24 ? ? -171.65 129.97  
8  1 TYR A 28 ? ? -122.09 -164.08 
9  1 ASN A 30 ? ? 65.04   -162.65 
10 1 TRP A 39 ? ? 173.57  81.85   
11 1 TRP A 40 ? ? -161.43 69.99   
12 1 ASP A 42 ? ? 176.66  -0.92   
13 1 LYS A 43 ? ? 156.32  161.99  
14 1 SER A 45 ? ? -119.10 76.69   
15 1 ASN A 48 ? ? 166.02  4.80    
16 1 TYR A 54 ? ? -62.63  98.56   
17 1 ALA A 56 ? ? -35.84  -30.63  
18 1 SER A 60 ? ? -48.02  83.26   
19 1 ASP A 64 ? ? -101.34 76.01   
20 1 ARG A 65 ? ? 42.05   177.75  
21 1 TRP A 66 ? ? 31.81   58.42   
22 1 TYR A 71 ? ? -146.49 46.72   
23 1 ASN A 73 ? ? -144.39 -50.79  
24 1 ARG A 74 ? ? -53.83  -176.28 
25 1 LYS A 77 ? ? 175.93  60.27   
26 1 SER A 80 ? ? 173.03  170.46  
27 1 GLU A 82 ? ? -175.76 75.87   
# 
loop_
_pdbx_validate_planes.id 
_pdbx_validate_planes.PDB_model_num 
_pdbx_validate_planes.auth_comp_id 
_pdbx_validate_planes.auth_asym_id 
_pdbx_validate_planes.auth_seq_id 
_pdbx_validate_planes.PDB_ins_code 
_pdbx_validate_planes.label_alt_id 
_pdbx_validate_planes.rmsd 
_pdbx_validate_planes.type 
1 1 ARG A 7  ? ? 0.261 'SIDE CHAIN' 
2 1 ARG A 31 ? ? 0.177 'SIDE CHAIN' 
3 1 ARG A 33 ? ? 0.261 'SIDE CHAIN' 
4 1 ARG A 62 ? ? 0.193 'SIDE CHAIN' 
5 1 ARG A 65 ? ? 0.296 'SIDE CHAIN' 
6 1 ARG A 74 ? ? 0.223 'SIDE CHAIN' 
# 
_pdbx_nmr_ensemble.entry_id                             1F53 
_pdbx_nmr_ensemble.conformers_calculated_total_number   ? 
_pdbx_nmr_ensemble.conformers_submitted_total_number    1 
_pdbx_nmr_ensemble.conformer_selection_criteria         ? 
# 
loop_
_pdbx_nmr_sample_details.solution_id 
_pdbx_nmr_sample_details.contents 
_pdbx_nmr_sample_details.solvent_system 
1 '~1mM U-13C,15N SKLP' '90% H2O, 10% D2O, 100mM KCl pH6.0' 
2 '~1mM U-15N SKLP'     '90% H2O, 10% D2O, 100mM KCl pH6.0' 
3 '~1mM unlabeled SKLP' '100% D2O, 100mM KCl pH6.0'         
4 '~1mM U-13C,15N SKLP' '100% D2O, 100mM KCl pH6.0'         
# 
_pdbx_nmr_exptl_sample_conditions.conditions_id       1 
_pdbx_nmr_exptl_sample_conditions.temperature         303 
_pdbx_nmr_exptl_sample_conditions.pressure            ambient 
_pdbx_nmr_exptl_sample_conditions.pH                  6.0 
_pdbx_nmr_exptl_sample_conditions.ionic_strength      ? 
_pdbx_nmr_exptl_sample_conditions.pressure_units      ? 
_pdbx_nmr_exptl_sample_conditions.temperature_units   K 
# 
loop_
_pdbx_nmr_exptl.experiment_id 
_pdbx_nmr_exptl.solution_id 
_pdbx_nmr_exptl.conditions_id 
_pdbx_nmr_exptl.type 
1 2 1 3D_15N-separated_NOESY 
2 4 1 3D_13C-separated_NOESY 
3 3 1 '2D NOESY'             
4 2 1 HMQC-J                 
# 
_pdbx_nmr_refine.entry_id           1F53 
_pdbx_nmr_refine.method             'distance geometry simulated annealing' 
_pdbx_nmr_refine.details            ? 
_pdbx_nmr_refine.software_ordinal   1 
# 
loop_
_pdbx_nmr_software.name 
_pdbx_nmr_software.version 
_pdbx_nmr_software.classification 
_pdbx_nmr_software.authors 
_pdbx_nmr_software.ordinal 
NMRPipe ? processing           ? 1 
X-PLOR  ? 'structure solution' ? 2 
X-PLOR  ? refinement           ? 3 
# 
loop_
_chem_comp_atom.comp_id 
_chem_comp_atom.atom_id 
_chem_comp_atom.type_symbol 
_chem_comp_atom.pdbx_aromatic_flag 
_chem_comp_atom.pdbx_stereo_config 
_chem_comp_atom.pdbx_ordinal 
ALA N    N N N 1   
ALA CA   C N S 2   
ALA C    C N N 3   
ALA O    O N N 4   
ALA CB   C N N 5   
ALA OXT  O N N 6   
ALA H    H N N 7   
ALA H2   H N N 8   
ALA HA   H N N 9   
ALA HB1  H N N 10  
ALA HB2  H N N 11  
ALA HB3  H N N 12  
ALA HXT  H N N 13  
ARG N    N N N 14  
ARG CA   C N S 15  
ARG C    C N N 16  
ARG O    O N N 17  
ARG CB   C N N 18  
ARG CG   C N N 19  
ARG CD   C N N 20  
ARG NE   N N N 21  
ARG CZ   C N N 22  
ARG NH1  N N N 23  
ARG NH2  N N N 24  
ARG OXT  O N N 25  
ARG H    H N N 26  
ARG H2   H N N 27  
ARG HA   H N N 28  
ARG HB2  H N N 29  
ARG HB3  H N N 30  
ARG HG2  H N N 31  
ARG HG3  H N N 32  
ARG HD2  H N N 33  
ARG HD3  H N N 34  
ARG HE   H N N 35  
ARG HH11 H N N 36  
ARG HH12 H N N 37  
ARG HH21 H N N 38  
ARG HH22 H N N 39  
ARG HXT  H N N 40  
ASN N    N N N 41  
ASN CA   C N S 42  
ASN C    C N N 43  
ASN O    O N N 44  
ASN CB   C N N 45  
ASN CG   C N N 46  
ASN OD1  O N N 47  
ASN ND2  N N N 48  
ASN OXT  O N N 49  
ASN H    H N N 50  
ASN H2   H N N 51  
ASN HA   H N N 52  
ASN HB2  H N N 53  
ASN HB3  H N N 54  
ASN HD21 H N N 55  
ASN HD22 H N N 56  
ASN HXT  H N N 57  
ASP N    N N N 58  
ASP CA   C N S 59  
ASP C    C N N 60  
ASP O    O N N 61  
ASP CB   C N N 62  
ASP CG   C N N 63  
ASP OD1  O N N 64  
ASP OD2  O N N 65  
ASP OXT  O N N 66  
ASP H    H N N 67  
ASP H2   H N N 68  
ASP HA   H N N 69  
ASP HB2  H N N 70  
ASP HB3  H N N 71  
ASP HD2  H N N 72  
ASP HXT  H N N 73  
CYS N    N N N 74  
CYS CA   C N R 75  
CYS C    C N N 76  
CYS O    O N N 77  
CYS CB   C N N 78  
CYS SG   S N N 79  
CYS OXT  O N N 80  
CYS H    H N N 81  
CYS H2   H N N 82  
CYS HA   H N N 83  
CYS HB2  H N N 84  
CYS HB3  H N N 85  
CYS HG   H N N 86  
CYS HXT  H N N 87  
GLN N    N N N 88  
GLN CA   C N S 89  
GLN C    C N N 90  
GLN O    O N N 91  
GLN CB   C N N 92  
GLN CG   C N N 93  
GLN CD   C N N 94  
GLN OE1  O N N 95  
GLN NE2  N N N 96  
GLN OXT  O N N 97  
GLN H    H N N 98  
GLN H2   H N N 99  
GLN HA   H N N 100 
GLN HB2  H N N 101 
GLN HB3  H N N 102 
GLN HG2  H N N 103 
GLN HG3  H N N 104 
GLN HE21 H N N 105 
GLN HE22 H N N 106 
GLN HXT  H N N 107 
GLU N    N N N 108 
GLU CA   C N S 109 
GLU C    C N N 110 
GLU O    O N N 111 
GLU CB   C N N 112 
GLU CG   C N N 113 
GLU CD   C N N 114 
GLU OE1  O N N 115 
GLU OE2  O N N 116 
GLU OXT  O N N 117 
GLU H    H N N 118 
GLU H2   H N N 119 
GLU HA   H N N 120 
GLU HB2  H N N 121 
GLU HB3  H N N 122 
GLU HG2  H N N 123 
GLU HG3  H N N 124 
GLU HE2  H N N 125 
GLU HXT  H N N 126 
GLY N    N N N 127 
GLY CA   C N N 128 
GLY C    C N N 129 
GLY O    O N N 130 
GLY OXT  O N N 131 
GLY H    H N N 132 
GLY H2   H N N 133 
GLY HA2  H N N 134 
GLY HA3  H N N 135 
GLY HXT  H N N 136 
HIS N    N N N 137 
HIS CA   C N S 138 
HIS C    C N N 139 
HIS O    O N N 140 
HIS CB   C N N 141 
HIS CG   C Y N 142 
HIS ND1  N Y N 143 
HIS CD2  C Y N 144 
HIS CE1  C Y N 145 
HIS NE2  N Y N 146 
HIS OXT  O N N 147 
HIS H    H N N 148 
HIS H2   H N N 149 
HIS HA   H N N 150 
HIS HB2  H N N 151 
HIS HB3  H N N 152 
HIS HD1  H N N 153 
HIS HD2  H N N 154 
HIS HE1  H N N 155 
HIS HE2  H N N 156 
HIS HXT  H N N 157 
ILE N    N N N 158 
ILE CA   C N S 159 
ILE C    C N N 160 
ILE O    O N N 161 
ILE CB   C N S 162 
ILE CG1  C N N 163 
ILE CG2  C N N 164 
ILE CD1  C N N 165 
ILE OXT  O N N 166 
ILE H    H N N 167 
ILE H2   H N N 168 
ILE HA   H N N 169 
ILE HB   H N N 170 
ILE HG12 H N N 171 
ILE HG13 H N N 172 
ILE HG21 H N N 173 
ILE HG22 H N N 174 
ILE HG23 H N N 175 
ILE HD11 H N N 176 
ILE HD12 H N N 177 
ILE HD13 H N N 178 
ILE HXT  H N N 179 
LEU N    N N N 180 
LEU CA   C N S 181 
LEU C    C N N 182 
LEU O    O N N 183 
LEU CB   C N N 184 
LEU CG   C N N 185 
LEU CD1  C N N 186 
LEU CD2  C N N 187 
LEU OXT  O N N 188 
LEU H    H N N 189 
LEU H2   H N N 190 
LEU HA   H N N 191 
LEU HB2  H N N 192 
LEU HB3  H N N 193 
LEU HG   H N N 194 
LEU HD11 H N N 195 
LEU HD12 H N N 196 
LEU HD13 H N N 197 
LEU HD21 H N N 198 
LEU HD22 H N N 199 
LEU HD23 H N N 200 
LEU HXT  H N N 201 
LYS N    N N N 202 
LYS CA   C N S 203 
LYS C    C N N 204 
LYS O    O N N 205 
LYS CB   C N N 206 
LYS CG   C N N 207 
LYS CD   C N N 208 
LYS CE   C N N 209 
LYS NZ   N N N 210 
LYS OXT  O N N 211 
LYS H    H N N 212 
LYS H2   H N N 213 
LYS HA   H N N 214 
LYS HB2  H N N 215 
LYS HB3  H N N 216 
LYS HG2  H N N 217 
LYS HG3  H N N 218 
LYS HD2  H N N 219 
LYS HD3  H N N 220 
LYS HE2  H N N 221 
LYS HE3  H N N 222 
LYS HZ1  H N N 223 
LYS HZ2  H N N 224 
LYS HZ3  H N N 225 
LYS HXT  H N N 226 
PHE N    N N N 227 
PHE CA   C N S 228 
PHE C    C N N 229 
PHE O    O N N 230 
PHE CB   C N N 231 
PHE CG   C Y N 232 
PHE CD1  C Y N 233 
PHE CD2  C Y N 234 
PHE CE1  C Y N 235 
PHE CE2  C Y N 236 
PHE CZ   C Y N 237 
PHE OXT  O N N 238 
PHE H    H N N 239 
PHE H2   H N N 240 
PHE HA   H N N 241 
PHE HB2  H N N 242 
PHE HB3  H N N 243 
PHE HD1  H N N 244 
PHE HD2  H N N 245 
PHE HE1  H N N 246 
PHE HE2  H N N 247 
PHE HZ   H N N 248 
PHE HXT  H N N 249 
PRO N    N N N 250 
PRO CA   C N S 251 
PRO C    C N N 252 
PRO O    O N N 253 
PRO CB   C N N 254 
PRO CG   C N N 255 
PRO CD   C N N 256 
PRO OXT  O N N 257 
PRO H    H N N 258 
PRO HA   H N N 259 
PRO HB2  H N N 260 
PRO HB3  H N N 261 
PRO HG2  H N N 262 
PRO HG3  H N N 263 
PRO HD2  H N N 264 
PRO HD3  H N N 265 
PRO HXT  H N N 266 
SER N    N N N 267 
SER CA   C N S 268 
SER C    C N N 269 
SER O    O N N 270 
SER CB   C N N 271 
SER OG   O N N 272 
SER OXT  O N N 273 
SER H    H N N 274 
SER H2   H N N 275 
SER HA   H N N 276 
SER HB2  H N N 277 
SER HB3  H N N 278 
SER HG   H N N 279 
SER HXT  H N N 280 
THR N    N N N 281 
THR CA   C N S 282 
THR C    C N N 283 
THR O    O N N 284 
THR CB   C N R 285 
THR OG1  O N N 286 
THR CG2  C N N 287 
THR OXT  O N N 288 
THR H    H N N 289 
THR H2   H N N 290 
THR HA   H N N 291 
THR HB   H N N 292 
THR HG1  H N N 293 
THR HG21 H N N 294 
THR HG22 H N N 295 
THR HG23 H N N 296 
THR HXT  H N N 297 
TRP N    N N N 298 
TRP CA   C N S 299 
TRP C    C N N 300 
TRP O    O N N 301 
TRP CB   C N N 302 
TRP CG   C Y N 303 
TRP CD1  C Y N 304 
TRP CD2  C Y N 305 
TRP NE1  N Y N 306 
TRP CE2  C Y N 307 
TRP CE3  C Y N 308 
TRP CZ2  C Y N 309 
TRP CZ3  C Y N 310 
TRP CH2  C Y N 311 
TRP OXT  O N N 312 
TRP H    H N N 313 
TRP H2   H N N 314 
TRP HA   H N N 315 
TRP HB2  H N N 316 
TRP HB3  H N N 317 
TRP HD1  H N N 318 
TRP HE1  H N N 319 
TRP HE3  H N N 320 
TRP HZ2  H N N 321 
TRP HZ3  H N N 322 
TRP HH2  H N N 323 
TRP HXT  H N N 324 
TYR N    N N N 325 
TYR CA   C N S 326 
TYR C    C N N 327 
TYR O    O N N 328 
TYR CB   C N N 329 
TYR CG   C Y N 330 
TYR CD1  C Y N 331 
TYR CD2  C Y N 332 
TYR CE1  C Y N 333 
TYR CE2  C Y N 334 
TYR CZ   C Y N 335 
TYR OH   O N N 336 
TYR OXT  O N N 337 
TYR H    H N N 338 
TYR H2   H N N 339 
TYR HA   H N N 340 
TYR HB2  H N N 341 
TYR HB3  H N N 342 
TYR HD1  H N N 343 
TYR HD2  H N N 344 
TYR HE1  H N N 345 
TYR HE2  H N N 346 
TYR HH   H N N 347 
TYR HXT  H N N 348 
VAL N    N N N 349 
VAL CA   C N S 350 
VAL C    C N N 351 
VAL O    O N N 352 
VAL CB   C N N 353 
VAL CG1  C N N 354 
VAL CG2  C N N 355 
VAL OXT  O N N 356 
VAL H    H N N 357 
VAL H2   H N N 358 
VAL HA   H N N 359 
VAL HB   H N N 360 
VAL HG11 H N N 361 
VAL HG12 H N N 362 
VAL HG13 H N N 363 
VAL HG21 H N N 364 
VAL HG22 H N N 365 
VAL HG23 H N N 366 
VAL HXT  H N N 367 
# 
loop_
_chem_comp_bond.comp_id 
_chem_comp_bond.atom_id_1 
_chem_comp_bond.atom_id_2 
_chem_comp_bond.value_order 
_chem_comp_bond.pdbx_aromatic_flag 
_chem_comp_bond.pdbx_stereo_config 
_chem_comp_bond.pdbx_ordinal 
ALA N   CA   sing N N 1   
ALA N   H    sing N N 2   
ALA N   H2   sing N N 3   
ALA CA  C    sing N N 4   
ALA CA  CB   sing N N 5   
ALA CA  HA   sing N N 6   
ALA C   O    doub N N 7   
ALA C   OXT  sing N N 8   
ALA CB  HB1  sing N N 9   
ALA CB  HB2  sing N N 10  
ALA CB  HB3  sing N N 11  
ALA OXT HXT  sing N N 12  
ARG N   CA   sing N N 13  
ARG N   H    sing N N 14  
ARG N   H2   sing N N 15  
ARG CA  C    sing N N 16  
ARG CA  CB   sing N N 17  
ARG CA  HA   sing N N 18  
ARG C   O    doub N N 19  
ARG C   OXT  sing N N 20  
ARG CB  CG   sing N N 21  
ARG CB  HB2  sing N N 22  
ARG CB  HB3  sing N N 23  
ARG CG  CD   sing N N 24  
ARG CG  HG2  sing N N 25  
ARG CG  HG3  sing N N 26  
ARG CD  NE   sing N N 27  
ARG CD  HD2  sing N N 28  
ARG CD  HD3  sing N N 29  
ARG NE  CZ   sing N N 30  
ARG NE  HE   sing N N 31  
ARG CZ  NH1  sing N N 32  
ARG CZ  NH2  doub N N 33  
ARG NH1 HH11 sing N N 34  
ARG NH1 HH12 sing N N 35  
ARG NH2 HH21 sing N N 36  
ARG NH2 HH22 sing N N 37  
ARG OXT HXT  sing N N 38  
ASN N   CA   sing N N 39  
ASN N   H    sing N N 40  
ASN N   H2   sing N N 41  
ASN CA  C    sing N N 42  
ASN CA  CB   sing N N 43  
ASN CA  HA   sing N N 44  
ASN C   O    doub N N 45  
ASN C   OXT  sing N N 46  
ASN CB  CG   sing N N 47  
ASN CB  HB2  sing N N 48  
ASN CB  HB3  sing N N 49  
ASN CG  OD1  doub N N 50  
ASN CG  ND2  sing N N 51  
ASN ND2 HD21 sing N N 52  
ASN ND2 HD22 sing N N 53  
ASN OXT HXT  sing N N 54  
ASP N   CA   sing N N 55  
ASP N   H    sing N N 56  
ASP N   H2   sing N N 57  
ASP CA  C    sing N N 58  
ASP CA  CB   sing N N 59  
ASP CA  HA   sing N N 60  
ASP C   O    doub N N 61  
ASP C   OXT  sing N N 62  
ASP CB  CG   sing N N 63  
ASP CB  HB2  sing N N 64  
ASP CB  HB3  sing N N 65  
ASP CG  OD1  doub N N 66  
ASP CG  OD2  sing N N 67  
ASP OD2 HD2  sing N N 68  
ASP OXT HXT  sing N N 69  
CYS N   CA   sing N N 70  
CYS N   H    sing N N 71  
CYS N   H2   sing N N 72  
CYS CA  C    sing N N 73  
CYS CA  CB   sing N N 74  
CYS CA  HA   sing N N 75  
CYS C   O    doub N N 76  
CYS C   OXT  sing N N 77  
CYS CB  SG   sing N N 78  
CYS CB  HB2  sing N N 79  
CYS CB  HB3  sing N N 80  
CYS SG  HG   sing N N 81  
CYS OXT HXT  sing N N 82  
GLN N   CA   sing N N 83  
GLN N   H    sing N N 84  
GLN N   H2   sing N N 85  
GLN CA  C    sing N N 86  
GLN CA  CB   sing N N 87  
GLN CA  HA   sing N N 88  
GLN C   O    doub N N 89  
GLN C   OXT  sing N N 90  
GLN CB  CG   sing N N 91  
GLN CB  HB2  sing N N 92  
GLN CB  HB3  sing N N 93  
GLN CG  CD   sing N N 94  
GLN CG  HG2  sing N N 95  
GLN CG  HG3  sing N N 96  
GLN CD  OE1  doub N N 97  
GLN CD  NE2  sing N N 98  
GLN NE2 HE21 sing N N 99  
GLN NE2 HE22 sing N N 100 
GLN OXT HXT  sing N N 101 
GLU N   CA   sing N N 102 
GLU N   H    sing N N 103 
GLU N   H2   sing N N 104 
GLU CA  C    sing N N 105 
GLU CA  CB   sing N N 106 
GLU CA  HA   sing N N 107 
GLU C   O    doub N N 108 
GLU C   OXT  sing N N 109 
GLU CB  CG   sing N N 110 
GLU CB  HB2  sing N N 111 
GLU CB  HB3  sing N N 112 
GLU CG  CD   sing N N 113 
GLU CG  HG2  sing N N 114 
GLU CG  HG3  sing N N 115 
GLU CD  OE1  doub N N 116 
GLU CD  OE2  sing N N 117 
GLU OE2 HE2  sing N N 118 
GLU OXT HXT  sing N N 119 
GLY N   CA   sing N N 120 
GLY N   H    sing N N 121 
GLY N   H2   sing N N 122 
GLY CA  C    sing N N 123 
GLY CA  HA2  sing N N 124 
GLY CA  HA3  sing N N 125 
GLY C   O    doub N N 126 
GLY C   OXT  sing N N 127 
GLY OXT HXT  sing N N 128 
HIS N   CA   sing N N 129 
HIS N   H    sing N N 130 
HIS N   H2   sing N N 131 
HIS CA  C    sing N N 132 
HIS CA  CB   sing N N 133 
HIS CA  HA   sing N N 134 
HIS C   O    doub N N 135 
HIS C   OXT  sing N N 136 
HIS CB  CG   sing N N 137 
HIS CB  HB2  sing N N 138 
HIS CB  HB3  sing N N 139 
HIS CG  ND1  sing Y N 140 
HIS CG  CD2  doub Y N 141 
HIS ND1 CE1  doub Y N 142 
HIS ND1 HD1  sing N N 143 
HIS CD2 NE2  sing Y N 144 
HIS CD2 HD2  sing N N 145 
HIS CE1 NE2  sing Y N 146 
HIS CE1 HE1  sing N N 147 
HIS NE2 HE2  sing N N 148 
HIS OXT HXT  sing N N 149 
ILE N   CA   sing N N 150 
ILE N   H    sing N N 151 
ILE N   H2   sing N N 152 
ILE CA  C    sing N N 153 
ILE CA  CB   sing N N 154 
ILE CA  HA   sing N N 155 
ILE C   O    doub N N 156 
ILE C   OXT  sing N N 157 
ILE CB  CG1  sing N N 158 
ILE CB  CG2  sing N N 159 
ILE CB  HB   sing N N 160 
ILE CG1 CD1  sing N N 161 
ILE CG1 HG12 sing N N 162 
ILE CG1 HG13 sing N N 163 
ILE CG2 HG21 sing N N 164 
ILE CG2 HG22 sing N N 165 
ILE CG2 HG23 sing N N 166 
ILE CD1 HD11 sing N N 167 
ILE CD1 HD12 sing N N 168 
ILE CD1 HD13 sing N N 169 
ILE OXT HXT  sing N N 170 
LEU N   CA   sing N N 171 
LEU N   H    sing N N 172 
LEU N   H2   sing N N 173 
LEU CA  C    sing N N 174 
LEU CA  CB   sing N N 175 
LEU CA  HA   sing N N 176 
LEU C   O    doub N N 177 
LEU C   OXT  sing N N 178 
LEU CB  CG   sing N N 179 
LEU CB  HB2  sing N N 180 
LEU CB  HB3  sing N N 181 
LEU CG  CD1  sing N N 182 
LEU CG  CD2  sing N N 183 
LEU CG  HG   sing N N 184 
LEU CD1 HD11 sing N N 185 
LEU CD1 HD12 sing N N 186 
LEU CD1 HD13 sing N N 187 
LEU CD2 HD21 sing N N 188 
LEU CD2 HD22 sing N N 189 
LEU CD2 HD23 sing N N 190 
LEU OXT HXT  sing N N 191 
LYS N   CA   sing N N 192 
LYS N   H    sing N N 193 
LYS N   H2   sing N N 194 
LYS CA  C    sing N N 195 
LYS CA  CB   sing N N 196 
LYS CA  HA   sing N N 197 
LYS C   O    doub N N 198 
LYS C   OXT  sing N N 199 
LYS CB  CG   sing N N 200 
LYS CB  HB2  sing N N 201 
LYS CB  HB3  sing N N 202 
LYS CG  CD   sing N N 203 
LYS CG  HG2  sing N N 204 
LYS CG  HG3  sing N N 205 
LYS CD  CE   sing N N 206 
LYS CD  HD2  sing N N 207 
LYS CD  HD3  sing N N 208 
LYS CE  NZ   sing N N 209 
LYS CE  HE2  sing N N 210 
LYS CE  HE3  sing N N 211 
LYS NZ  HZ1  sing N N 212 
LYS NZ  HZ2  sing N N 213 
LYS NZ  HZ3  sing N N 214 
LYS OXT HXT  sing N N 215 
PHE N   CA   sing N N 216 
PHE N   H    sing N N 217 
PHE N   H2   sing N N 218 
PHE CA  C    sing N N 219 
PHE CA  CB   sing N N 220 
PHE CA  HA   sing N N 221 
PHE C   O    doub N N 222 
PHE C   OXT  sing N N 223 
PHE CB  CG   sing N N 224 
PHE CB  HB2  sing N N 225 
PHE CB  HB3  sing N N 226 
PHE CG  CD1  doub Y N 227 
PHE CG  CD2  sing Y N 228 
PHE CD1 CE1  sing Y N 229 
PHE CD1 HD1  sing N N 230 
PHE CD2 CE2  doub Y N 231 
PHE CD2 HD2  sing N N 232 
PHE CE1 CZ   doub Y N 233 
PHE CE1 HE1  sing N N 234 
PHE CE2 CZ   sing Y N 235 
PHE CE2 HE2  sing N N 236 
PHE CZ  HZ   sing N N 237 
PHE OXT HXT  sing N N 238 
PRO N   CA   sing N N 239 
PRO N   CD   sing N N 240 
PRO N   H    sing N N 241 
PRO CA  C    sing N N 242 
PRO CA  CB   sing N N 243 
PRO CA  HA   sing N N 244 
PRO C   O    doub N N 245 
PRO C   OXT  sing N N 246 
PRO CB  CG   sing N N 247 
PRO CB  HB2  sing N N 248 
PRO CB  HB3  sing N N 249 
PRO CG  CD   sing N N 250 
PRO CG  HG2  sing N N 251 
PRO CG  HG3  sing N N 252 
PRO CD  HD2  sing N N 253 
PRO CD  HD3  sing N N 254 
PRO OXT HXT  sing N N 255 
SER N   CA   sing N N 256 
SER N   H    sing N N 257 
SER N   H2   sing N N 258 
SER CA  C    sing N N 259 
SER CA  CB   sing N N 260 
SER CA  HA   sing N N 261 
SER C   O    doub N N 262 
SER C   OXT  sing N N 263 
SER CB  OG   sing N N 264 
SER CB  HB2  sing N N 265 
SER CB  HB3  sing N N 266 
SER OG  HG   sing N N 267 
SER OXT HXT  sing N N 268 
THR N   CA   sing N N 269 
THR N   H    sing N N 270 
THR N   H2   sing N N 271 
THR CA  C    sing N N 272 
THR CA  CB   sing N N 273 
THR CA  HA   sing N N 274 
THR C   O    doub N N 275 
THR C   OXT  sing N N 276 
THR CB  OG1  sing N N 277 
THR CB  CG2  sing N N 278 
THR CB  HB   sing N N 279 
THR OG1 HG1  sing N N 280 
THR CG2 HG21 sing N N 281 
THR CG2 HG22 sing N N 282 
THR CG2 HG23 sing N N 283 
THR OXT HXT  sing N N 284 
TRP N   CA   sing N N 285 
TRP N   H    sing N N 286 
TRP N   H2   sing N N 287 
TRP CA  C    sing N N 288 
TRP CA  CB   sing N N 289 
TRP CA  HA   sing N N 290 
TRP C   O    doub N N 291 
TRP C   OXT  sing N N 292 
TRP CB  CG   sing N N 293 
TRP CB  HB2  sing N N 294 
TRP CB  HB3  sing N N 295 
TRP CG  CD1  doub Y N 296 
TRP CG  CD2  sing Y N 297 
TRP CD1 NE1  sing Y N 298 
TRP CD1 HD1  sing N N 299 
TRP CD2 CE2  doub Y N 300 
TRP CD2 CE3  sing Y N 301 
TRP NE1 CE2  sing Y N 302 
TRP NE1 HE1  sing N N 303 
TRP CE2 CZ2  sing Y N 304 
TRP CE3 CZ3  doub Y N 305 
TRP CE3 HE3  sing N N 306 
TRP CZ2 CH2  doub Y N 307 
TRP CZ2 HZ2  sing N N 308 
TRP CZ3 CH2  sing Y N 309 
TRP CZ3 HZ3  sing N N 310 
TRP CH2 HH2  sing N N 311 
TRP OXT HXT  sing N N 312 
TYR N   CA   sing N N 313 
TYR N   H    sing N N 314 
TYR N   H2   sing N N 315 
TYR CA  C    sing N N 316 
TYR CA  CB   sing N N 317 
TYR CA  HA   sing N N 318 
TYR C   O    doub N N 319 
TYR C   OXT  sing N N 320 
TYR CB  CG   sing N N 321 
TYR CB  HB2  sing N N 322 
TYR CB  HB3  sing N N 323 
TYR CG  CD1  doub Y N 324 
TYR CG  CD2  sing Y N 325 
TYR CD1 CE1  sing Y N 326 
TYR CD1 HD1  sing N N 327 
TYR CD2 CE2  doub Y N 328 
TYR CD2 HD2  sing N N 329 
TYR CE1 CZ   doub Y N 330 
TYR CE1 HE1  sing N N 331 
TYR CE2 CZ   sing Y N 332 
TYR CE2 HE2  sing N N 333 
TYR CZ  OH   sing N N 334 
TYR OH  HH   sing N N 335 
TYR OXT HXT  sing N N 336 
VAL N   CA   sing N N 337 
VAL N   H    sing N N 338 
VAL N   H2   sing N N 339 
VAL CA  C    sing N N 340 
VAL CA  CB   sing N N 341 
VAL CA  HA   sing N N 342 
VAL C   O    doub N N 343 
VAL C   OXT  sing N N 344 
VAL CB  CG1  sing N N 345 
VAL CB  CG2  sing N N 346 
VAL CB  HB   sing N N 347 
VAL CG1 HG11 sing N N 348 
VAL CG1 HG12 sing N N 349 
VAL CG1 HG13 sing N N 350 
VAL CG2 HG21 sing N N 351 
VAL CG2 HG22 sing N N 352 
VAL CG2 HG23 sing N N 353 
VAL OXT HXT  sing N N 354 
# 
loop_
_pdbx_nmr_spectrometer.spectrometer_id 
_pdbx_nmr_spectrometer.type 
_pdbx_nmr_spectrometer.manufacturer 
_pdbx_nmr_spectrometer.model 
_pdbx_nmr_spectrometer.field_strength 
1 ? Bruker DMX    500 
2 ? Bruker DRX    600 
3 ? Bruker AVANCE 800 
# 
_atom_sites.entry_id                    1F53 
_atom_sites.fract_transf_matrix[1][1]   1.000000 
_atom_sites.fract_transf_matrix[1][2]   0.000000 
_atom_sites.fract_transf_matrix[1][3]   0.000000 
_atom_sites.fract_transf_matrix[2][1]   0.000000 
_atom_sites.fract_transf_matrix[2][2]   1.000000 
_atom_sites.fract_transf_matrix[2][3]   0.000000 
_atom_sites.fract_transf_matrix[3][1]   0.000000 
_atom_sites.fract_transf_matrix[3][2]   0.000000 
_atom_sites.fract_transf_matrix[3][3]   1.000000 
_atom_sites.fract_transf_vector[1]      0.00000 
_atom_sites.fract_transf_vector[2]      0.00000 
_atom_sites.fract_transf_vector[3]      0.00000 
# 
loop_
_atom_type.symbol 
C 
H 
N 
O 
S 
# 
loop_
_atom_site.group_PDB 
_atom_site.id 
_atom_site.type_symbol 
_atom_site.label_atom_id 
_atom_site.label_alt_id 
_atom_site.label_comp_id 
_atom_site.label_asym_id 
_atom_site.label_entity_id 
_atom_site.label_seq_id 
_atom_site.pdbx_PDB_ins_code 
_atom_site.Cartn_x 
_atom_site.Cartn_y 
_atom_site.Cartn_z 
_atom_site.occupancy 
_atom_site.B_iso_or_equiv 
_atom_site.pdbx_formal_charge 
_atom_site.auth_seq_id 
_atom_site.auth_comp_id 
_atom_site.auth_asym_id 
_atom_site.auth_atom_id 
_atom_site.pdbx_PDB_model_num 
ATOM 1    N N    . ILE A 1 1  ? 4.777   3.699   10.120  1.00 0.85 ? 1  ILE A N    1 
ATOM 2    C CA   . ILE A 1 1  ? 5.004   4.123   8.707   1.00 0.60 ? 1  ILE A CA   1 
ATOM 3    C C    . ILE A 1 1  ? 5.933   5.334   8.660   1.00 0.62 ? 1  ILE A C    1 
ATOM 4    O O    . ILE A 1 1  ? 6.287   5.905   9.672   1.00 0.95 ? 1  ILE A O    1 
ATOM 5    C CB   . ILE A 1 1  ? 3.620   4.502   8.175   1.00 0.98 ? 1  ILE A CB   1 
ATOM 6    C CG1  . ILE A 1 1  ? 2.771   3.244   8.002   1.00 0.74 ? 1  ILE A CG1  1 
ATOM 7    C CG2  . ILE A 1 1  ? 3.759   5.205   6.825   1.00 1.69 ? 1  ILE A CG2  1 
ATOM 8    C CD1  . ILE A 1 1  ? 3.350   2.373   6.887   1.00 0.81 ? 1  ILE A CD1  1 
ATOM 9    H H1   . ILE A 1 1  ? 4.301   4.464   10.639  1.00 1.46 ? 1  ILE A H1   1 
ATOM 10   H H2   . ILE A 1 1  ? 5.692   3.490   10.569  1.00 1.48 ? 1  ILE A H2   1 
ATOM 11   H H3   . ILE A 1 1  ? 4.180   2.849   10.135  1.00 1.07 ? 1  ILE A H3   1 
ATOM 12   H HA   . ILE A 1 1  ? 5.414   3.310   8.127   1.00 0.64 ? 1  ILE A HA   1 
ATOM 13   H HB   . ILE A 1 1  ? 3.138   5.168   8.877   1.00 1.38 ? 1  ILE A HB   1 
ATOM 14   H HG12 . ILE A 1 1  ? 2.764   2.688   8.924   1.00 1.18 ? 1  ILE A HG12 1 
ATOM 15   H HG13 . ILE A 1 1  ? 1.763   3.529   7.742   1.00 0.95 ? 1  ILE A HG13 1 
ATOM 16   H HG21 . ILE A 1 1  ? 2.778   5.363   6.400   1.00 2.12 ? 1  ILE A HG21 1 
ATOM 17   H HG22 . ILE A 1 1  ? 4.344   4.590   6.159   1.00 2.12 ? 1  ILE A HG22 1 
ATOM 18   H HG23 . ILE A 1 1  ? 4.250   6.157   6.963   1.00 2.17 ? 1  ILE A HG23 1 
ATOM 19   H HD11 . ILE A 1 1  ? 2.879   2.628   5.949   1.00 1.44 ? 1  ILE A HD11 1 
ATOM 20   H HD12 . ILE A 1 1  ? 3.164   1.333   7.110   1.00 1.48 ? 1  ILE A HD12 1 
ATOM 21   H HD13 . ILE A 1 1  ? 4.413   2.541   6.814   1.00 1.25 ? 1  ILE A HD13 1 
ATOM 22   N N    . ASP A 1 2  ? 6.322   5.729   7.484   1.00 0.50 ? 2  ASP A N    1 
ATOM 23   C CA   . ASP A 1 2  ? 7.224   6.909   7.346   1.00 0.76 ? 2  ASP A CA   1 
ATOM 24   C C    . ASP A 1 2  ? 7.112   7.494   5.935   1.00 0.74 ? 2  ASP A C    1 
ATOM 25   O O    . ASP A 1 2  ? 6.564   6.881   5.041   1.00 0.99 ? 2  ASP A O    1 
ATOM 26   C CB   . ASP A 1 2  ? 8.633   6.370   7.594   1.00 0.96 ? 2  ASP A CB   1 
ATOM 27   C CG   . ASP A 1 2  ? 9.193   6.976   8.881   1.00 1.47 ? 2  ASP A CG   1 
ATOM 28   O OD1  . ASP A 1 2  ? 8.402   7.385   9.714   1.00 2.14 ? 2  ASP A OD1  1 
ATOM 29   O OD2  . ASP A 1 2  ? 10.406  7.022   9.013   1.00 1.89 ? 2  ASP A OD2  1 
ATOM 30   H H    . ASP A 1 2  ? 6.013   5.250   6.688   1.00 0.44 ? 2  ASP A H    1 
ATOM 31   H HA   . ASP A 1 2  ? 6.981   7.657   8.084   1.00 0.93 ? 2  ASP A HA   1 
ATOM 32   H HB2  . ASP A 1 2  ? 8.596   5.295   7.688   1.00 0.91 ? 2  ASP A HB2  1 
ATOM 33   H HB3  . ASP A 1 2  ? 9.272   6.637   6.765   1.00 1.37 ? 2  ASP A HB3  1 
ATOM 34   N N    . HIS A 1 3  ? 7.624   8.676   5.728   1.00 0.67 ? 3  HIS A N    1 
ATOM 35   C CA   . HIS A 1 3  ? 7.541   9.296   4.373   1.00 0.67 ? 3  HIS A CA   1 
ATOM 36   C C    . HIS A 1 3  ? 8.867   9.121   3.628   1.00 0.64 ? 3  HIS A C    1 
ATOM 37   O O    . HIS A 1 3  ? 9.904   9.571   4.072   1.00 0.69 ? 3  HIS A O    1 
ATOM 38   C CB   . HIS A 1 3  ? 7.264   10.777  4.632   1.00 0.79 ? 3  HIS A CB   1 
ATOM 39   C CG   . HIS A 1 3  ? 5.942   11.154  4.021   1.00 1.58 ? 3  HIS A CG   1 
ATOM 40   N ND1  . HIS A 1 3  ? 5.814   12.201  3.122   1.00 2.50 ? 3  HIS A ND1  1 
ATOM 41   C CD2  . HIS A 1 3  ? 4.681   10.632  4.170   1.00 2.46 ? 3  HIS A CD2  1 
ATOM 42   C CE1  . HIS A 1 3  ? 4.519   12.276  2.768   1.00 3.36 ? 3  HIS A CE1  1 
ATOM 43   N NE2  . HIS A 1 3  ? 3.783   11.343  3.378   1.00 3.37 ? 3  HIS A NE2  1 
ATOM 44   H H    . HIS A 1 3  ? 8.060   9.158   6.462   1.00 0.78 ? 3  HIS A H    1 
ATOM 45   H HA   . HIS A 1 3  ? 6.731   8.863   3.809   1.00 0.65 ? 3  HIS A HA   1 
ATOM 46   H HB2  . HIS A 1 3  ? 7.233   10.957  5.696   1.00 1.18 ? 3  HIS A HB2  1 
ATOM 47   H HB3  . HIS A 1 3  ? 8.047   11.373  4.188   1.00 1.24 ? 3  HIS A HB3  1 
ATOM 48   H HD1  . HIS A 1 3  ? 6.536   12.781  2.802   1.00 2.86 ? 3  HIS A HD1  1 
ATOM 49   H HD2  . HIS A 1 3  ? 4.423   9.798   4.806   1.00 2.85 ? 3  HIS A HD2  1 
ATOM 50   H HE1  . HIS A 1 3  ? 4.121   13.003  2.075   1.00 4.25 ? 3  HIS A HE1  1 
ATOM 51   N N    . VAL A 1 4  ? 8.841   8.471   2.496   1.00 0.61 ? 4  VAL A N    1 
ATOM 52   C CA   . VAL A 1 4  ? 10.102  8.269   1.723   1.00 0.64 ? 4  VAL A CA   1 
ATOM 53   C C    . VAL A 1 4  ? 9.779   7.950   0.262   1.00 0.64 ? 4  VAL A C    1 
ATOM 54   O O    . VAL A 1 4  ? 8.968   7.090   -0.021  1.00 0.70 ? 4  VAL A O    1 
ATOM 55   C CB   . VAL A 1 4  ? 10.789  7.079   2.391   1.00 0.65 ? 4  VAL A CB   1 
ATOM 56   C CG1  . VAL A 1 4  ? 11.416  7.525   3.713   1.00 0.80 ? 4  VAL A CG1  1 
ATOM 57   C CG2  . VAL A 1 4  ? 9.757   5.983   2.660   1.00 0.56 ? 4  VAL A CG2  1 
ATOM 58   H H    . VAL A 1 4  ? 7.994   8.116   2.152   1.00 0.62 ? 4  VAL A H    1 
ATOM 59   H HA   . VAL A 1 4  ? 10.730  9.143   1.790   1.00 0.74 ? 4  VAL A HA   1 
ATOM 60   H HB   . VAL A 1 4  ? 11.560  6.697   1.738   1.00 0.76 ? 4  VAL A HB   1 
ATOM 61   H HG11 . VAL A 1 4  ? 12.133  6.786   4.038   1.00 1.33 ? 4  VAL A HG11 1 
ATOM 62   H HG12 . VAL A 1 4  ? 10.642  7.631   4.460   1.00 1.35 ? 4  VAL A HG12 1 
ATOM 63   H HG13 . VAL A 1 4  ? 11.914  8.473   3.574   1.00 1.26 ? 4  VAL A HG13 1 
ATOM 64   H HG21 . VAL A 1 4  ? 9.116   6.285   3.475   1.00 1.07 ? 4  VAL A HG21 1 
ATOM 65   H HG22 . VAL A 1 4  ? 10.266  5.067   2.923   1.00 1.16 ? 4  VAL A HG22 1 
ATOM 66   H HG23 . VAL A 1 4  ? 9.162   5.823   1.773   1.00 1.06 ? 4  VAL A HG23 1 
ATOM 67   N N    . PRO A 1 5  ? 10.428  8.658   -0.621  1.00 0.78 ? 5  PRO A N    1 
ATOM 68   C CA   . PRO A 1 5  ? 10.209  8.452   -2.073  1.00 0.86 ? 5  PRO A CA   1 
ATOM 69   C C    . PRO A 1 5  ? 10.862  7.147   -2.539  1.00 0.76 ? 5  PRO A C    1 
ATOM 70   O O    . PRO A 1 5  ? 11.684  7.140   -3.434  1.00 0.84 ? 5  PRO A O    1 
ATOM 71   C CB   . PRO A 1 5  ? 10.891  9.658   -2.712  1.00 1.12 ? 5  PRO A CB   1 
ATOM 72   C CG   . PRO A 1 5  ? 11.924  10.092  -1.720  1.00 1.18 ? 5  PRO A CG   1 
ATOM 73   C CD   . PRO A 1 5  ? 11.416  9.708   -0.353  1.00 1.03 ? 5  PRO A CD   1 
ATOM 74   H HA   . PRO A 1 5  ? 9.156   8.457   -2.306  1.00 0.93 ? 5  PRO A HA   1 
ATOM 75   H HB2  . PRO A 1 5  ? 11.358  9.373   -3.645  1.00 1.17 ? 5  PRO A HB2  1 
ATOM 76   H HB3  . PRO A 1 5  ? 10.179  10.452  -2.875  1.00 1.28 ? 5  PRO A HB3  1 
ATOM 77   H HG2  . PRO A 1 5  ? 12.860  9.592   -1.923  1.00 1.20 ? 5  PRO A HG2  1 
ATOM 78   H HG3  . PRO A 1 5  ? 12.056  11.161  -1.770  1.00 1.36 ? 5  PRO A HG3  1 
ATOM 79   H HD2  . PRO A 1 5  ? 12.224  9.326   0.255   1.00 1.08 ? 5  PRO A HD2  1 
ATOM 80   H HD3  . PRO A 1 5  ? 10.943  10.550  0.126   1.00 1.18 ? 5  PRO A HD3  1 
ATOM 81   N N    . CYS A 1 6  ? 10.500  6.043   -1.945  1.00 0.66 ? 6  CYS A N    1 
ATOM 82   C CA   . CYS A 1 6  ? 11.100  4.742   -2.362  1.00 0.72 ? 6  CYS A CA   1 
ATOM 83   C C    . CYS A 1 6  ? 12.624  4.793   -2.225  1.00 0.86 ? 6  CYS A C    1 
ATOM 84   O O    . CYS A 1 6  ? 13.217  5.852   -2.171  1.00 1.31 ? 6  CYS A O    1 
ATOM 85   C CB   . CYS A 1 6  ? 10.702  4.573   -3.830  1.00 0.81 ? 6  CYS A CB   1 
ATOM 86   S SG   . CYS A 1 6  ? 8.961   5.022   -4.044  1.00 1.24 ? 6  CYS A SG   1 
ATOM 87   H H    . CYS A 1 6  ? 9.831   6.067   -1.227  1.00 0.64 ? 6  CYS A H    1 
ATOM 88   H HA   . CYS A 1 6  ? 10.695  3.934   -1.775  1.00 0.76 ? 6  CYS A HA   1 
ATOM 89   H HB2  . CYS A 1 6  ? 11.317  5.212   -4.445  1.00 1.01 ? 6  CYS A HB2  1 
ATOM 90   H HB3  . CYS A 1 6  ? 10.846  3.544   -4.125  1.00 0.97 ? 6  CYS A HB3  1 
ATOM 91   N N    . ARG A 1 7  ? 13.261  3.655   -2.169  1.00 0.77 ? 7  ARG A N    1 
ATOM 92   C CA   . ARG A 1 7  ? 14.747  3.639   -2.037  1.00 1.00 ? 7  ARG A CA   1 
ATOM 93   C C    . ARG A 1 7  ? 15.396  3.528   -3.417  1.00 1.36 ? 7  ARG A C    1 
ATOM 94   O O    . ARG A 1 7  ? 16.150  2.614   -3.689  1.00 1.96 ? 7  ARG A O    1 
ATOM 95   C CB   . ARG A 1 7  ? 15.054  2.399   -1.197  1.00 1.96 ? 7  ARG A CB   1 
ATOM 96   C CG   . ARG A 1 7  ? 16.257  2.679   -0.294  1.00 2.58 ? 7  ARG A CG   1 
ATOM 97   C CD   . ARG A 1 7  ? 17.401  1.729   -0.655  1.00 3.61 ? 7  ARG A CD   1 
ATOM 98   N NE   . ARG A 1 7  ? 18.270  2.508   -1.580  1.00 4.14 ? 7  ARG A NE   1 
ATOM 99   C CZ   . ARG A 1 7  ? 19.328  3.119   -1.121  1.00 4.92 ? 7  ARG A CZ   1 
ATOM 100  N NH1  . ARG A 1 7  ? 20.244  2.445   -0.481  1.00 5.48 ? 7  ARG A NH1  1 
ATOM 101  N NH2  . ARG A 1 7  ? 19.470  4.403   -1.304  1.00 5.47 ? 7  ARG A NH2  1 
ATOM 102  H H    . ARG A 1 7  ? 12.763  2.812   -2.214  1.00 0.85 ? 7  ARG A H    1 
ATOM 103  H HA   . ARG A 1 7  ? 15.090  4.525   -1.526  1.00 1.26 ? 7  ARG A HA   1 
ATOM 104  H HB2  . ARG A 1 7  ? 14.196  2.154   -0.588  1.00 2.33 ? 7  ARG A HB2  1 
ATOM 105  H HB3  . ARG A 1 7  ? 15.283  1.569   -1.848  1.00 2.41 ? 7  ARG A HB3  1 
ATOM 106  H HG2  . ARG A 1 7  ? 16.580  3.701   -0.431  1.00 2.68 ? 7  ARG A HG2  1 
ATOM 107  H HG3  . ARG A 1 7  ? 15.977  2.525   0.738   1.00 2.85 ? 7  ARG A HG3  1 
ATOM 108  H HD2  . ARG A 1 7  ? 17.949  1.447   0.234   1.00 4.04 ? 7  ARG A HD2  1 
ATOM 109  H HD3  . ARG A 1 7  ? 17.019  0.853   -1.157  1.00 3.93 ? 7  ARG A HD3  1 
ATOM 110  H HE   . ARG A 1 7  ? 18.047  2.562   -2.533  1.00 4.16 ? 7  ARG A HE   1 
ATOM 111  H HH11 . ARG A 1 7  ? 20.134  1.461   -0.341  1.00 5.40 ? 7  ARG A HH11 1 
ATOM 112  H HH12 . ARG A 1 7  ? 21.055  2.913   -0.129  1.00 6.18 ? 7  ARG A HH12 1 
ATOM 113  H HH21 . ARG A 1 7  ? 18.768  4.919   -1.795  1.00 5.35 ? 7  ARG A HH21 1 
ATOM 114  H HH22 . ARG A 1 7  ? 20.281  4.871   -0.953  1.00 6.19 ? 7  ARG A HH22 1 
ATOM 115  N N    . GLY A 1 8  ? 15.109  4.451   -4.295  1.00 2.03 ? 8  GLY A N    1 
ATOM 116  C CA   . GLY A 1 8  ? 15.709  4.397   -5.657  1.00 2.97 ? 8  GLY A CA   1 
ATOM 117  C C    . GLY A 1 8  ? 14.927  3.406   -6.520  1.00 3.33 ? 8  GLY A C    1 
ATOM 118  O O    . GLY A 1 8  ? 15.185  3.255   -7.698  1.00 4.05 ? 8  GLY A O    1 
ATOM 119  H H    . GLY A 1 8  ? 14.498  5.179   -4.056  1.00 2.31 ? 8  GLY A H    1 
ATOM 120  H HA2  . GLY A 1 8  ? 15.668  5.379   -6.107  1.00 3.36 ? 8  GLY A HA2  1 
ATOM 121  H HA3  . GLY A 1 8  ? 16.737  4.075   -5.587  1.00 3.29 ? 8  GLY A HA3  1 
ATOM 122  N N    . GLY A 1 9  ? 13.973  2.727   -5.943  1.00 3.07 ? 9  GLY A N    1 
ATOM 123  C CA   . GLY A 1 9  ? 13.176  1.744   -6.731  1.00 3.70 ? 9  GLY A CA   1 
ATOM 124  C C    . GLY A 1 9  ? 13.639  0.325   -6.398  1.00 3.24 ? 9  GLY A C    1 
ATOM 125  O O    . GLY A 1 9  ? 13.617  -0.558  -7.233  1.00 3.61 ? 9  GLY A O    1 
ATOM 126  H H    . GLY A 1 9  ? 13.781  2.862   -4.992  1.00 2.64 ? 9  GLY A H    1 
ATOM 127  H HA2  . GLY A 1 9  ? 12.130  1.850   -6.484  1.00 4.15 ? 9  GLY A HA2  1 
ATOM 128  H HA3  . GLY A 1 9  ? 13.319  1.927   -7.785  1.00 4.27 ? 9  GLY A HA3  1 
ATOM 129  N N    . GLU A 1 10 ? 14.060  0.097   -5.183  1.00 2.72 ? 10 GLU A N    1 
ATOM 130  C CA   . GLU A 1 10 ? 14.524  -1.267  -4.799  1.00 2.49 ? 10 GLU A CA   1 
ATOM 131  C C    . GLU A 1 10 ? 14.519  -1.422  -3.276  1.00 1.76 ? 10 GLU A C    1 
ATOM 132  O O    . GLU A 1 10 ? 15.423  -1.993  -2.698  1.00 2.39 ? 10 GLU A O    1 
ATOM 133  C CB   . GLU A 1 10 ? 15.950  -1.368  -5.343  1.00 3.10 ? 10 GLU A CB   1 
ATOM 134  C CG   . GLU A 1 10 ? 16.480  -2.786  -5.126  1.00 3.52 ? 10 GLU A CG   1 
ATOM 135  C CD   . GLU A 1 10 ? 17.750  -2.990  -5.956  1.00 4.16 ? 10 GLU A CD   1 
ATOM 136  O OE1  . GLU A 1 10 ? 18.817  -2.671  -5.458  1.00 4.62 ? 10 GLU A OE1  1 
ATOM 137  O OE2  . GLU A 1 10 ? 17.632  -3.461  -7.075  1.00 4.54 ? 10 GLU A OE2  1 
ATOM 138  H H    . GLU A 1 10 ? 14.071  0.822   -4.524  1.00 2.76 ? 10 GLU A H    1 
ATOM 139  H HA   . GLU A 1 10 ? 13.902  -2.019  -5.257  1.00 2.88 ? 10 GLU A HA   1 
ATOM 140  H HB2  . GLU A 1 10 ? 15.948  -1.141  -6.400  1.00 3.65 ? 10 GLU A HB2  1 
ATOM 141  H HB3  . GLU A 1 10 ? 16.583  -0.664  -4.825  1.00 3.17 ? 10 GLU A HB3  1 
ATOM 142  H HG2  . GLU A 1 10 ? 16.707  -2.928  -4.079  1.00 3.62 ? 10 GLU A HG2  1 
ATOM 143  H HG3  . GLU A 1 10 ? 15.733  -3.501  -5.433  1.00 3.76 ? 10 GLU A HG3  1 
ATOM 144  N N    . ASN A 1 11 ? 13.504  -0.923  -2.621  1.00 1.23 ? 11 ASN A N    1 
ATOM 145  C CA   . ASN A 1 11 ? 13.438  -1.048  -1.140  1.00 1.36 ? 11 ASN A CA   1 
ATOM 146  C C    . ASN A 1 11 ? 12.286  -0.205  -0.585  1.00 1.05 ? 11 ASN A C    1 
ATOM 147  O O    . ASN A 1 11 ? 11.306  0.043   -1.258  1.00 1.65 ? 11 ASN A O    1 
ATOM 148  C CB   . ASN A 1 11 ? 14.781  -0.523  -0.628  1.00 1.94 ? 11 ASN A CB   1 
ATOM 149  C CG   . ASN A 1 11 ? 15.427  -1.577  0.273   1.00 2.65 ? 11 ASN A CG   1 
ATOM 150  O OD1  . ASN A 1 11 ? 16.636  -1.696  0.319   1.00 3.24 ? 11 ASN A OD1  1 
ATOM 151  N ND2  . ASN A 1 11 ? 14.668  -2.353  0.998   1.00 2.90 ? 11 ASN A ND2  1 
ATOM 152  H H    . ASN A 1 11 ? 12.785  -0.474  -3.103  1.00 1.67 ? 11 ASN A H    1 
ATOM 153  H HA   . ASN A 1 11 ? 13.316  -2.078  -0.862  1.00 2.05 ? 11 ASN A HA   1 
ATOM 154  H HB2  . ASN A 1 11 ? 15.431  -0.314  -1.465  1.00 2.18 ? 11 ASN A HB2  1 
ATOM 155  H HB3  . ASN A 1 11 ? 14.622  0.381   -0.061  1.00 2.20 ? 11 ASN A HB3  1 
ATOM 156  H HD21 . ASN A 1 11 ? 13.693  -2.257  0.962   1.00 2.73 ? 11 ASN A HD21 1 
ATOM 157  H HD22 . ASN A 1 11 ? 15.072  -3.032  1.579   1.00 3.43 ? 11 ASN A HD22 1 
ATOM 158  N N    . PHE A 1 12 ? 12.396  0.229   0.641   1.00 0.84 ? 12 PHE A N    1 
ATOM 159  C CA   . PHE A 1 12 ? 11.305  1.049   1.243   1.00 0.52 ? 12 PHE A CA   1 
ATOM 160  C C    . PHE A 1 12 ? 9.943   0.430   0.918   1.00 0.52 ? 12 PHE A C    1 
ATOM 161  O O    . PHE A 1 12 ? 9.858   -0.672  0.413   1.00 0.67 ? 12 PHE A O    1 
ATOM 162  C CB   . PHE A 1 12 ? 11.442  2.431   0.604   1.00 0.48 ? 12 PHE A CB   1 
ATOM 163  C CG   . PHE A 1 12 ? 12.253  3.327   1.512   1.00 0.51 ? 12 PHE A CG   1 
ATOM 164  C CD1  . PHE A 1 12 ? 12.036  3.302   2.896   1.00 1.52 ? 12 PHE A CD1  1 
ATOM 165  C CD2  . PHE A 1 12 ? 13.222  4.180   0.971   1.00 1.00 ? 12 PHE A CD2  1 
ATOM 166  C CE1  . PHE A 1 12 ? 12.789  4.131   3.736   1.00 1.68 ? 12 PHE A CE1  1 
ATOM 167  C CE2  . PHE A 1 12 ? 13.974  5.009   1.813   1.00 1.04 ? 12 PHE A CE2  1 
ATOM 168  C CZ   . PHE A 1 12 ? 13.758  4.984   3.196   1.00 0.92 ? 12 PHE A CZ   1 
ATOM 169  H H    . PHE A 1 12 ? 13.193  0.013   1.167   1.00 1.41 ? 12 PHE A H    1 
ATOM 170  H HA   . PHE A 1 12 ? 11.438  1.122   2.310   1.00 0.61 ? 12 PHE A HA   1 
ATOM 171  H HB2  . PHE A 1 12 ? 11.940  2.339   -0.350  1.00 0.71 ? 12 PHE A HB2  1 
ATOM 172  H HB3  . PHE A 1 12 ? 10.461  2.860   0.459   1.00 0.57 ? 12 PHE A HB3  1 
ATOM 173  H HD1  . PHE A 1 12 ? 11.289  2.645   3.315   1.00 2.32 ? 12 PHE A HD1  1 
ATOM 174  H HD2  . PHE A 1 12 ? 13.389  4.200   -0.094  1.00 1.84 ? 12 PHE A HD2  1 
ATOM 175  H HE1  . PHE A 1 12 ? 12.623  4.112   4.804   1.00 2.57 ? 12 PHE A HE1  1 
ATOM 176  H HE2  . PHE A 1 12 ? 14.721  5.668   1.394   1.00 1.79 ? 12 PHE A HE2  1 
ATOM 177  H HZ   . PHE A 1 12 ? 14.338  5.623   3.845   1.00 1.12 ? 12 PHE A HZ   1 
ATOM 178  N N    . LEU A 1 13 ? 8.875   1.126   1.204   1.00 0.43 ? 13 LEU A N    1 
ATOM 179  C CA   . LEU A 1 13 ? 7.522   0.567   0.912   1.00 0.51 ? 13 LEU A CA   1 
ATOM 180  C C    . LEU A 1 13 ? 6.853   1.364   -0.210  1.00 0.44 ? 13 LEU A C    1 
ATOM 181  O O    . LEU A 1 13 ? 6.795   2.578   -0.171  1.00 0.54 ? 13 LEU A O    1 
ATOM 182  C CB   . LEU A 1 13 ? 6.734   0.712   2.216   1.00 0.71 ? 13 LEU A CB   1 
ATOM 183  C CG   . LEU A 1 13 ? 7.501   0.059   3.371   1.00 1.07 ? 13 LEU A CG   1 
ATOM 184  C CD1  . LEU A 1 13 ? 8.090   -1.279  2.921   1.00 1.15 ? 13 LEU A CD1  1 
ATOM 185  C CD2  . LEU A 1 13 ? 8.634   0.983   3.817   1.00 1.90 ? 13 LEU A CD2  1 
ATOM 186  H H    . LEU A 1 13 ? 8.961   2.014   1.612   1.00 0.40 ? 13 LEU A H    1 
ATOM 187  H HA   . LEU A 1 13 ? 7.595   -0.474  0.640   1.00 0.62 ? 13 LEU A HA   1 
ATOM 188  H HB2  . LEU A 1 13 ? 6.587   1.760   2.431   1.00 1.42 ? 13 LEU A HB2  1 
ATOM 189  H HB3  . LEU A 1 13 ? 5.774   0.231   2.110   1.00 1.10 ? 13 LEU A HB3  1 
ATOM 190  H HG   . LEU A 1 13 ? 6.828   -0.108  4.199   1.00 1.82 ? 13 LEU A HG   1 
ATOM 191  H HD11 . LEU A 1 13 ? 8.631   -1.143  1.997   1.00 1.65 ? 13 LEU A HD11 1 
ATOM 192  H HD12 . LEU A 1 13 ? 7.292   -1.991  2.771   1.00 1.58 ? 13 LEU A HD12 1 
ATOM 193  H HD13 . LEU A 1 13 ? 8.764   -1.647  3.680   1.00 1.64 ? 13 LEU A HD13 1 
ATOM 194  H HD21 . LEU A 1 13 ? 8.628   1.068   4.893   1.00 2.50 ? 13 LEU A HD21 1 
ATOM 195  H HD22 . LEU A 1 13 ? 8.492   1.959   3.379   1.00 2.34 ? 13 LEU A HD22 1 
ATOM 196  H HD23 . LEU A 1 13 ? 9.579   0.576   3.492   1.00 2.22 ? 13 LEU A HD23 1 
ATOM 197  N N    . LYS A 1 14 ? 6.345   0.693   -1.207  1.00 0.42 ? 14 LYS A N    1 
ATOM 198  C CA   . LYS A 1 14 ? 5.682   1.412   -2.330  1.00 0.55 ? 14 LYS A CA   1 
ATOM 199  C C    . LYS A 1 14 ? 4.291   0.828   -2.582  1.00 0.44 ? 14 LYS A C    1 
ATOM 200  O O    . LYS A 1 14 ? 4.123   -0.368  -2.697  1.00 0.50 ? 14 LYS A O    1 
ATOM 201  C CB   . LYS A 1 14 ? 6.588   1.170   -3.538  1.00 0.75 ? 14 LYS A CB   1 
ATOM 202  C CG   . LYS A 1 14 ? 7.025   2.511   -4.128  1.00 0.88 ? 14 LYS A CG   1 
ATOM 203  C CD   . LYS A 1 14 ? 6.915   2.457   -5.652  1.00 0.58 ? 14 LYS A CD   1 
ATOM 204  C CE   . LYS A 1 14 ? 8.040   1.589   -6.216  1.00 1.39 ? 14 LYS A CE   1 
ATOM 205  N NZ   . LYS A 1 14 ? 9.119   2.548   -6.584  1.00 1.37 ? 14 LYS A NZ   1 
ATOM 206  H H    . LYS A 1 14 ? 6.400   -0.287  -1.219  1.00 0.43 ? 14 LYS A H    1 
ATOM 207  H HA   . LYS A 1 14 ? 5.619   2.467   -2.120  1.00 0.71 ? 14 LYS A HA   1 
ATOM 208  H HB2  . LYS A 1 14 ? 7.458   0.611   -3.229  1.00 1.28 ? 14 LYS A HB2  1 
ATOM 209  H HB3  . LYS A 1 14 ? 6.047   0.610   -4.286  1.00 1.18 ? 14 LYS A HB3  1 
ATOM 210  H HG2  . LYS A 1 14 ? 6.389   3.298   -3.747  1.00 1.35 ? 14 LYS A HG2  1 
ATOM 211  H HG3  . LYS A 1 14 ? 8.049   2.709   -3.850  1.00 1.59 ? 14 LYS A HG3  1 
ATOM 212  H HD2  . LYS A 1 14 ? 5.960   2.033   -5.928  1.00 0.90 ? 14 LYS A HD2  1 
ATOM 213  H HD3  . LYS A 1 14 ? 6.995   3.455   -6.056  1.00 1.12 ? 14 LYS A HD3  1 
ATOM 214  H HE2  . LYS A 1 14 ? 8.391   0.895   -5.464  1.00 2.13 ? 14 LYS A HE2  1 
ATOM 215  H HE3  . LYS A 1 14 ? 7.704   1.058   -7.093  1.00 1.99 ? 14 LYS A HE3  1 
ATOM 216  H HZ1  . LYS A 1 14 ? 9.648   2.818   -5.730  1.00 1.93 ? 14 LYS A HZ1  1 
ATOM 217  H HZ2  . LYS A 1 14 ? 8.696   3.396   -7.014  1.00 1.62 ? 14 LYS A HZ2  1 
ATOM 218  H HZ3  . LYS A 1 14 ? 9.766   2.099   -7.262  1.00 1.51 ? 14 LYS A HZ3  1 
ATOM 219  N N    . ILE A 1 15 ? 3.293   1.662   -2.670  1.00 0.40 ? 15 ILE A N    1 
ATOM 220  C CA   . ILE A 1 15 ? 1.917   1.145   -2.919  1.00 0.32 ? 15 ILE A CA   1 
ATOM 221  C C    . ILE A 1 15 ? 1.275   1.876   -4.092  1.00 0.31 ? 15 ILE A C    1 
ATOM 222  O O    . ILE A 1 15 ? 1.360   3.081   -4.200  1.00 0.36 ? 15 ILE A O    1 
ATOM 223  C CB   . ILE A 1 15 ? 1.134   1.431   -1.650  1.00 0.39 ? 15 ILE A CB   1 
ATOM 224  C CG1  . ILE A 1 15 ? 1.907   0.911   -0.437  1.00 0.50 ? 15 ILE A CG1  1 
ATOM 225  C CG2  . ILE A 1 15 ? -0.210  0.717   -1.749  1.00 0.37 ? 15 ILE A CG2  1 
ATOM 226  C CD1  . ILE A 1 15 ? 1.982   -0.613  -0.497  1.00 1.20 ? 15 ILE A CD1  1 
ATOM 227  H H    . ILE A 1 15 ? 3.446   2.625   -2.577  1.00 0.49 ? 15 ILE A H    1 
ATOM 228  H HA   . ILE A 1 15 ? 1.935   0.085   -3.101  1.00 0.28 ? 15 ILE A HA   1 
ATOM 229  H HB   . ILE A 1 15 ? 0.973   2.496   -1.553  1.00 0.43 ? 15 ILE A HB   1 
ATOM 230  H HG12 . ILE A 1 15 ? 2.906   1.323   -0.443  1.00 1.26 ? 15 ILE A HG12 1 
ATOM 231  H HG13 . ILE A 1 15 ? 1.399   1.210   0.467   1.00 0.76 ? 15 ILE A HG13 1 
ATOM 232  H HG21 . ILE A 1 15 ? -0.223  -0.121  -1.070  1.00 1.11 ? 15 ILE A HG21 1 
ATOM 233  H HG22 . ILE A 1 15 ? -0.349  0.362   -2.762  1.00 1.14 ? 15 ILE A HG22 1 
ATOM 234  H HG23 . ILE A 1 15 ? -1.002  1.403   -1.497  1.00 1.00 ? 15 ILE A HG23 1 
ATOM 235  H HD11 . ILE A 1 15 ? 2.029   -0.930  -1.528  1.00 1.81 ? 15 ILE A HD11 1 
ATOM 236  H HD12 . ILE A 1 15 ? 1.102   -1.032  -0.032  1.00 1.64 ? 15 ILE A HD12 1 
ATOM 237  H HD13 . ILE A 1 15 ? 2.863   -0.953  0.026   1.00 1.85 ? 15 ILE A HD13 1 
ATOM 238  N N    . TRP A 1 16 ? 0.615   1.161   -4.958  1.00 0.29 ? 16 TRP A N    1 
ATOM 239  C CA   . TRP A 1 16 ? -0.052  1.831   -6.110  1.00 0.29 ? 16 TRP A CA   1 
ATOM 240  C C    . TRP A 1 16 ? -1.500  2.134   -5.755  1.00 0.26 ? 16 TRP A C    1 
ATOM 241  O O    . TRP A 1 16 ? -2.320  1.242   -5.637  1.00 0.24 ? 16 TRP A O    1 
ATOM 242  C CB   . TRP A 1 16 ? 0.014   0.842   -7.267  1.00 0.31 ? 16 TRP A CB   1 
ATOM 243  C CG   . TRP A 1 16 ? 1.367   0.919   -7.890  1.00 0.34 ? 16 TRP A CG   1 
ATOM 244  C CD1  . TRP A 1 16 ? 1.635   1.391   -9.129  1.00 0.41 ? 16 TRP A CD1  1 
ATOM 245  C CD2  . TRP A 1 16 ? 2.637   0.525   -7.315  1.00 0.35 ? 16 TRP A CD2  1 
ATOM 246  N NE1  . TRP A 1 16 ? 3.000   1.311   -9.347  1.00 0.44 ? 16 TRP A NE1  1 
ATOM 247  C CE2  . TRP A 1 16 ? 3.660   0.782   -8.255  1.00 0.40 ? 16 TRP A CE2  1 
ATOM 248  C CE3  . TRP A 1 16 ? 2.994   -0.025  -6.077  1.00 0.35 ? 16 TRP A CE3  1 
ATOM 249  C CZ2  . TRP A 1 16 ? 4.996   0.500   -7.971  1.00 0.43 ? 16 TRP A CZ2  1 
ATOM 250  C CZ3  . TRP A 1 16 ? 4.331   -0.309  -5.789  1.00 0.40 ? 16 TRP A CZ3  1 
ATOM 251  C CH2  . TRP A 1 16 ? 5.332   -0.048  -6.733  1.00 0.43 ? 16 TRP A CH2  1 
ATOM 252  H H    . TRP A 1 16 ? 0.544   0.187   -4.838  1.00 0.30 ? 16 TRP A H    1 
ATOM 253  H HA   . TRP A 1 16 ? 0.469   2.738   -6.371  1.00 0.32 ? 16 TRP A HA   1 
ATOM 254  H HB2  . TRP A 1 16 ? -0.160  -0.155  -6.895  1.00 0.30 ? 16 TRP A HB2  1 
ATOM 255  H HB3  . TRP A 1 16 ? -0.737  1.093   -8.001  1.00 0.32 ? 16 TRP A HB3  1 
ATOM 256  H HD1  . TRP A 1 16 ? 0.907   1.768   -9.830  1.00 0.45 ? 16 TRP A HD1  1 
ATOM 257  H HE1  . TRP A 1 16 ? 3.459   1.588   -10.167 1.00 0.50 ? 16 TRP A HE1  1 
ATOM 258  H HE3  . TRP A 1 16 ? 2.233   -0.232  -5.341  1.00 0.34 ? 16 TRP A HE3  1 
ATOM 259  H HZ2  . TRP A 1 16 ? 5.763   0.703   -8.701  1.00 0.47 ? 16 TRP A HZ2  1 
ATOM 260  H HZ3  . TRP A 1 16 ? 4.589   -0.732  -4.834  1.00 0.44 ? 16 TRP A HZ3  1 
ATOM 261  H HH2  . TRP A 1 16 ? 6.360   -0.266  -6.503  1.00 0.47 ? 16 TRP A HH2  1 
ATOM 262  N N    . SER A 1 17 ? -1.812  3.383   -5.575  1.00 0.29 ? 17 SER A N    1 
ATOM 263  C CA   . SER A 1 17 ? -3.202  3.760   -5.216  1.00 0.29 ? 17 SER A CA   1 
ATOM 264  C C    . SER A 1 17 ? -3.873  4.485   -6.389  1.00 0.32 ? 17 SER A C    1 
ATOM 265  O O    . SER A 1 17 ? -3.365  5.464   -6.896  1.00 0.47 ? 17 SER A O    1 
ATOM 266  C CB   . SER A 1 17 ? -3.051  4.703   -4.023  1.00 0.33 ? 17 SER A CB   1 
ATOM 267  O OG   . SER A 1 17 ? -1.942  5.564   -4.244  1.00 1.21 ? 17 SER A OG   1 
ATOM 268  H H    . SER A 1 17 ? -1.128  4.075   -5.670  1.00 0.32 ? 17 SER A H    1 
ATOM 269  H HA   . SER A 1 17 ? -3.762  2.889   -4.928  1.00 0.27 ? 17 SER A HA   1 
ATOM 270  H HB2  . SER A 1 17 ? -3.943  5.295   -3.916  1.00 0.79 ? 17 SER A HB2  1 
ATOM 271  H HB3  . SER A 1 17 ? -2.897  4.123   -3.124  1.00 0.83 ? 17 SER A HB3  1 
ATOM 272  H HG   . SER A 1 17 ? -1.476  5.665   -3.411  1.00 1.45 ? 17 SER A HG   1 
ATOM 273  N N    . HIS A 1 18 ? -5.012  4.015   -6.821  1.00 0.34 ? 18 HIS A N    1 
ATOM 274  C CA   . HIS A 1 18 ? -5.710  4.686   -7.956  1.00 0.36 ? 18 HIS A CA   1 
ATOM 275  C C    . HIS A 1 18 ? -7.060  5.237   -7.492  1.00 0.35 ? 18 HIS A C    1 
ATOM 276  O O    . HIS A 1 18 ? -7.862  4.532   -6.914  1.00 0.36 ? 18 HIS A O    1 
ATOM 277  C CB   . HIS A 1 18 ? -5.911  3.591   -9.004  1.00 0.40 ? 18 HIS A CB   1 
ATOM 278  C CG   . HIS A 1 18 ? -6.750  4.123   -10.133 1.00 0.67 ? 18 HIS A CG   1 
ATOM 279  N ND1  . HIS A 1 18 ? -6.865  5.481   -10.391 1.00 1.50 ? 18 HIS A ND1  1 
ATOM 280  C CD2  . HIS A 1 18 ? -7.520  3.495   -11.080 1.00 1.37 ? 18 HIS A CD2  1 
ATOM 281  C CE1  . HIS A 1 18 ? -7.677  5.623   -11.455 1.00 1.64 ? 18 HIS A CE1  1 
ATOM 282  N NE2  . HIS A 1 18 ? -8.104  4.443   -11.913 1.00 1.49 ? 18 HIS A NE2  1 
ATOM 283  H H    . HIS A 1 18 ? -5.410  3.226   -6.399  1.00 0.45 ? 18 HIS A H    1 
ATOM 284  H HA   . HIS A 1 18 ? -5.098  5.476   -8.362  1.00 0.40 ? 18 HIS A HA   1 
ATOM 285  H HB2  . HIS A 1 18 ? -4.950  3.278   -9.386  1.00 0.64 ? 18 HIS A HB2  1 
ATOM 286  H HB3  . HIS A 1 18 ? -6.411  2.748   -8.552  1.00 0.62 ? 18 HIS A HB3  1 
ATOM 287  H HD1  . HIS A 1 18 ? -6.434  6.205   -9.891  1.00 2.23 ? 18 HIS A HD1  1 
ATOM 288  H HD2  . HIS A 1 18 ? -7.652  2.426   -11.165 1.00 2.20 ? 18 HIS A HD2  1 
ATOM 289  H HE1  . HIS A 1 18 ? -7.951  6.575   -11.885 1.00 2.33 ? 18 HIS A HE1  1 
ATOM 290  N N    . SER A 1 19 ? -7.320  6.493   -7.741  1.00 0.40 ? 19 SER A N    1 
ATOM 291  C CA   . SER A 1 19 ? -8.622  7.082   -7.311  1.00 0.45 ? 19 SER A CA   1 
ATOM 292  C C    . SER A 1 19 ? -8.671  8.575   -7.649  1.00 0.60 ? 19 SER A C    1 
ATOM 293  O O    . SER A 1 19 ? -7.670  9.185   -7.964  1.00 1.09 ? 19 SER A O    1 
ATOM 294  C CB   . SER A 1 19 ? -8.669  6.879   -5.798  1.00 0.38 ? 19 SER A CB   1 
ATOM 295  O OG   . SER A 1 19 ? -8.247  8.073   -5.152  1.00 0.46 ? 19 SER A OG   1 
ATOM 296  H H    . SER A 1 19 ? -6.661  7.047   -8.210  1.00 0.44 ? 19 SER A H    1 
ATOM 297  H HA   . SER A 1 19 ? -9.443  6.561   -7.778  1.00 0.50 ? 19 SER A HA   1 
ATOM 298  H HB2  . SER A 1 19 ? -9.677  6.650   -5.495  1.00 0.39 ? 19 SER A HB2  1 
ATOM 299  H HB3  . SER A 1 19 ? -8.017  6.059   -5.524  1.00 0.33 ? 19 SER A HB3  1 
ATOM 300  H HG   . SER A 1 19 ? -9.024  8.503   -4.787  1.00 0.54 ? 19 SER A HG   1 
ATOM 301  N N    . GLY A 1 20 ? -9.832  9.166   -7.577  1.00 0.94 ? 20 GLY A N    1 
ATOM 302  C CA   . GLY A 1 20 ? -9.957  10.620  -7.884  1.00 1.05 ? 20 GLY A CA   1 
ATOM 303  C C    . GLY A 1 20 ? -9.116  10.968  -9.114  1.00 1.00 ? 20 GLY A C    1 
ATOM 304  O O    . GLY A 1 20 ? -9.353  10.475  -10.199 1.00 1.86 ? 20 GLY A O    1 
ATOM 305  H H    . GLY A 1 20 ? -10.627 8.653   -7.315  1.00 1.40 ? 20 GLY A H    1 
ATOM 306  H HA2  . GLY A 1 20 ? -10.993 10.858  -8.077  1.00 1.20 ? 20 GLY A HA2  1 
ATOM 307  H HA3  . GLY A 1 20 ? -9.607  11.196  -7.041  1.00 1.24 ? 20 GLY A HA3  1 
ATOM 308  N N    . GLY A 1 21 ? -8.140  11.819  -8.952  1.00 0.85 ? 21 GLY A N    1 
ATOM 309  C CA   . GLY A 1 21 ? -7.283  12.211  -10.108 1.00 0.74 ? 21 GLY A CA   1 
ATOM 310  C C    . GLY A 1 21 ? -6.959  10.980  -10.957 1.00 0.66 ? 21 GLY A C    1 
ATOM 311  O O    . GLY A 1 21 ? -7.718  10.594  -11.824 1.00 0.77 ? 21 GLY A O    1 
ATOM 312  H H    . GLY A 1 21 ? -7.972  12.207  -8.068  1.00 1.50 ? 21 GLY A H    1 
ATOM 313  H HA2  . GLY A 1 21 ? -7.809  12.937  -10.714 1.00 0.75 ? 21 GLY A HA2  1 
ATOM 314  H HA3  . GLY A 1 21 ? -6.365  12.644  -9.745  1.00 0.89 ? 21 GLY A HA3  1 
ATOM 315  N N    . GLN A 1 22 ? -5.835  10.362  -10.719 1.00 0.61 ? 22 GLN A N    1 
ATOM 316  C CA   . GLN A 1 22 ? -5.463  9.160   -11.517 1.00 0.59 ? 22 GLN A CA   1 
ATOM 317  C C    . GLN A 1 22 ? -4.656  8.181   -10.662 1.00 0.53 ? 22 GLN A C    1 
ATOM 318  O O    . GLN A 1 22 ? -4.575  8.314   -9.456  1.00 0.53 ? 22 GLN A O    1 
ATOM 319  C CB   . GLN A 1 22 ? -4.609  9.696   -12.665 1.00 0.76 ? 22 GLN A CB   1 
ATOM 320  C CG   . GLN A 1 22 ? -3.284  10.227  -12.113 1.00 1.33 ? 22 GLN A CG   1 
ATOM 321  C CD   . GLN A 1 22 ? -2.357  10.593  -13.275 1.00 1.42 ? 22 GLN A CD   1 
ATOM 322  O OE1  . GLN A 1 22 ? -1.809  9.726   -13.925 1.00 1.36 ? 22 GLN A OE1  1 
ATOM 323  N NE2  . GLN A 1 22 ? -2.159  11.850  -13.563 1.00 2.27 ? 22 GLN A NE2  1 
ATOM 324  H H    . GLN A 1 22 ? -5.233  10.691  -10.017 1.00 0.67 ? 22 GLN A H    1 
ATOM 325  H HA   . GLN A 1 22 ? -6.344  8.678   -11.908 1.00 0.60 ? 22 GLN A HA   1 
ATOM 326  H HB2  . GLN A 1 22 ? -4.414  8.901   -13.370 1.00 1.28 ? 22 GLN A HB2  1 
ATOM 327  H HB3  . GLN A 1 22 ? -5.136  10.497  -13.162 1.00 1.36 ? 22 GLN A HB3  1 
ATOM 328  H HG2  . GLN A 1 22 ? -3.471  11.104  -11.510 1.00 1.92 ? 22 GLN A HG2  1 
ATOM 329  H HG3  . GLN A 1 22 ? -2.816  9.466   -11.508 1.00 1.88 ? 22 GLN A HG3  1 
ATOM 330  H HE21 . GLN A 1 22 ? -2.601  12.550  -13.038 1.00 2.96 ? 22 GLN A HE21 1 
ATOM 331  H HE22 . GLN A 1 22 ? -1.567  12.095  -14.304 1.00 2.38 ? 22 GLN A HE22 1 
ATOM 332  N N    . GLN A 1 23 ? -4.064  7.197   -11.277 1.00 0.51 ? 23 GLN A N    1 
ATOM 333  C CA   . GLN A 1 23 ? -3.265  6.204   -10.504 1.00 0.47 ? 23 GLN A CA   1 
ATOM 334  C C    . GLN A 1 23 ? -1.987  6.851   -9.964  1.00 0.48 ? 23 GLN A C    1 
ATOM 335  O O    . GLN A 1 23 ? -1.480  7.808   -10.515 1.00 0.55 ? 23 GLN A O    1 
ATOM 336  C CB   . GLN A 1 23 ? -2.925  5.102   -11.507 1.00 0.49 ? 23 GLN A CB   1 
ATOM 337  C CG   . GLN A 1 23 ? -2.027  5.671   -12.607 1.00 1.34 ? 23 GLN A CG   1 
ATOM 338  C CD   . GLN A 1 23 ? -2.190  4.838   -13.881 1.00 1.71 ? 23 GLN A CD   1 
ATOM 339  O OE1  . GLN A 1 23 ? -3.290  4.475   -14.246 1.00 2.34 ? 23 GLN A OE1  1 
ATOM 340  N NE2  . GLN A 1 23 ? -1.133  4.519   -14.577 1.00 2.13 ? 23 GLN A NE2  1 
ATOM 341  H H    . GLN A 1 23 ? -4.147  7.109   -12.250 1.00 0.56 ? 23 GLN A H    1 
ATOM 342  H HA   . GLN A 1 23 ? -3.851  5.798   -9.695  1.00 0.47 ? 23 GLN A HA   1 
ATOM 343  H HB2  . GLN A 1 23 ? -2.410  4.300   -10.998 1.00 1.10 ? 23 GLN A HB2  1 
ATOM 344  H HB3  . GLN A 1 23 ? -3.834  4.723   -11.948 1.00 0.87 ? 23 GLN A HB3  1 
ATOM 345  H HG2  . GLN A 1 23 ? -2.307  6.695   -12.806 1.00 1.97 ? 23 GLN A HG2  1 
ATOM 346  H HG3  . GLN A 1 23 ? -0.997  5.635   -12.286 1.00 1.83 ? 23 GLN A HG3  1 
ATOM 347  H HE21 . GLN A 1 23 ? -0.246  4.812   -14.282 1.00 2.39 ? 23 GLN A HE21 1 
ATOM 348  H HE22 . GLN A 1 23 ? -1.227  3.987   -15.394 1.00 2.57 ? 23 GLN A HE22 1 
ATOM 349  N N    . SER A 1 24 ? -1.464  6.333   -8.889  1.00 0.47 ? 24 SER A N    1 
ATOM 350  C CA   . SER A 1 24 ? -0.218  6.907   -8.303  1.00 0.50 ? 24 SER A CA   1 
ATOM 351  C C    . SER A 1 24 ? 0.292   5.997   -7.183  1.00 0.46 ? 24 SER A C    1 
ATOM 352  O O    . SER A 1 24 ? -0.450  5.610   -6.303  1.00 0.44 ? 24 SER A O    1 
ATOM 353  C CB   . SER A 1 24 ? -0.636  8.266   -7.743  1.00 0.57 ? 24 SER A CB   1 
ATOM 354  O OG   . SER A 1 24 ? 0.493   9.130   -7.716  1.00 0.66 ? 24 SER A OG   1 
ATOM 355  H H    . SER A 1 24 ? -1.892  5.560   -8.462  1.00 0.50 ? 24 SER A H    1 
ATOM 356  H HA   . SER A 1 24 ? 0.535   7.034   -9.064  1.00 0.53 ? 24 SER A HA   1 
ATOM 357  H HB2  . SER A 1 24 ? -1.398  8.698   -8.371  1.00 0.57 ? 24 SER A HB2  1 
ATOM 358  H HB3  . SER A 1 24 ? -1.029  8.137   -6.743  1.00 0.60 ? 24 SER A HB3  1 
ATOM 359  H HG   . SER A 1 24 ? 0.744   9.260   -6.798  1.00 1.02 ? 24 SER A HG   1 
ATOM 360  N N    . VAL A 1 25 ? 1.549   5.644   -7.209  1.00 0.50 ? 25 VAL A N    1 
ATOM 361  C CA   . VAL A 1 25 ? 2.080   4.752   -6.139  1.00 0.47 ? 25 VAL A CA   1 
ATOM 362  C C    . VAL A 1 25 ? 2.620   5.572   -4.966  1.00 0.48 ? 25 VAL A C    1 
ATOM 363  O O    . VAL A 1 25 ? 3.502   6.393   -5.120  1.00 0.63 ? 25 VAL A O    1 
ATOM 364  C CB   . VAL A 1 25 ? 3.211   3.949   -6.785  1.00 0.56 ? 25 VAL A CB   1 
ATOM 365  C CG1  . VAL A 1 25 ? 4.150   4.896   -7.534  1.00 1.32 ? 25 VAL A CG1  1 
ATOM 366  C CG2  . VAL A 1 25 ? 3.994   3.220   -5.693  1.00 0.81 ? 25 VAL A CG2  1 
ATOM 367  H H    . VAL A 1 25 ? 2.136   5.958   -7.927  1.00 0.56 ? 25 VAL A H    1 
ATOM 368  H HA   . VAL A 1 25 ? 1.308   4.084   -5.801  1.00 0.43 ? 25 VAL A HA   1 
ATOM 369  H HB   . VAL A 1 25 ? 2.800   3.226   -7.476  1.00 1.19 ? 25 VAL A HB   1 
ATOM 370  H HG11 . VAL A 1 25 ? 3.903   5.917   -7.284  1.00 1.86 ? 25 VAL A HG11 1 
ATOM 371  H HG12 . VAL A 1 25 ? 4.037   4.747   -8.597  1.00 1.86 ? 25 VAL A HG12 1 
ATOM 372  H HG13 . VAL A 1 25 ? 5.170   4.691   -7.247  1.00 1.86 ? 25 VAL A HG13 1 
ATOM 373  H HG21 . VAL A 1 25 ? 4.958   3.691   -5.566  1.00 1.44 ? 25 VAL A HG21 1 
ATOM 374  H HG22 . VAL A 1 25 ? 4.132   2.188   -5.978  1.00 1.35 ? 25 VAL A HG22 1 
ATOM 375  H HG23 . VAL A 1 25 ? 3.445   3.267   -4.765  1.00 1.52 ? 25 VAL A HG23 1 
ATOM 376  N N    . ASP A 1 26 ? 2.104   5.340   -3.789  1.00 0.47 ? 26 ASP A N    1 
ATOM 377  C CA   . ASP A 1 26 ? 2.594   6.087   -2.596  1.00 0.58 ? 26 ASP A CA   1 
ATOM 378  C C    . ASP A 1 26 ? 3.768   5.330   -1.972  1.00 0.53 ? 26 ASP A C    1 
ATOM 379  O O    . ASP A 1 26 ? 3.795   4.115   -1.964  1.00 0.64 ? 26 ASP A O    1 
ATOM 380  C CB   . ASP A 1 26 ? 1.405   6.129   -1.636  1.00 0.70 ? 26 ASP A CB   1 
ATOM 381  C CG   . ASP A 1 26 ? 1.136   7.576   -1.219  1.00 1.18 ? 26 ASP A CG   1 
ATOM 382  O OD1  . ASP A 1 26 ? 1.962   8.422   -1.520  1.00 1.83 ? 26 ASP A OD1  1 
ATOM 383  O OD2  . ASP A 1 26 ? 0.108   7.814   -0.606  1.00 1.74 ? 26 ASP A OD2  1 
ATOM 384  H H    . ASP A 1 26 ? 1.403   4.663   -3.688  1.00 0.50 ? 26 ASP A H    1 
ATOM 385  H HA   . ASP A 1 26 ? 2.889   7.088   -2.870  1.00 0.69 ? 26 ASP A HA   1 
ATOM 386  H HB2  . ASP A 1 26 ? 0.532   5.727   -2.127  1.00 0.77 ? 26 ASP A HB2  1 
ATOM 387  H HB3  . ASP A 1 26 ? 1.630   5.540   -0.759  1.00 1.01 ? 26 ASP A HB3  1 
ATOM 388  N N    . CYS A 1 27 ? 4.743   6.028   -1.461  1.00 0.48 ? 27 CYS A N    1 
ATOM 389  C CA   . CYS A 1 27 ? 5.909   5.324   -0.858  1.00 0.52 ? 27 CYS A CA   1 
ATOM 390  C C    . CYS A 1 27 ? 6.199   5.848   0.552   1.00 0.48 ? 27 CYS A C    1 
ATOM 391  O O    . CYS A 1 27 ? 6.521   7.004   0.745   1.00 0.57 ? 27 CYS A O    1 
ATOM 392  C CB   . CYS A 1 27 ? 7.076   5.633   -1.795  1.00 0.65 ? 27 CYS A CB   1 
ATOM 393  S SG   . CYS A 1 27 ? 8.218   4.228   -1.819  1.00 1.21 ? 27 CYS A SG   1 
ATOM 394  H H    . CYS A 1 27 ? 4.714   7.006   -1.483  1.00 0.51 ? 27 CYS A H    1 
ATOM 395  H HA   . CYS A 1 27 ? 5.734   4.260   -0.833  1.00 0.58 ? 27 CYS A HA   1 
ATOM 396  H HB2  . CYS A 1 27 ? 6.701   5.807   -2.792  1.00 1.30 ? 27 CYS A HB2  1 
ATOM 397  H HB3  . CYS A 1 27 ? 7.595   6.513   -1.446  1.00 0.95 ? 27 CYS A HB3  1 
ATOM 398  N N    . TYR A 1 28 ? 6.109   4.995   1.537   1.00 0.46 ? 28 TYR A N    1 
ATOM 399  C CA   . TYR A 1 28 ? 6.402   5.431   2.932   1.00 0.46 ? 28 TYR A CA   1 
ATOM 400  C C    . TYR A 1 28 ? 7.524   4.573   3.507   1.00 0.60 ? 28 TYR A C    1 
ATOM 401  O O    . TYR A 1 28 ? 8.244   3.916   2.780   1.00 0.86 ? 28 TYR A O    1 
ATOM 402  C CB   . TYR A 1 28 ? 5.102   5.243   3.722   1.00 0.50 ? 28 TYR A CB   1 
ATOM 403  C CG   . TYR A 1 28 ? 4.394   3.983   3.287   1.00 0.35 ? 28 TYR A CG   1 
ATOM 404  C CD1  . TYR A 1 28 ? 3.720   3.944   2.062   1.00 1.18 ? 28 TYR A CD1  1 
ATOM 405  C CD2  . TYR A 1 28 ? 4.398   2.859   4.120   1.00 1.22 ? 28 TYR A CD2  1 
ATOM 406  C CE1  . TYR A 1 28 ? 3.054   2.778   1.667   1.00 1.17 ? 28 TYR A CE1  1 
ATOM 407  C CE2  . TYR A 1 28 ? 3.731   1.694   3.726   1.00 1.29 ? 28 TYR A CE2  1 
ATOM 408  C CZ   . TYR A 1 28 ? 3.059   1.653   2.500   1.00 0.52 ? 28 TYR A CZ   1 
ATOM 409  O OH   . TYR A 1 28 ? 2.401   0.503   2.114   1.00 0.72 ? 28 TYR A OH   1 
ATOM 410  H H    . TYR A 1 28 ? 5.868   4.063   1.354   1.00 0.52 ? 28 TYR A H    1 
ATOM 411  H HA   . TYR A 1 28 ? 6.691   6.469   2.949   1.00 0.57 ? 28 TYR A HA   1 
ATOM 412  H HB2  . TYR A 1 28 ? 5.334   5.177   4.774   1.00 0.62 ? 28 TYR A HB2  1 
ATOM 413  H HB3  . TYR A 1 28 ? 4.457   6.093   3.552   1.00 0.71 ? 28 TYR A HB3  1 
ATOM 414  H HD1  . TYR A 1 28 ? 3.717   4.812   1.419   1.00 2.07 ? 28 TYR A HD1  1 
ATOM 415  H HD2  . TYR A 1 28 ? 4.919   2.890   5.066   1.00 2.08 ? 28 TYR A HD2  1 
ATOM 416  H HE1  . TYR A 1 28 ? 2.536   2.747   0.721   1.00 2.02 ? 28 TYR A HE1  1 
ATOM 417  H HE2  . TYR A 1 28 ? 3.731   0.828   4.369   1.00 2.18 ? 28 TYR A HE2  1 
ATOM 418  H HH   . TYR A 1 28 ? 2.922   -0.249  2.403   1.00 0.98 ? 28 TYR A HH   1 
ATOM 419  N N    . ALA A 1 29 ? 7.706   4.585   4.796   1.00 0.67 ? 29 ALA A N    1 
ATOM 420  C CA   . ALA A 1 29 ? 8.814   3.775   5.378   1.00 0.94 ? 29 ALA A CA   1 
ATOM 421  C C    . ALA A 1 29 ? 8.438   3.169   6.731   1.00 0.72 ? 29 ALA A C    1 
ATOM 422  O O    . ALA A 1 29 ? 7.502   3.587   7.385   1.00 0.80 ? 29 ALA A O    1 
ATOM 423  C CB   . ALA A 1 29 ? 9.968   4.764   5.545   1.00 1.39 ? 29 ALA A CB   1 
ATOM 424  H H    . ALA A 1 29 ? 7.131   5.134   5.369   1.00 0.69 ? 29 ALA A H    1 
ATOM 425  H HA   . ALA A 1 29 ? 9.105   3.000   4.695   1.00 1.15 ? 29 ALA A HA   1 
ATOM 426  H HB1  . ALA A 1 29 ? 10.232  4.836   6.590   1.00 1.88 ? 29 ALA A HB1  1 
ATOM 427  H HB2  . ALA A 1 29 ? 9.665   5.736   5.182   1.00 1.62 ? 29 ALA A HB2  1 
ATOM 428  H HB3  . ALA A 1 29 ? 10.821  4.420   4.982   1.00 1.93 ? 29 ALA A HB3  1 
ATOM 429  N N    . ASN A 1 30 ? 9.192   2.185   7.150   1.00 0.76 ? 30 ASN A N    1 
ATOM 430  C CA   . ASN A 1 30 ? 8.941   1.525   8.465   1.00 0.68 ? 30 ASN A CA   1 
ATOM 431  C C    . ASN A 1 30 ? 7.605   0.796   8.492   1.00 0.54 ? 30 ASN A C    1 
ATOM 432  O O    . ASN A 1 30 ? 7.005   0.510   7.476   1.00 0.75 ? 30 ASN A O    1 
ATOM 433  C CB   . ASN A 1 30 ? 8.917   2.652   9.485   1.00 0.88 ? 30 ASN A CB   1 
ATOM 434  C CG   . ASN A 1 30 ? 10.095  3.597   9.241   1.00 1.17 ? 30 ASN A CG   1 
ATOM 435  O OD1  . ASN A 1 30 ? 10.950  3.322   8.422   1.00 1.97 ? 30 ASN A OD1  1 
ATOM 436  N ND2  . ASN A 1 30 ? 10.177  4.707   9.922   1.00 1.11 ? 30 ASN A ND2  1 
ATOM 437  H H    . ASN A 1 30 ? 9.944   1.887   6.598   1.00 1.03 ? 30 ASN A H    1 
ATOM 438  H HA   . ASN A 1 30 ? 9.740   0.844   8.698   1.00 0.80 ? 30 ASN A HA   1 
ATOM 439  H HB2  . ASN A 1 30 ? 7.987   3.195   9.390   1.00 1.05 ? 30 ASN A HB2  1 
ATOM 440  H HB3  . ASN A 1 30 ? 8.988   2.233   10.477  1.00 1.31 ? 30 ASN A HB3  1 
ATOM 441  H HD21 . ASN A 1 30 ? 9.488   4.929   10.582  1.00 1.22 ? 30 ASN A HD21 1 
ATOM 442  H HD22 . ASN A 1 30 ? 10.928  5.320   9.773   1.00 1.48 ? 30 ASN A HD22 1 
ATOM 443  N N    . ARG A 1 31 ? 7.146   0.497   9.674   1.00 0.45 ? 31 ARG A N    1 
ATOM 444  C CA   . ARG A 1 31 ? 5.854   -0.214  9.825   1.00 0.51 ? 31 ARG A CA   1 
ATOM 445  C C    . ARG A 1 31 ? 4.857   0.661   10.580  1.00 0.53 ? 31 ARG A C    1 
ATOM 446  O O    . ARG A 1 31 ? 5.226   1.572   11.294  1.00 0.80 ? 31 ARG A O    1 
ATOM 447  C CB   . ARG A 1 31 ? 6.187   -1.468  10.634  1.00 0.62 ? 31 ARG A CB   1 
ATOM 448  C CG   . ARG A 1 31 ? 6.594   -1.067  12.053  1.00 1.24 ? 31 ARG A CG   1 
ATOM 449  C CD   . ARG A 1 31 ? 7.214   -2.272  12.767  1.00 1.81 ? 31 ARG A CD   1 
ATOM 450  N NE   . ARG A 1 31 ? 7.154   -1.932  14.215  1.00 2.29 ? 31 ARG A NE   1 
ATOM 451  C CZ   . ARG A 1 31 ? 7.726   -2.710  15.092  1.00 2.74 ? 31 ARG A CZ   1 
ATOM 452  N NH1  . ARG A 1 31 ? 8.839   -3.323  14.792  1.00 2.92 ? 31 ARG A NH1  1 
ATOM 453  N NH2  . ARG A 1 31 ? 7.188   -2.875  16.269  1.00 3.50 ? 31 ARG A NH2  1 
ATOM 454  H H    . ARG A 1 31 ? 7.661   0.745   10.470  1.00 0.57 ? 31 ARG A H    1 
ATOM 455  H HA   . ARG A 1 31 ? 5.461   -0.484  8.864   1.00 0.66 ? 31 ARG A HA   1 
ATOM 456  H HB2  . ARG A 1 31 ? 5.319   -2.110  10.676  1.00 1.11 ? 31 ARG A HB2  1 
ATOM 457  H HB3  . ARG A 1 31 ? 7.003   -1.994  10.163  1.00 1.31 ? 31 ARG A HB3  1 
ATOM 458  H HG2  . ARG A 1 31 ? 7.317   -0.265  12.008  1.00 1.88 ? 31 ARG A HG2  1 
ATOM 459  H HG3  . ARG A 1 31 ? 5.723   -0.737  12.598  1.00 1.76 ? 31 ARG A HG3  1 
ATOM 460  H HD2  . ARG A 1 31 ? 6.638   -3.164  12.562  1.00 2.31 ? 31 ARG A HD2  1 
ATOM 461  H HD3  . ARG A 1 31 ? 8.239   -2.405  12.461  1.00 2.19 ? 31 ARG A HD3  1 
ATOM 462  H HE   . ARG A 1 31 ? 6.683   -1.125  14.511  1.00 2.67 ? 31 ARG A HE   1 
ATOM 463  H HH11 . ARG A 1 31 ? 9.252   -3.196  13.890  1.00 2.96 ? 31 ARG A HH11 1 
ATOM 464  H HH12 . ARG A 1 31 ? 9.278   -3.919  15.463  1.00 3.37 ? 31 ARG A HH12 1 
ATOM 465  H HH21 . ARG A 1 31 ? 6.335   -2.406  16.500  1.00 3.82 ? 31 ARG A HH21 1 
ATOM 466  H HH22 . ARG A 1 31 ? 7.627   -3.472  16.941  1.00 3.98 ? 31 ARG A HH22 1 
ATOM 467  N N    . GLY A 1 32 ? 3.596   0.387   10.425  1.00 0.38 ? 32 GLY A N    1 
ATOM 468  C CA   . GLY A 1 32 ? 2.566   1.201   11.131  1.00 0.55 ? 32 GLY A CA   1 
ATOM 469  C C    . GLY A 1 32 ? 1.351   1.375   10.222  1.00 0.48 ? 32 GLY A C    1 
ATOM 470  O O    . GLY A 1 32 ? 1.379   1.014   9.062   1.00 0.46 ? 32 GLY A O    1 
ATOM 471  H H    . GLY A 1 32 ? 3.325   -0.355  9.841   1.00 0.32 ? 32 GLY A H    1 
ATOM 472  H HA2  . GLY A 1 32 ? 2.269   0.696   12.039  1.00 0.68 ? 32 GLY A HA2  1 
ATOM 473  H HA3  . GLY A 1 32 ? 2.973   2.169   11.373  1.00 0.68 ? 32 GLY A HA3  1 
ATOM 474  N N    . ARG A 1 33 ? 0.285   1.922   10.736  1.00 0.46 ? 33 ARG A N    1 
ATOM 475  C CA   . ARG A 1 33 ? -0.928  2.109   9.891   1.00 0.40 ? 33 ARG A CA   1 
ATOM 476  C C    . ARG A 1 33 ? -1.068  3.568   9.458   1.00 0.39 ? 33 ARG A C    1 
ATOM 477  O O    . ARG A 1 33 ? -0.895  4.483   10.238  1.00 0.43 ? 33 ARG A O    1 
ATOM 478  C CB   . ARG A 1 33 ? -2.100  1.697   10.782  1.00 0.40 ? 33 ARG A CB   1 
ATOM 479  C CG   . ARG A 1 33 ? -2.366  2.792   11.818  1.00 1.19 ? 33 ARG A CG   1 
ATOM 480  C CD   . ARG A 1 33 ? -3.221  2.225   12.953  1.00 1.48 ? 33 ARG A CD   1 
ATOM 481  N NE   . ARG A 1 33 ? -3.146  3.244   14.036  1.00 2.34 ? 33 ARG A NE   1 
ATOM 482  C CZ   . ARG A 1 33 ? -3.756  3.036   15.171  1.00 2.77 ? 33 ARG A CZ   1 
ATOM 483  N NH1  . ARG A 1 33 ? -3.494  1.962   15.865  1.00 3.19 ? 33 ARG A NH1  1 
ATOM 484  N NH2  . ARG A 1 33 ? -4.628  3.901   15.612  1.00 3.32 ? 33 ARG A NH2  1 
ATOM 485  H H    . ARG A 1 33 ? 0.281   2.205   11.674  1.00 0.50 ? 33 ARG A H    1 
ATOM 486  H HA   . ARG A 1 33 ? -0.882  1.469   9.027   1.00 0.41 ? 33 ARG A HA   1 
ATOM 487  H HB2  . ARG A 1 33 ? -2.981  1.553   10.175  1.00 1.08 ? 33 ARG A HB2  1 
ATOM 488  H HB3  . ARG A 1 33 ? -1.859  0.776   11.291  1.00 0.93 ? 33 ARG A HB3  1 
ATOM 489  H HG2  . ARG A 1 33 ? -1.426  3.147   12.215  1.00 1.77 ? 33 ARG A HG2  1 
ATOM 490  H HG3  . ARG A 1 33 ? -2.890  3.610   11.348  1.00 1.88 ? 33 ARG A HG3  1 
ATOM 491  H HD2  . ARG A 1 33 ? -4.243  2.096   12.623  1.00 1.88 ? 33 ARG A HD2  1 
ATOM 492  H HD3  . ARG A 1 33 ? -2.814  1.287   13.299  1.00 1.64 ? 33 ARG A HD3  1 
ATOM 493  H HE   . ARG A 1 33 ? -2.639  4.071   13.897  1.00 2.92 ? 33 ARG A HE   1 
ATOM 494  H HH11 . ARG A 1 33 ? -2.826  1.299   15.528  1.00 3.34 ? 33 ARG A HH11 1 
ATOM 495  H HH12 . ARG A 1 33 ? -3.962  1.803   16.735  1.00 3.67 ? 33 ARG A HH12 1 
ATOM 496  H HH21 . ARG A 1 33 ? -4.830  4.724   15.080  1.00 3.56 ? 33 ARG A HH21 1 
ATOM 497  H HH22 . ARG A 1 33 ? -5.096  3.742   16.481  1.00 3.79 ? 33 ARG A HH22 1 
ATOM 498  N N    . ILE A 1 34 ? -1.390  3.786   8.214   1.00 0.40 ? 34 ILE A N    1 
ATOM 499  C CA   . ILE A 1 34 ? -1.553  5.182   7.715   1.00 0.40 ? 34 ILE A CA   1 
ATOM 500  C C    . ILE A 1 34 ? -2.816  5.293   6.856   1.00 0.37 ? 34 ILE A C    1 
ATOM 501  O O    . ILE A 1 34 ? -2.911  4.706   5.797   1.00 0.49 ? 34 ILE A O    1 
ATOM 502  C CB   . ILE A 1 34 ? -0.311  5.454   6.876   1.00 0.49 ? 34 ILE A CB   1 
ATOM 503  C CG1  . ILE A 1 34 ? -0.495  6.762   6.096   1.00 0.52 ? 34 ILE A CG1  1 
ATOM 504  C CG2  . ILE A 1 34 ? -0.112  4.299   5.909   1.00 0.65 ? 34 ILE A CG2  1 
ATOM 505  C CD1  . ILE A 1 34 ? 0.381   6.743   4.839   1.00 0.75 ? 34 ILE A CD1  1 
ATOM 506  H H    . ILE A 1 34 ? -1.528  3.027   7.607   1.00 0.45 ? 34 ILE A H    1 
ATOM 507  H HA   . ILE A 1 34 ? -1.593  5.867   8.533   1.00 0.42 ? 34 ILE A HA   1 
ATOM 508  H HB   . ILE A 1 34 ? 0.549   5.533   7.524   1.00 0.49 ? 34 ILE A HB   1 
ATOM 509  H HG12 . ILE A 1 34 ? -1.530  6.869   5.810   1.00 0.64 ? 34 ILE A HG12 1 
ATOM 510  H HG13 . ILE A 1 34 ? -0.206  7.594   6.719   1.00 0.56 ? 34 ILE A HG13 1 
ATOM 511  H HG21 . ILE A 1 34 ? -0.137  3.368   6.456   1.00 1.08 ? 34 ILE A HG21 1 
ATOM 512  H HG22 . ILE A 1 34 ? 0.841   4.405   5.417   1.00 1.39 ? 34 ILE A HG22 1 
ATOM 513  H HG23 . ILE A 1 34 ? -0.903  4.309   5.176   1.00 1.17 ? 34 ILE A HG23 1 
ATOM 514  H HD11 . ILE A 1 34 ? -0.222  6.472   3.985   1.00 1.26 ? 34 ILE A HD11 1 
ATOM 515  H HD12 . ILE A 1 34 ? 1.174   6.020   4.963   1.00 1.28 ? 34 ILE A HD12 1 
ATOM 516  H HD13 . ILE A 1 34 ? 0.808   7.722   4.683   1.00 1.35 ? 34 ILE A HD13 1 
ATOM 517  N N    . ASP A 1 35 ? -3.787  6.041   7.305   1.00 0.33 ? 35 ASP A N    1 
ATOM 518  C CA   . ASP A 1 35 ? -5.041  6.187   6.512   1.00 0.32 ? 35 ASP A CA   1 
ATOM 519  C C    . ASP A 1 35 ? -4.707  6.376   5.030   1.00 0.33 ? 35 ASP A C    1 
ATOM 520  O O    . ASP A 1 35 ? -3.810  7.114   4.675   1.00 0.42 ? 35 ASP A O    1 
ATOM 521  C CB   . ASP A 1 35 ? -5.720  7.438   7.072   1.00 0.38 ? 35 ASP A CB   1 
ATOM 522  C CG   . ASP A 1 35 ? -7.231  7.342   6.849   1.00 1.45 ? 35 ASP A CG   1 
ATOM 523  O OD1  . ASP A 1 35 ? -7.800  6.328   7.218   1.00 2.27 ? 35 ASP A OD1  1 
ATOM 524  O OD2  . ASP A 1 35 ? -7.791  8.284   6.315   1.00 2.14 ? 35 ASP A OD2  1 
ATOM 525  H H    . ASP A 1 35 ? -3.692  6.507   8.162   1.00 0.41 ? 35 ASP A H    1 
ATOM 526  H HA   . ASP A 1 35 ? -5.678  5.329   6.649   1.00 0.30 ? 35 ASP A HA   1 
ATOM 527  H HB2  . ASP A 1 35 ? -5.515  7.515   8.131   1.00 1.07 ? 35 ASP A HB2  1 
ATOM 528  H HB3  . ASP A 1 35 ? -5.338  8.312   6.567   1.00 1.10 ? 35 ASP A HB3  1 
ATOM 529  N N    . PHE A 1 36 ? -5.423  5.717   4.160   1.00 0.30 ? 36 PHE A N    1 
ATOM 530  C CA   . PHE A 1 36 ? -5.141  5.861   2.702   1.00 0.31 ? 36 PHE A CA   1 
ATOM 531  C C    . PHE A 1 36 ? -6.138  6.834   2.065   1.00 0.35 ? 36 PHE A C    1 
ATOM 532  O O    . PHE A 1 36 ? -5.781  7.641   1.229   1.00 0.45 ? 36 PHE A O    1 
ATOM 533  C CB   . PHE A 1 36 ? -5.312  4.457   2.122   1.00 0.29 ? 36 PHE A CB   1 
ATOM 534  C CG   . PHE A 1 36 ? -4.079  4.084   1.332   1.00 0.26 ? 36 PHE A CG   1 
ATOM 535  C CD1  . PHE A 1 36 ? -3.429  5.048   0.552   1.00 1.17 ? 36 PHE A CD1  1 
ATOM 536  C CD2  . PHE A 1 36 ? -3.587  2.774   1.378   1.00 1.27 ? 36 PHE A CD2  1 
ATOM 537  C CE1  . PHE A 1 36 ? -2.289  4.703   -0.182  1.00 1.17 ? 36 PHE A CE1  1 
ATOM 538  C CE2  . PHE A 1 36 ? -2.446  2.428   0.644   1.00 1.29 ? 36 PHE A CE2  1 
ATOM 539  C CZ   . PHE A 1 36 ? -1.797  3.392   -0.136  1.00 0.32 ? 36 PHE A CZ   1 
ATOM 540  H H    . PHE A 1 36 ? -6.145  5.125   4.465   1.00 0.29 ? 36 PHE A H    1 
ATOM 541  H HA   . PHE A 1 36 ? -4.130  6.203   2.548   1.00 0.33 ? 36 PHE A HA   1 
ATOM 542  H HB2  . PHE A 1 36 ? -5.454  3.749   2.925   1.00 0.30 ? 36 PHE A HB2  1 
ATOM 543  H HB3  . PHE A 1 36 ? -6.174  4.439   1.471   1.00 0.31 ? 36 PHE A HB3  1 
ATOM 544  H HD1  . PHE A 1 36 ? -3.807  6.059   0.517   1.00 2.08 ? 36 PHE A HD1  1 
ATOM 545  H HD2  . PHE A 1 36 ? -4.086  2.030   1.981   1.00 2.18 ? 36 PHE A HD2  1 
ATOM 546  H HE1  . PHE A 1 36 ? -1.787  5.446   -0.784  1.00 2.07 ? 36 PHE A HE1  1 
ATOM 547  H HE2  . PHE A 1 36 ? -2.067  1.418   0.680   1.00 2.20 ? 36 PHE A HE2  1 
ATOM 548  H HZ   . PHE A 1 36 ? -0.916  3.126   -0.702  1.00 0.37 ? 36 PHE A HZ   1 
ATOM 549  N N    . GLY A 1 37 ? -7.382  6.770   2.454   1.00 0.33 ? 37 GLY A N    1 
ATOM 550  C CA   . GLY A 1 37 ? -8.393  7.697   1.869   1.00 0.37 ? 37 GLY A CA   1 
ATOM 551  C C    . GLY A 1 37 ? -9.695  6.940   1.595   1.00 0.39 ? 37 GLY A C    1 
ATOM 552  O O    . GLY A 1 37 ? -10.692 7.523   1.218   1.00 0.58 ? 37 GLY A O    1 
ATOM 553  H H    . GLY A 1 37 ? -7.651  6.114   3.131   1.00 0.35 ? 37 GLY A H    1 
ATOM 554  H HA2  . GLY A 1 37 ? -8.583  8.503   2.563   1.00 0.41 ? 37 GLY A HA2  1 
ATOM 555  H HA3  . GLY A 1 37 ? -8.014  8.101   0.943   1.00 0.38 ? 37 GLY A HA3  1 
ATOM 556  N N    . GLY A 1 38 ? -9.697  5.648   1.778   1.00 0.31 ? 38 GLY A N    1 
ATOM 557  C CA   . GLY A 1 38 ? -10.938 4.864   1.523   1.00 0.30 ? 38 GLY A CA   1 
ATOM 558  C C    . GLY A 1 38 ? -11.067 4.583   0.026   1.00 0.28 ? 38 GLY A C    1 
ATOM 559  O O    . GLY A 1 38 ? -12.123 4.232   -0.461  1.00 0.30 ? 38 GLY A O    1 
ATOM 560  H H    . GLY A 1 38 ? -8.882  5.194   2.081   1.00 0.38 ? 38 GLY A H    1 
ATOM 561  H HA2  . GLY A 1 38 ? -10.891 3.929   2.064   1.00 0.29 ? 38 GLY A HA2  1 
ATOM 562  H HA3  . GLY A 1 38 ? -11.796 5.429   1.855   1.00 0.34 ? 38 GLY A HA3  1 
ATOM 563  N N    . TRP A 1 39 ? -9.999  4.738   -0.708  1.00 0.26 ? 39 TRP A N    1 
ATOM 564  C CA   . TRP A 1 39 ? -10.051 4.483   -2.177  1.00 0.26 ? 39 TRP A CA   1 
ATOM 565  C C    . TRP A 1 39 ? -8.724  4.888   -2.820  1.00 0.25 ? 39 TRP A C    1 
ATOM 566  O O    . TRP A 1 39 ? -8.591  5.969   -3.361  1.00 0.29 ? 39 TRP A O    1 
ATOM 567  C CB   . TRP A 1 39 ? -11.186 5.366   -2.699  1.00 0.30 ? 39 TRP A CB   1 
ATOM 568  C CG   . TRP A 1 39 ? -12.026 4.585   -3.659  1.00 0.31 ? 39 TRP A CG   1 
ATOM 569  C CD1  . TRP A 1 39 ? -13.283 4.149   -3.414  1.00 0.34 ? 39 TRP A CD1  1 
ATOM 570  C CD2  . TRP A 1 39 ? -11.696 4.143   -5.008  1.00 0.35 ? 39 TRP A CD2  1 
ATOM 571  N NE1  . TRP A 1 39 ? -13.744 3.465   -4.525  1.00 0.38 ? 39 TRP A NE1  1 
ATOM 572  C CE2  . TRP A 1 39 ? -12.802 3.435   -5.533  1.00 0.39 ? 39 TRP A CE2  1 
ATOM 573  C CE3  . TRP A 1 39 ? -10.554 4.284   -5.818  1.00 0.40 ? 39 TRP A CE3  1 
ATOM 574  C CZ2  . TRP A 1 39 ? -12.777 2.888   -6.817  1.00 0.47 ? 39 TRP A CZ2  1 
ATOM 575  C CZ3  . TRP A 1 39 ? -10.526 3.736   -7.110  1.00 0.48 ? 39 TRP A CZ3  1 
ATOM 576  C CH2  . TRP A 1 39 ? -11.636 3.039   -7.609  1.00 0.52 ? 39 TRP A CH2  1 
ATOM 577  H H    . TRP A 1 39 ? -9.157  5.023   -0.291  1.00 0.28 ? 39 TRP A H    1 
ATOM 578  H HA   . TRP A 1 39 ? -10.267 3.446   -2.375  1.00 0.25 ? 39 TRP A HA   1 
ATOM 579  H HB2  . TRP A 1 39 ? -11.797 5.697   -1.873  1.00 0.34 ? 39 TRP A HB2  1 
ATOM 580  H HB3  . TRP A 1 39 ? -10.770 6.225   -3.204  1.00 0.31 ? 39 TRP A HB3  1 
ATOM 581  H HD1  . TRP A 1 39 ? -13.835 4.308   -2.500  1.00 0.36 ? 39 TRP A HD1  1 
ATOM 582  H HE1  . TRP A 1 39 ? -14.626 3.047   -4.605  1.00 0.41 ? 39 TRP A HE1  1 
ATOM 583  H HE3  . TRP A 1 39 ? -9.693  4.819   -5.442  1.00 0.38 ? 39 TRP A HE3  1 
ATOM 584  H HZ2  . TRP A 1 39 ? -13.635 2.352   -7.197  1.00 0.51 ? 39 TRP A HZ2  1 
ATOM 585  H HZ3  . TRP A 1 39 ? -9.644  3.853   -7.724  1.00 0.54 ? 39 TRP A HZ3  1 
ATOM 586  H HH2  . TRP A 1 39 ? -11.608 2.619   -8.604  1.00 0.59 ? 39 TRP A HH2  1 
ATOM 587  N N    . TRP A 1 40 ? -7.736  4.038   -2.760  1.00 0.22 ? 40 TRP A N    1 
ATOM 588  C CA   . TRP A 1 40 ? -6.421  4.395   -3.363  1.00 0.23 ? 40 TRP A CA   1 
ATOM 589  C C    . TRP A 1 40 ? -5.567  3.142   -3.598  1.00 0.21 ? 40 TRP A C    1 
ATOM 590  O O    . TRP A 1 40 ? -4.569  2.932   -2.938  1.00 0.24 ? 40 TRP A O    1 
ATOM 591  C CB   . TRP A 1 40 ? -5.758  5.308   -2.330  1.00 0.28 ? 40 TRP A CB   1 
ATOM 592  C CG   . TRP A 1 40 ? -6.088  6.737   -2.632  1.00 0.32 ? 40 TRP A CG   1 
ATOM 593  C CD1  . TRP A 1 40 ? -6.736  7.577   -1.792  1.00 0.42 ? 40 TRP A CD1  1 
ATOM 594  C CD2  . TRP A 1 40 ? -5.797  7.507   -3.835  1.00 0.35 ? 40 TRP A CD2  1 
ATOM 595  N NE1  . TRP A 1 40 ? -6.863  8.811   -2.403  1.00 0.46 ? 40 TRP A NE1  1 
ATOM 596  C CE2  . TRP A 1 40 ? -6.299  8.818   -3.663  1.00 0.41 ? 40 TRP A CE2  1 
ATOM 597  C CE3  . TRP A 1 40 ? -5.153  7.199   -5.048  1.00 0.40 ? 40 TRP A CE3  1 
ATOM 598  C CZ2  . TRP A 1 40 ? -6.167  9.789   -4.657  1.00 0.45 ? 40 TRP A CZ2  1 
ATOM 599  C CZ3  . TRP A 1 40 ? -5.019  8.173   -6.051  1.00 0.48 ? 40 TRP A CZ3  1 
ATOM 600  C CH2  . TRP A 1 40 ? -5.524  9.466   -5.856  1.00 0.47 ? 40 TRP A CH2  1 
ATOM 601  H H    . TRP A 1 40 ? -7.856  3.173   -2.313  1.00 0.21 ? 40 TRP A H    1 
ATOM 602  H HA   . TRP A 1 40 ? -6.564  4.933   -4.287  1.00 0.25 ? 40 TRP A HA   1 
ATOM 603  H HB2  . TRP A 1 40 ? -6.124  5.058   -1.344  1.00 0.28 ? 40 TRP A HB2  1 
ATOM 604  H HB3  . TRP A 1 40 ? -4.688  5.171   -2.360  1.00 0.30 ? 40 TRP A HB3  1 
ATOM 605  H HD1  . TRP A 1 40 ? -7.097  7.323   -0.806  1.00 0.49 ? 40 TRP A HD1  1 
ATOM 606  H HE1  . TRP A 1 40 ? -7.294  9.597   -2.006  1.00 0.55 ? 40 TRP A HE1  1 
ATOM 607  H HE3  . TRP A 1 40 ? -4.762  6.208   -5.209  1.00 0.43 ? 40 TRP A HE3  1 
ATOM 608  H HZ2  . TRP A 1 40 ? -6.558  10.784  -4.502  1.00 0.50 ? 40 TRP A HZ2  1 
ATOM 609  H HZ3  . TRP A 1 40 ? -4.521  7.925   -6.979  1.00 0.57 ? 40 TRP A HZ3  1 
ATOM 610  H HH2  . TRP A 1 40 ? -5.417  10.211  -6.630  1.00 0.53 ? 40 TRP A HH2  1 
ATOM 611  N N    . VAL A 1 41 ? -5.943  2.313   -4.535  1.00 0.20 ? 41 VAL A N    1 
ATOM 612  C CA   . VAL A 1 41 ? -5.137  1.086   -4.807  1.00 0.21 ? 41 VAL A CA   1 
ATOM 613  C C    . VAL A 1 41 ? -4.975  0.848   -6.311  1.00 0.24 ? 41 VAL A C    1 
ATOM 614  O O    . VAL A 1 41 ? -5.693  1.383   -7.132  1.00 0.48 ? 41 VAL A O    1 
ATOM 615  C CB   . VAL A 1 41 ? -5.912  -0.063  -4.161  1.00 0.31 ? 41 VAL A CB   1 
ATOM 616  C CG1  . VAL A 1 41 ? -6.447  -1.000  -5.244  1.00 0.36 ? 41 VAL A CG1  1 
ATOM 617  C CG2  . VAL A 1 41 ? -4.971  -0.844  -3.242  1.00 0.36 ? 41 VAL A CG2  1 
ATOM 618  H H    . VAL A 1 41 ? -6.747  2.497   -5.059  1.00 0.23 ? 41 VAL A H    1 
ATOM 619  H HA   . VAL A 1 41 ? -4.165  1.165   -4.347  1.00 0.23 ? 41 VAL A HA   1 
ATOM 620  H HB   . VAL A 1 41 ? -6.736  0.333   -3.587  1.00 0.38 ? 41 VAL A HB   1 
ATOM 621  H HG11 . VAL A 1 41 ? -6.990  -1.810  -4.783  1.00 1.13 ? 41 VAL A HG11 1 
ATOM 622  H HG12 . VAL A 1 41 ? -5.617  -1.400  -5.812  1.00 1.06 ? 41 VAL A HG12 1 
ATOM 623  H HG13 . VAL A 1 41 ? -7.102  -0.452  -5.903  1.00 1.06 ? 41 VAL A HG13 1 
ATOM 624  H HG21 . VAL A 1 41 ? -4.179  -1.284  -3.829  1.00 1.02 ? 41 VAL A HG21 1 
ATOM 625  H HG22 . VAL A 1 41 ? -5.524  -1.624  -2.739  1.00 1.11 ? 41 VAL A HG22 1 
ATOM 626  H HG23 . VAL A 1 41 ? -4.546  -0.175  -2.510  1.00 0.94 ? 41 VAL A HG23 1 
ATOM 627  N N    . ASP A 1 42 ? -4.023  0.030   -6.653  1.00 0.25 ? 42 ASP A N    1 
ATOM 628  C CA   . ASP A 1 42 ? -3.752  -0.303  -8.081  1.00 0.24 ? 42 ASP A CA   1 
ATOM 629  C C    . ASP A 1 42 ? -2.523  -1.219  -8.145  1.00 0.25 ? 42 ASP A C    1 
ATOM 630  O O    . ASP A 1 42 ? -2.110  -1.659  -9.198  1.00 0.28 ? 42 ASP A O    1 
ATOM 631  C CB   . ASP A 1 42 ? -3.473  1.035   -8.765  1.00 0.25 ? 42 ASP A CB   1 
ATOM 632  C CG   . ASP A 1 42 ? -3.065  0.790   -10.220 1.00 0.40 ? 42 ASP A CG   1 
ATOM 633  O OD1  . ASP A 1 42 ? -3.294  -0.307  -10.702 1.00 1.07 ? 42 ASP A OD1  1 
ATOM 634  O OD2  . ASP A 1 42 ? -2.529  1.703   -10.825 1.00 1.28 ? 42 ASP A OD2  1 
ATOM 635  H H    . ASP A 1 42 ? -3.477  -0.377  -5.953  1.00 0.43 ? 42 ASP A H    1 
ATOM 636  H HA   . ASP A 1 42 ? -4.611  -0.788  -8.525  1.00 0.25 ? 42 ASP A HA   1 
ATOM 637  H HB2  . ASP A 1 42 ? -4.365  1.644   -8.739  1.00 0.42 ? 42 ASP A HB2  1 
ATOM 638  H HB3  . ASP A 1 42 ? -2.673  1.544   -8.249  1.00 0.39 ? 42 ASP A HB3  1 
ATOM 639  N N    . LYS A 1 43 ? -1.961  -1.506  -6.998  1.00 0.24 ? 43 LYS A N    1 
ATOM 640  C CA   . LYS A 1 43 ? -0.767  -2.404  -6.893  1.00 0.25 ? 43 LYS A CA   1 
ATOM 641  C C    . LYS A 1 43 ? -0.024  -2.075  -5.601  1.00 0.25 ? 43 LYS A C    1 
ATOM 642  O O    . LYS A 1 43 ? -0.218  -1.029  -5.019  1.00 0.25 ? 43 LYS A O    1 
ATOM 643  C CB   . LYS A 1 43 ? 0.132   -2.129  -8.105  1.00 0.28 ? 43 LYS A CB   1 
ATOM 644  C CG   . LYS A 1 43 ? 1.502   -2.771  -7.857  1.00 0.41 ? 43 LYS A CG   1 
ATOM 645  C CD   . LYS A 1 43 ? 2.493   -2.341  -8.939  1.00 0.76 ? 43 LYS A CD   1 
ATOM 646  C CE   . LYS A 1 43 ? 1.791   -2.295  -10.299 1.00 0.80 ? 43 LYS A CE   1 
ATOM 647  N NZ   . LYS A 1 43 ? 2.837   -2.686  -11.285 1.00 1.43 ? 43 LYS A NZ   1 
ATOM 648  H H    . LYS A 1 43 ? -2.342  -1.126  -6.175  1.00 0.23 ? 43 LYS A H    1 
ATOM 649  H HA   . LYS A 1 43 ? -1.078  -3.437  -6.889  1.00 0.26 ? 43 LYS A HA   1 
ATOM 650  H HB2  . LYS A 1 43 ? -0.311  -2.558  -8.989  1.00 0.36 ? 43 LYS A HB2  1 
ATOM 651  H HB3  . LYS A 1 43 ? 0.254   -1.069  -8.241  1.00 0.32 ? 43 LYS A HB3  1 
ATOM 652  H HG2  . LYS A 1 43 ? 1.874   -2.461  -6.893  1.00 0.81 ? 43 LYS A HG2  1 
ATOM 653  H HG3  . LYS A 1 43 ? 1.401   -3.847  -7.873  1.00 1.01 ? 43 LYS A HG3  1 
ATOM 654  H HD2  . LYS A 1 43 ? 2.882   -1.363  -8.698  1.00 1.26 ? 43 LYS A HD2  1 
ATOM 655  H HD3  . LYS A 1 43 ? 3.306   -3.051  -8.979  1.00 1.16 ? 43 LYS A HD3  1 
ATOM 656  H HE2  . LYS A 1 43 ? 0.969   -2.996  -10.320 1.00 0.73 ? 43 LYS A HE2  1 
ATOM 657  H HE3  . LYS A 1 43 ? 1.441   -1.296  -10.508 1.00 1.14 ? 43 LYS A HE3  1 
ATOM 658  H HZ1  . LYS A 1 43 ? 2.416   -2.744  -12.234 1.00 2.02 ? 43 LYS A HZ1  1 
ATOM 659  H HZ2  . LYS A 1 43 ? 3.231   -3.613  -11.022 1.00 1.66 ? 43 LYS A HZ2  1 
ATOM 660  H HZ3  . LYS A 1 43 ? 3.595   -1.975  -11.288 1.00 1.92 ? 43 LYS A HZ3  1 
ATOM 661  N N    . ILE A 1 44 ? 0.818   -2.952  -5.137  1.00 0.27 ? 44 ILE A N    1 
ATOM 662  C CA   . ILE A 1 44 ? 1.553   -2.660  -3.878  1.00 0.27 ? 44 ILE A CA   1 
ATOM 663  C C    . ILE A 1 44 ? 2.935   -3.317  -3.897  1.00 0.27 ? 44 ILE A C    1 
ATOM 664  O O    . ILE A 1 44 ? 3.080   -4.464  -4.263  1.00 0.29 ? 44 ILE A O    1 
ATOM 665  C CB   . ILE A 1 44 ? 0.693   -3.260  -2.770  1.00 0.30 ? 44 ILE A CB   1 
ATOM 666  C CG1  . ILE A 1 44 ? -0.606  -2.461  -2.635  1.00 0.42 ? 44 ILE A CG1  1 
ATOM 667  C CG2  . ILE A 1 44 ? 1.461   -3.199  -1.453  1.00 0.29 ? 44 ILE A CG2  1 
ATOM 668  C CD1  . ILE A 1 44 ? -1.729  -3.176  -3.388  1.00 1.01 ? 44 ILE A CD1  1 
ATOM 669  H H    . ILE A 1 44 ? 0.965   -3.796  -5.612  1.00 0.29 ? 44 ILE A H    1 
ATOM 670  H HA   . ILE A 1 44 ? 1.645   -1.595  -3.735  1.00 0.28 ? 44 ILE A HA   1 
ATOM 671  H HB   . ILE A 1 44 ? 0.465   -4.289  -3.007  1.00 0.34 ? 44 ILE A HB   1 
ATOM 672  H HG12 . ILE A 1 44 ? -0.869  -2.379  -1.589  1.00 1.00 ? 44 ILE A HG12 1 
ATOM 673  H HG13 . ILE A 1 44 ? -0.467  -1.475  -3.049  1.00 1.02 ? 44 ILE A HG13 1 
ATOM 674  H HG21 . ILE A 1 44 ? 0.877   -2.661  -0.723  1.00 1.07 ? 44 ILE A HG21 1 
ATOM 675  H HG22 . ILE A 1 44 ? 2.400   -2.688  -1.611  1.00 1.04 ? 44 ILE A HG22 1 
ATOM 676  H HG23 . ILE A 1 44 ? 1.650   -4.200  -1.101  1.00 1.00 ? 44 ILE A HG23 1 
ATOM 677  H HD11 . ILE A 1 44 ? -1.364  -3.508  -4.348  1.00 1.56 ? 44 ILE A HD11 1 
ATOM 678  H HD12 . ILE A 1 44 ? -2.555  -2.497  -3.532  1.00 1.64 ? 44 ILE A HD12 1 
ATOM 679  H HD13 . ILE A 1 44 ? -2.060  -4.029  -2.815  1.00 1.58 ? 44 ILE A HD13 1 
ATOM 680  N N    . SER A 1 45 ? 3.948   -2.598  -3.492  1.00 0.28 ? 45 SER A N    1 
ATOM 681  C CA   . SER A 1 45 ? 5.320   -3.183  -3.475  1.00 0.30 ? 45 SER A CA   1 
ATOM 682  C C    . SER A 1 45 ? 5.868   -3.186  -2.046  1.00 0.29 ? 45 SER A C    1 
ATOM 683  O O    . SER A 1 45 ? 6.696   -2.374  -1.684  1.00 0.30 ? 45 SER A O    1 
ATOM 684  C CB   . SER A 1 45 ? 6.163   -2.283  -4.378  1.00 0.33 ? 45 SER A CB   1 
ATOM 685  O OG   . SER A 1 45 ? 7.525   -2.685  -4.302  1.00 0.34 ? 45 SER A OG   1 
ATOM 686  H H    . SER A 1 45 ? 3.805   -1.674  -3.190  1.00 0.31 ? 45 SER A H    1 
ATOM 687  H HA   . SER A 1 45 ? 5.302   -4.188  -3.870  1.00 0.31 ? 45 SER A HA   1 
ATOM 688  H HB2  . SER A 1 45 ? 5.825   -2.372  -5.397  1.00 0.36 ? 45 SER A HB2  1 
ATOM 689  H HB3  . SER A 1 45 ? 6.063   -1.253  -4.058  1.00 0.37 ? 45 SER A HB3  1 
ATOM 690  H HG   . SER A 1 45 ? 7.949   -2.458  -5.132  1.00 0.75 ? 45 SER A HG   1 
ATOM 691  N N    . THR A 1 46 ? 5.414   -4.102  -1.238  1.00 0.29 ? 46 THR A N    1 
ATOM 692  C CA   . THR A 1 46 ? 5.901   -4.181  0.166   1.00 0.29 ? 46 THR A CA   1 
ATOM 693  C C    . THR A 1 46 ? 7.206   -4.967  0.199   1.00 0.33 ? 46 THR A C    1 
ATOM 694  O O    . THR A 1 46 ? 7.281   -6.035  0.762   1.00 0.36 ? 46 THR A O    1 
ATOM 695  C CB   . THR A 1 46 ? 4.807   -4.934  0.922   1.00 0.33 ? 46 THR A CB   1 
ATOM 696  O OG1  . THR A 1 46 ? 4.685   -6.244  0.389   1.00 0.41 ? 46 THR A OG1  1 
ATOM 697  C CG2  . THR A 1 46 ? 3.478   -4.193  0.771   1.00 0.46 ? 46 THR A CG2  1 
ATOM 698  H H    . THR A 1 46 ? 4.757   -4.746  -1.558  1.00 0.30 ? 46 THR A H    1 
ATOM 699  H HA   . THR A 1 46 ? 6.033   -3.197  0.586   1.00 0.31 ? 46 THR A HA   1 
ATOM 700  H HB   . THR A 1 46 ? 5.066   -4.992  1.968   1.00 0.43 ? 46 THR A HB   1 
ATOM 701  H HG1  . THR A 1 46 ? 5.554   -6.652  0.404   1.00 0.96 ? 46 THR A HG1  1 
ATOM 702  H HG21 . THR A 1 46 ? 3.467   -3.338  1.431   1.00 1.11 ? 46 THR A HG21 1 
ATOM 703  H HG22 . THR A 1 46 ? 2.666   -4.856  1.027   1.00 1.14 ? 46 THR A HG22 1 
ATOM 704  H HG23 . THR A 1 46 ? 3.365   -3.862  -0.250  1.00 1.04 ? 46 THR A HG23 1 
ATOM 705  N N    . GLY A 1 47 ? 8.228   -4.457  -0.425  1.00 0.38 ? 47 GLY A N    1 
ATOM 706  C CA   . GLY A 1 47 ? 9.525   -5.189  -0.447  1.00 0.50 ? 47 GLY A CA   1 
ATOM 707  C C    . GLY A 1 47 ? 10.406  -4.761  0.725   1.00 0.42 ? 47 GLY A C    1 
ATOM 708  O O    . GLY A 1 47 ? 11.532  -4.346  0.539   1.00 0.93 ? 47 GLY A O    1 
ATOM 709  H H    . GLY A 1 47 ? 8.133   -3.603  -0.894  1.00 0.40 ? 47 GLY A H    1 
ATOM 710  H HA2  . GLY A 1 47 ? 9.337   -6.246  -0.375  1.00 0.69 ? 47 GLY A HA2  1 
ATOM 711  H HA3  . GLY A 1 47 ? 10.042  -4.981  -1.369  1.00 0.83 ? 47 GLY A HA3  1 
ATOM 712  N N    . ASN A 1 48 ? 9.915   -4.874  1.930   1.00 0.44 ? 48 ASN A N    1 
ATOM 713  C CA   . ASN A 1 48 ? 10.745  -4.485  3.107   1.00 0.52 ? 48 ASN A CA   1 
ATOM 714  C C    . ASN A 1 48 ? 9.884   -4.362  4.381   1.00 0.42 ? 48 ASN A C    1 
ATOM 715  O O    . ASN A 1 48 ? 10.368  -3.963  5.422   1.00 0.50 ? 48 ASN A O    1 
ATOM 716  C CB   . ASN A 1 48 ? 11.348  -3.130  2.730   1.00 0.93 ? 48 ASN A CB   1 
ATOM 717  C CG   . ASN A 1 48 ? 11.746  -2.364  3.994   1.00 0.98 ? 48 ASN A CG   1 
ATOM 718  O OD1  . ASN A 1 48 ? 12.361  -2.917  4.885   1.00 1.68 ? 48 ASN A OD1  1 
ATOM 719  N ND2  . ASN A 1 48 ? 11.420  -1.107  4.110   1.00 1.58 ? 48 ASN A ND2  1 
ATOM 720  H H    . ASN A 1 48 ? 9.012   -5.222  2.058   1.00 0.85 ? 48 ASN A H    1 
ATOM 721  H HA   . ASN A 1 48 ? 11.536  -5.203  3.250   1.00 0.69 ? 48 ASN A HA   1 
ATOM 722  H HB2  . ASN A 1 48 ? 12.225  -3.289  2.117   1.00 1.49 ? 48 ASN A HB2  1 
ATOM 723  H HB3  . ASN A 1 48 ? 10.622  -2.556  2.175   1.00 1.59 ? 48 ASN A HB3  1 
ATOM 724  H HD21 . ASN A 1 48 ? 10.927  -0.661  3.391   1.00 2.12 ? 48 ASN A HD21 1 
ATOM 725  H HD22 . ASN A 1 48 ? 11.670  -0.608  4.916   1.00 1.94 ? 48 ASN A HD22 1 
ATOM 726  N N    . ASN A 1 49 ? 8.617   -4.690  4.314   1.00 0.38 ? 49 ASN A N    1 
ATOM 727  C CA   . ASN A 1 49 ? 7.750   -4.571  5.531   1.00 0.32 ? 49 ASN A CA   1 
ATOM 728  C C    . ASN A 1 49 ? 6.475   -5.401  5.388   1.00 0.33 ? 49 ASN A C    1 
ATOM 729  O O    . ASN A 1 49 ? 5.909   -5.510  4.318   1.00 0.36 ? 49 ASN A O    1 
ATOM 730  C CB   . ASN A 1 49 ? 7.399   -3.085  5.607   1.00 0.35 ? 49 ASN A CB   1 
ATOM 731  C CG   . ASN A 1 49 ? 8.301   -2.397  6.632   1.00 1.21 ? 49 ASN A CG   1 
ATOM 732  O OD1  . ASN A 1 49 ? 7.966   -2.315  7.797   1.00 2.17 ? 49 ASN A OD1  1 
ATOM 733  N ND2  . ASN A 1 49 ? 9.442   -1.896  6.244   1.00 1.50 ? 49 ASN A ND2  1 
ATOM 734  H H    . ASN A 1 49 ? 8.234   -5.004  3.471   1.00 0.50 ? 49 ASN A H    1 
ATOM 735  H HA   . ASN A 1 49 ? 8.281   -4.865  6.417   1.00 0.33 ? 49 ASN A HA   1 
ATOM 736  H HB2  . ASN A 1 49 ? 7.544   -2.633  4.638   1.00 0.84 ? 49 ASN A HB2  1 
ATOM 737  H HB3  . ASN A 1 49 ? 6.369   -2.973  5.903   1.00 0.88 ? 49 ASN A HB3  1 
ATOM 738  H HD21 . ASN A 1 49 ? 9.712   -1.963  5.304   1.00 1.58 ? 49 ASN A HD21 1 
ATOM 739  H HD22 . ASN A 1 49 ? 10.028  -1.454  6.892   1.00 2.12 ? 49 ASN A HD22 1 
ATOM 740  N N    . ASP A 1 50 ? 5.993   -5.953  6.471   1.00 0.31 ? 50 ASP A N    1 
ATOM 741  C CA   . ASP A 1 50 ? 4.730   -6.729  6.399   1.00 0.33 ? 50 ASP A CA   1 
ATOM 742  C C    . ASP A 1 50 ? 3.597   -5.715  6.348   1.00 0.29 ? 50 ASP A C    1 
ATOM 743  O O    . ASP A 1 50 ? 3.097   -5.271  7.362   1.00 0.30 ? 50 ASP A O    1 
ATOM 744  C CB   . ASP A 1 50 ? 4.687   -7.558  7.684   1.00 0.38 ? 50 ASP A CB   1 
ATOM 745  C CG   . ASP A 1 50 ? 5.608   -8.772  7.540   1.00 1.13 ? 50 ASP A CG   1 
ATOM 746  O OD1  . ASP A 1 50 ? 6.804   -8.572  7.414   1.00 1.70 ? 50 ASP A OD1  1 
ATOM 747  O OD2  . ASP A 1 50 ? 5.100   -9.881  7.559   1.00 1.91 ? 50 ASP A OD2  1 
ATOM 748  H H    . ASP A 1 50 ? 6.438   -5.825  7.335   1.00 0.30 ? 50 ASP A H    1 
ATOM 749  H HA   . ASP A 1 50 ? 4.721   -7.367  5.532   1.00 0.35 ? 50 ASP A HA   1 
ATOM 750  H HB2  . ASP A 1 50 ? 5.020   -6.952  8.513   1.00 0.79 ? 50 ASP A HB2  1 
ATOM 751  H HB3  . ASP A 1 50 ? 3.677   -7.894  7.862   1.00 0.80 ? 50 ASP A HB3  1 
ATOM 752  N N    . LEU A 1 51 ? 3.238   -5.290  5.174   1.00 0.27 ? 51 LEU A N    1 
ATOM 753  C CA   . LEU A 1 51 ? 2.191   -4.239  5.056   1.00 0.26 ? 51 LEU A CA   1 
ATOM 754  C C    . LEU A 1 51 ? 0.778   -4.796  5.111   1.00 0.25 ? 51 LEU A C    1 
ATOM 755  O O    . LEU A 1 51 ? 0.448   -5.770  4.468   1.00 0.30 ? 51 LEU A O    1 
ATOM 756  C CB   . LEU A 1 51 ? 2.430   -3.595  3.689   1.00 0.25 ? 51 LEU A CB   1 
ATOM 757  C CG   . LEU A 1 51 ? 1.104   -3.060  3.153   1.00 0.30 ? 51 LEU A CG   1 
ATOM 758  C CD1  . LEU A 1 51 ? 0.610   -1.925  4.050   1.00 0.51 ? 51 LEU A CD1  1 
ATOM 759  C CD2  . LEU A 1 51 ? 1.290   -2.544  1.725   1.00 0.26 ? 51 LEU A CD2  1 
ATOM 760  H H    . LEU A 1 51 ? 3.691   -5.628  4.370   1.00 0.31 ? 51 LEU A H    1 
ATOM 761  H HA   . LEU A 1 51 ? 2.323   -3.500  5.824   1.00 0.27 ? 51 LEU A HA   1 
ATOM 762  H HB2  . LEU A 1 51 ? 3.133   -2.785  3.787   1.00 0.32 ? 51 LEU A HB2  1 
ATOM 763  H HB3  . LEU A 1 51 ? 2.817   -4.334  3.006   1.00 0.32 ? 51 LEU A HB3  1 
ATOM 764  H HG   . LEU A 1 51 ? 0.380   -3.856  3.153   1.00 0.44 ? 51 LEU A HG   1 
ATOM 765  H HD11 . LEU A 1 51 ? 0.955   -2.090  5.062   1.00 1.20 ? 51 LEU A HD11 1 
ATOM 766  H HD12 . LEU A 1 51 ? -0.469  -1.898  4.040   1.00 1.16 ? 51 LEU A HD12 1 
ATOM 767  H HD13 . LEU A 1 51 ? 0.998   -0.983  3.689   1.00 1.13 ? 51 LEU A HD13 1 
ATOM 768  H HD21 . LEU A 1 51 ? 1.320   -3.380  1.042   1.00 1.03 ? 51 LEU A HD21 1 
ATOM 769  H HD22 . LEU A 1 51 ? 2.214   -1.990  1.659   1.00 1.04 ? 51 LEU A HD22 1 
ATOM 770  H HD23 . LEU A 1 51 ? 0.464   -1.899  1.466   1.00 1.04 ? 51 LEU A HD23 1 
ATOM 771  N N    . ILE A 1 52 ? -0.078  -4.119  5.822   1.00 0.25 ? 52 ILE A N    1 
ATOM 772  C CA   . ILE A 1 52 ? -1.496  -4.534  5.866   1.00 0.26 ? 52 ILE A CA   1 
ATOM 773  C C    . ILE A 1 52 ? -2.352  -3.377  5.386   1.00 0.27 ? 52 ILE A C    1 
ATOM 774  O O    . ILE A 1 52 ? -2.369  -2.317  5.981   1.00 0.30 ? 52 ILE A O    1 
ATOM 775  C CB   . ILE A 1 52 ? -1.853  -4.832  7.306   1.00 0.26 ? 52 ILE A CB   1 
ATOM 776  C CG1  . ILE A 1 52 ? -0.881  -5.852  7.893   1.00 0.26 ? 52 ILE A CG1  1 
ATOM 777  C CG2  . ILE A 1 52 ? -3.274  -5.391  7.308   1.00 0.29 ? 52 ILE A CG2  1 
ATOM 778  C CD1  . ILE A 1 52 ? -1.489  -6.483  9.147   1.00 0.30 ? 52 ILE A CD1  1 
ATOM 779  H H    . ILE A 1 52 ? 0.207   -3.302  6.283   1.00 0.30 ? 52 ILE A H    1 
ATOM 780  H HA   . ILE A 1 52 ? -1.659  -5.408  5.255   1.00 0.25 ? 52 ILE A HA   1 
ATOM 781  H HB   . ILE A 1 52 ? -1.822  -3.920  7.882   1.00 0.32 ? 52 ILE A HB   1 
ATOM 782  H HG12 . ILE A 1 52 ? -0.679  -6.613  7.165   1.00 0.35 ? 52 ILE A HG12 1 
ATOM 783  H HG13 . ILE A 1 52 ? 0.038   -5.358  8.149   1.00 0.31 ? 52 ILE A HG13 1 
ATOM 784  H HG21 . ILE A 1 52 ? -3.286  -6.342  6.796   1.00 0.91 ? 52 ILE A HG21 1 
ATOM 785  H HG22 . ILE A 1 52 ? -3.928  -4.700  6.789   1.00 1.13 ? 52 ILE A HG22 1 
ATOM 786  H HG23 . ILE A 1 52 ? -3.615  -5.518  8.320   1.00 1.12 ? 52 ILE A HG23 1 
ATOM 787  H HD11 . ILE A 1 52 ? -1.646  -5.719  9.894   1.00 0.96 ? 52 ILE A HD11 1 
ATOM 788  H HD12 . ILE A 1 52 ? -0.817  -7.234  9.534   1.00 1.11 ? 52 ILE A HD12 1 
ATOM 789  H HD13 . ILE A 1 52 ? -2.435  -6.940  8.897   1.00 1.08 ? 52 ILE A HD13 1 
ATOM 790  N N    . TYR A 1 53 ? -3.072  -3.567  4.337   1.00 0.27 ? 53 TYR A N    1 
ATOM 791  C CA   . TYR A 1 53 ? -3.941  -2.452  3.855   1.00 0.30 ? 53 TYR A CA   1 
ATOM 792  C C    . TYR A 1 53 ? -5.400  -2.896  3.828   1.00 0.24 ? 53 TYR A C    1 
ATOM 793  O O    . TYR A 1 53 ? -5.792  -3.741  3.049   1.00 0.26 ? 53 TYR A O    1 
ATOM 794  C CB   . TYR A 1 53 ? -3.467  -2.053  2.446   1.00 0.41 ? 53 TYR A CB   1 
ATOM 795  C CG   . TYR A 1 53 ? -2.781  -3.195  1.734   1.00 0.37 ? 53 TYR A CG   1 
ATOM 796  C CD1  . TYR A 1 53 ? -1.618  -3.758  2.264   1.00 1.44 ? 53 TYR A CD1  1 
ATOM 797  C CD2  . TYR A 1 53 ? -3.296  -3.667  0.520   1.00 1.05 ? 53 TYR A CD2  1 
ATOM 798  C CE1  . TYR A 1 53 ? -0.971  -4.798  1.587   1.00 1.72 ? 53 TYR A CE1  1 
ATOM 799  C CE2  . TYR A 1 53 ? -2.646  -4.702  -0.161  1.00 1.03 ? 53 TYR A CE2  1 
ATOM 800  C CZ   . TYR A 1 53 ? -1.483  -5.268  0.373   1.00 0.98 ? 53 TYR A CZ   1 
ATOM 801  O OH   . TYR A 1 53 ? -0.841  -6.286  -0.298  1.00 1.34 ? 53 TYR A OH   1 
ATOM 802  H H    . TYR A 1 53 ? -3.055  -4.440  3.887   1.00 0.26 ? 53 TYR A H    1 
ATOM 803  H HA   . TYR A 1 53 ? -3.832  -1.604  4.518   1.00 0.33 ? 53 TYR A HA   1 
ATOM 804  H HB2  . TYR A 1 53 ? -4.320  -1.741  1.864   1.00 0.71 ? 53 TYR A HB2  1 
ATOM 805  H HB3  . TYR A 1 53 ? -2.778  -1.225  2.530   1.00 0.52 ? 53 TYR A HB3  1 
ATOM 806  H HD1  . TYR A 1 53 ? -1.225  -3.395  3.201   1.00 2.23 ? 53 TYR A HD1  1 
ATOM 807  H HD2  . TYR A 1 53 ? -4.195  -3.233  0.111   1.00 1.97 ? 53 TYR A HD2  1 
ATOM 808  H HE1  . TYR A 1 53 ? -0.073  -5.235  1.998   1.00 2.68 ? 53 TYR A HE1  1 
ATOM 809  H HE2  . TYR A 1 53 ? -3.042  -5.066  -1.096  1.00 1.78 ? 53 TYR A HE2  1 
ATOM 810  H HH   . TYR A 1 53 ? -0.059  -5.918  -0.717  1.00 1.72 ? 53 TYR A HH   1 
ATOM 811  N N    . TYR A 1 54 ? -6.206  -2.326  4.679   1.00 0.19 ? 54 TYR A N    1 
ATOM 812  C CA   . TYR A 1 54 ? -7.643  -2.709  4.712   1.00 0.18 ? 54 TYR A CA   1 
ATOM 813  C C    . TYR A 1 54 ? -8.293  -2.360  3.374   1.00 0.18 ? 54 TYR A C    1 
ATOM 814  O O    . TYR A 1 54 ? -8.654  -1.227  3.125   1.00 0.20 ? 54 TYR A O    1 
ATOM 815  C CB   . TYR A 1 54 ? -8.248  -1.869  5.838   1.00 0.21 ? 54 TYR A CB   1 
ATOM 816  C CG   . TYR A 1 54 ? -7.647  -2.288  7.157   1.00 0.25 ? 54 TYR A CG   1 
ATOM 817  C CD1  . TYR A 1 54 ? -6.464  -1.693  7.608   1.00 1.23 ? 54 TYR A CD1  1 
ATOM 818  C CD2  . TYR A 1 54 ? -8.274  -3.273  7.930   1.00 1.25 ? 54 TYR A CD2  1 
ATOM 819  C CE1  . TYR A 1 54 ? -5.906  -2.082  8.830   1.00 1.26 ? 54 TYR A CE1  1 
ATOM 820  C CE2  . TYR A 1 54 ? -7.716  -3.662  9.153   1.00 1.25 ? 54 TYR A CE2  1 
ATOM 821  C CZ   . TYR A 1 54 ? -6.532  -3.067  9.603   1.00 0.39 ? 54 TYR A CZ   1 
ATOM 822  O OH   . TYR A 1 54 ? -5.982  -3.450  10.810  1.00 0.47 ? 54 TYR A OH   1 
ATOM 823  H H    . TYR A 1 54 ? -5.866  -1.646  5.297   1.00 0.21 ? 54 TYR A H    1 
ATOM 824  H HA   . TYR A 1 54 ? -7.748  -3.760  4.932   1.00 0.20 ? 54 TYR A HA   1 
ATOM 825  H HB2  . TYR A 1 54 ? -8.037  -0.825  5.662   1.00 0.23 ? 54 TYR A HB2  1 
ATOM 826  H HB3  . TYR A 1 54 ? -9.317  -2.020  5.865   1.00 0.23 ? 54 TYR A HB3  1 
ATOM 827  H HD1  . TYR A 1 54 ? -5.981  -0.933  7.011   1.00 2.14 ? 54 TYR A HD1  1 
ATOM 828  H HD2  . TYR A 1 54 ? -9.188  -3.732  7.582   1.00 2.17 ? 54 TYR A HD2  1 
ATOM 829  H HE1  . TYR A 1 54 ? -4.992  -1.622  9.177   1.00 2.19 ? 54 TYR A HE1  1 
ATOM 830  H HE2  . TYR A 1 54 ? -8.200  -4.422  9.749   1.00 2.17 ? 54 TYR A HE2  1 
ATOM 831  H HH   . TYR A 1 54 ? -6.516  -3.072  11.513  1.00 1.12 ? 54 TYR A HH   1 
ATOM 832  N N    . ASP A 1 55 ? -8.434  -3.319  2.503   1.00 0.21 ? 55 ASP A N    1 
ATOM 833  C CA   . ASP A 1 55 ? -9.049  -3.027  1.173   1.00 0.24 ? 55 ASP A CA   1 
ATOM 834  C C    . ASP A 1 55 ? -10.539 -2.704  1.325   1.00 0.27 ? 55 ASP A C    1 
ATOM 835  O O    . ASP A 1 55 ? -11.087 -2.764  2.406   1.00 0.30 ? 55 ASP A O    1 
ATOM 836  C CB   . ASP A 1 55 ? -8.859  -4.307  0.359   1.00 0.31 ? 55 ASP A CB   1 
ATOM 837  C CG   . ASP A 1 55 ? -8.542  -3.945  -1.094  1.00 1.03 ? 55 ASP A CG   1 
ATOM 838  O OD1  . ASP A 1 55 ? -8.241  -2.790  -1.344  1.00 1.74 ? 55 ASP A OD1  1 
ATOM 839  O OD2  . ASP A 1 55 ? -8.604  -4.831  -1.931  1.00 1.80 ? 55 ASP A OD2  1 
ATOM 840  H H    . ASP A 1 55 ? -8.127  -4.228  2.720   1.00 0.23 ? 55 ASP A H    1 
ATOM 841  H HA   . ASP A 1 55 ? -8.535  -2.207  0.697   1.00 0.24 ? 55 ASP A HA   1 
ATOM 842  H HB2  . ASP A 1 55 ? -8.043  -4.880  0.774   1.00 0.85 ? 55 ASP A HB2  1 
ATOM 843  H HB3  . ASP A 1 55 ? -9.765  -4.892  0.391   1.00 0.89 ? 55 ASP A HB3  1 
ATOM 844  N N    . ALA A 1 56 ? -11.195 -2.351  0.249   1.00 0.32 ? 56 ALA A N    1 
ATOM 845  C CA   . ALA A 1 56 ? -12.653 -2.016  0.326   1.00 0.36 ? 56 ALA A CA   1 
ATOM 846  C C    . ALA A 1 56 ? -13.366 -2.907  1.350   1.00 0.40 ? 56 ALA A C    1 
ATOM 847  O O    . ALA A 1 56 ? -14.329 -2.507  1.973   1.00 0.47 ? 56 ALA A O    1 
ATOM 848  C CB   . ALA A 1 56 ? -13.198 -2.287  -1.076  1.00 0.43 ? 56 ALA A CB   1 
ATOM 849  H H    . ALA A 1 56 ? -10.726 -2.300  -0.615  1.00 0.35 ? 56 ALA A H    1 
ATOM 850  H HA   . ALA A 1 56 ? -12.787 -0.978  0.578   1.00 0.35 ? 56 ALA A HA   1 
ATOM 851  H HB1  . ALA A 1 56 ? -12.378 -2.492  -1.749  1.00 0.92 ? 56 ALA A HB1  1 
ATOM 852  H HB2  . ALA A 1 56 ? -13.743 -1.423  -1.425  1.00 1.08 ? 56 ALA A HB2  1 
ATOM 853  H HB3  . ALA A 1 56 ? -13.861 -3.140  -1.045  1.00 1.15 ? 56 ALA A HB3  1 
ATOM 854  N N    . ASN A 1 57 ? -12.899 -4.109  1.527   1.00 0.40 ? 57 ASN A N    1 
ATOM 855  C CA   . ASN A 1 57 ? -13.542 -5.029  2.509   1.00 0.46 ? 57 ASN A CA   1 
ATOM 856  C C    . ASN A 1 57 ? -12.896 -4.853  3.868   1.00 0.40 ? 57 ASN A C    1 
ATOM 857  O O    . ASN A 1 57 ? -12.910 -5.753  4.685   1.00 0.46 ? 57 ASN A O    1 
ATOM 858  C CB   . ASN A 1 57 ? -13.230 -6.438  2.003   1.00 0.51 ? 57 ASN A CB   1 
ATOM 859  C CG   . ASN A 1 57 ? -14.168 -6.794  0.849   1.00 0.64 ? 57 ASN A CG   1 
ATOM 860  O OD1  . ASN A 1 57 ? -14.835 -7.810  0.885   1.00 1.29 ? 57 ASN A OD1  1 
ATOM 861  N ND2  . ASN A 1 57 ? -14.250 -5.997  -0.180  1.00 1.15 ? 57 ASN A ND2  1 
ATOM 862  H H    . ASN A 1 57 ? -12.119 -4.407  1.018   1.00 0.39 ? 57 ASN A H    1 
ATOM 863  H HA   . ASN A 1 57 ? -14.606 -4.871  2.556   1.00 0.54 ? 57 ASN A HA   1 
ATOM 864  H HB2  . ASN A 1 57 ? -12.200 -6.475  1.665   1.00 0.50 ? 57 ASN A HB2  1 
ATOM 865  H HB3  . ASN A 1 57 ? -13.361 -7.145  2.812   1.00 0.54 ? 57 ASN A HB3  1 
ATOM 866  H HD21 . ASN A 1 57 ? -13.713 -5.177  -0.210  1.00 1.81 ? 57 ASN A HD21 1 
ATOM 867  H HD22 . ASN A 1 57 ? -14.849 -6.216  -0.924  1.00 1.23 ? 57 ASN A HD22 1 
ATOM 868  N N    . GLY A 1 58 ? -12.271 -3.738  4.110   1.00 0.33 ? 58 GLY A N    1 
ATOM 869  C CA   . GLY A 1 58 ? -11.572 -3.597  5.409   1.00 0.34 ? 58 GLY A CA   1 
ATOM 870  C C    . GLY A 1 58 ? -10.741 -4.866  5.535   1.00 0.32 ? 58 GLY A C    1 
ATOM 871  O O    . GLY A 1 58 ? -10.484 -5.375  6.608   1.00 0.39 ? 58 GLY A O    1 
ATOM 872  H H    . GLY A 1 58 ? -12.218 -3.036  3.426   1.00 0.31 ? 58 GLY A H    1 
ATOM 873  H HA2  . GLY A 1 58 ? -10.935 -2.722  5.399   1.00 0.31 ? 58 GLY A HA2  1 
ATOM 874  H HA3  . GLY A 1 58 ? -12.282 -3.542  6.218   1.00 0.43 ? 58 GLY A HA3  1 
ATOM 875  N N    . ASP A 1 59 ? -10.354 -5.386  4.398   1.00 0.29 ? 59 ASP A N    1 
ATOM 876  C CA   . ASP A 1 59 ? -9.572  -6.633  4.344   1.00 0.35 ? 59 ASP A CA   1 
ATOM 877  C C    . ASP A 1 59 ? -8.126  -6.339  4.700   1.00 0.28 ? 59 ASP A C    1 
ATOM 878  O O    . ASP A 1 59 ? -7.301  -6.129  3.835   1.00 0.25 ? 59 ASP A O    1 
ATOM 879  C CB   . ASP A 1 59 ? -9.676  -7.096  2.890   1.00 0.44 ? 59 ASP A CB   1 
ATOM 880  C CG   . ASP A 1 59 ? -10.073 -8.573  2.850   1.00 0.76 ? 59 ASP A CG   1 
ATOM 881  O OD1  . ASP A 1 59 ? -9.363  -9.373  3.437   1.00 1.40 ? 59 ASP A OD1  1 
ATOM 882  O OD2  . ASP A 1 59 ? -11.081 -8.878  2.235   1.00 1.39 ? 59 ASP A OD2  1 
ATOM 883  H H    . ASP A 1 59 ? -10.593 -4.946  3.566   1.00 0.28 ? 59 ASP A H    1 
ATOM 884  H HA   . ASP A 1 59 ? -10.002 -7.375  4.994   1.00 0.43 ? 59 ASP A HA   1 
ATOM 885  H HB2  . ASP A 1 59 ? -10.423 -6.507  2.377   1.00 0.57 ? 59 ASP A HB2  1 
ATOM 886  H HB3  . ASP A 1 59 ? -8.721  -6.970  2.402   1.00 0.53 ? 59 ASP A HB3  1 
ATOM 887  N N    . SER A 1 60 ? -7.814  -6.307  5.960   1.00 0.28 ? 60 SER A N    1 
ATOM 888  C CA   . SER A 1 60 ? -6.417  -6.019  6.361   1.00 0.24 ? 60 SER A CA   1 
ATOM 889  C C    . SER A 1 60 ? -5.467  -6.889  5.543   1.00 0.24 ? 60 SER A C    1 
ATOM 890  O O    . SER A 1 60 ? -5.036  -7.940  5.972   1.00 0.23 ? 60 SER A O    1 
ATOM 891  C CB   . SER A 1 60 ? -6.364  -6.380  7.835   1.00 0.27 ? 60 SER A CB   1 
ATOM 892  O OG   . SER A 1 60 ? -5.112  -6.985  8.133   1.00 0.24 ? 60 SER A OG   1 
ATOM 893  H H    . SER A 1 60 ? -8.498  -6.469  6.642   1.00 0.33 ? 60 SER A H    1 
ATOM 894  H HA   . SER A 1 60 ? -6.188  -4.974  6.224   1.00 0.22 ? 60 SER A HA   1 
ATOM 895  H HB2  . SER A 1 60 ? -6.480  -5.487  8.424   1.00 0.30 ? 60 SER A HB2  1 
ATOM 896  H HB3  . SER A 1 60 ? -7.173  -7.063  8.058   1.00 0.32 ? 60 SER A HB3  1 
ATOM 897  H HG   . SER A 1 60 ? -5.284  -7.823  8.568   1.00 0.60 ? 60 SER A HG   1 
ATOM 898  N N    . VAL A 1 61 ? -5.149  -6.454  4.360   1.00 0.26 ? 61 VAL A N    1 
ATOM 899  C CA   . VAL A 1 61 ? -4.232  -7.247  3.494   1.00 0.26 ? 61 VAL A CA   1 
ATOM 900  C C    . VAL A 1 61 ? -2.821  -7.117  4.016   1.00 0.24 ? 61 VAL A C    1 
ATOM 901  O O    . VAL A 1 61 ? -2.090  -6.212  3.664   1.00 0.24 ? 61 VAL A O    1 
ATOM 902  C CB   . VAL A 1 61 ? -4.341  -6.657  2.099   1.00 0.27 ? 61 VAL A CB   1 
ATOM 903  C CG1  . VAL A 1 61 ? -3.216  -7.239  1.244   1.00 0.29 ? 61 VAL A CG1  1 
ATOM 904  C CG2  . VAL A 1 61 ? -5.696  -7.030  1.493   1.00 0.34 ? 61 VAL A CG2  1 
ATOM 905  H H    . VAL A 1 61 ? -5.513  -5.601  4.047   1.00 0.28 ? 61 VAL A H    1 
ATOM 906  H HA   . VAL A 1 61 ? -4.522  -8.283  3.483   1.00 0.29 ? 61 VAL A HA   1 
ATOM 907  H HB   . VAL A 1 61 ? -4.243  -5.582  2.148   1.00 0.25 ? 61 VAL A HB   1 
ATOM 908  H HG11 . VAL A 1 61 ? -3.272  -6.836  0.247   1.00 1.01 ? 61 VAL A HG11 1 
ATOM 909  H HG12 . VAL A 1 61 ? -3.314  -8.314  1.206   1.00 1.11 ? 61 VAL A HG12 1 
ATOM 910  H HG13 . VAL A 1 61 ? -2.263  -6.981  1.684   1.00 1.02 ? 61 VAL A HG13 1 
ATOM 911  H HG21 . VAL A 1 61 ? -6.138  -6.158  1.033   1.00 1.10 ? 61 VAL A HG21 1 
ATOM 912  H HG22 . VAL A 1 61 ? -6.349  -7.396  2.271   1.00 1.04 ? 61 VAL A HG22 1 
ATOM 913  H HG23 . VAL A 1 61 ? -5.558  -7.799  0.748   1.00 0.98 ? 61 VAL A HG23 1 
ATOM 914  N N    . ARG A 1 62 ? -2.447  -8.004  4.873   1.00 0.25 ? 62 ARG A N    1 
ATOM 915  C CA   . ARG A 1 62 ? -1.100  -7.937  5.465   1.00 0.26 ? 62 ARG A CA   1 
ATOM 916  C C    . ARG A 1 62 ? -0.074  -8.691  4.624   1.00 0.30 ? 62 ARG A C    1 
ATOM 917  O O    . ARG A 1 62 ? 0.130   -9.876  4.795   1.00 0.36 ? 62 ARG A O    1 
ATOM 918  C CB   . ARG A 1 62 ? -1.247  -8.601  6.834   1.00 0.31 ? 62 ARG A CB   1 
ATOM 919  C CG   . ARG A 1 62 ? 0.132   -8.752  7.482   1.00 1.26 ? 62 ARG A CG   1 
ATOM 920  C CD   . ARG A 1 62 ? 0.633   -10.186 7.292   1.00 1.89 ? 62 ARG A CD   1 
ATOM 921  N NE   . ARG A 1 62 ? 0.841   -10.705 8.673   1.00 1.96 ? 62 ARG A NE   1 
ATOM 922  C CZ   . ARG A 1 62 ? -0.053  -11.484 9.218   1.00 2.40 ? 62 ARG A CZ   1 
ATOM 923  N NH1  . ARG A 1 62 ? -0.660  -12.386 8.496   1.00 2.71 ? 62 ARG A NH1  1 
ATOM 924  N NH2  . ARG A 1 62 ? -0.339  -11.360 10.485  1.00 3.07 ? 62 ARG A NH2  1 
ATOM 925  H H    . ARG A 1 62 ? -3.067  -8.705  5.144   1.00 0.26 ? 62 ARG A H    1 
ATOM 926  H HA   . ARG A 1 62 ? -0.809  -6.905  5.583   1.00 0.26 ? 62 ARG A HA   1 
ATOM 927  H HB2  . ARG A 1 62 ? -1.879  -7.994  7.464   1.00 0.88 ? 62 ARG A HB2  1 
ATOM 928  H HB3  . ARG A 1 62 ? -1.692  -9.578  6.713   1.00 1.04 ? 62 ARG A HB3  1 
ATOM 929  H HG2  . ARG A 1 62 ? 0.824   -8.063  7.018   1.00 1.89 ? 62 ARG A HG2  1 
ATOM 930  H HG3  . ARG A 1 62 ? 0.060   -8.535  8.536   1.00 1.66 ? 62 ARG A HG3  1 
ATOM 931  H HD2  . ARG A 1 62 ? -0.109  -10.776 6.773   1.00 2.16 ? 62 ARG A HD2  1 
ATOM 932  H HD3  . ARG A 1 62 ? 1.566   -10.190 6.751   1.00 2.67 ? 62 ARG A HD3  1 
ATOM 933  H HE   . ARG A 1 62 ? 1.649   -10.463 9.171   1.00 2.12 ? 62 ARG A HE   1 
ATOM 934  H HH11 . ARG A 1 62 ? -0.441  -12.480 7.525   1.00 2.81 ? 62 ARG A HH11 1 
ATOM 935  H HH12 . ARG A 1 62 ? -1.346  -12.982 8.915   1.00 3.18 ? 62 ARG A HH12 1 
ATOM 936  H HH21 . ARG A 1 62 ? 0.126   -10.670 11.038  1.00 3.35 ? 62 ARG A HH21 1 
ATOM 937  H HH22 . ARG A 1 62 ? -1.024  -11.957 10.903  1.00 3.55 ? 62 ARG A HH22 1 
ATOM 938  N N    . VAL A 1 63 ? 0.609   -8.007  3.757   1.00 0.32 ? 63 VAL A N    1 
ATOM 939  C CA   . VAL A 1 63 ? 1.659   -8.683  2.960   1.00 0.40 ? 63 VAL A CA   1 
ATOM 940  C C    . VAL A 1 63 ? 2.893   -8.765  3.845   1.00 0.41 ? 63 VAL A C    1 
ATOM 941  O O    . VAL A 1 63 ? 3.102   -7.914  4.688   1.00 0.57 ? 63 VAL A O    1 
ATOM 942  C CB   . VAL A 1 63 ? 1.905   -7.785  1.750   1.00 0.46 ? 63 VAL A CB   1 
ATOM 943  C CG1  . VAL A 1 63 ? 3.217   -8.189  1.076   1.00 0.56 ? 63 VAL A CG1  1 
ATOM 944  C CG2  . VAL A 1 63 ? 0.753   -7.946  0.756   1.00 0.68 ? 63 VAL A CG2  1 
ATOM 945  H H    . VAL A 1 63 ? 0.463   -7.046  3.663   1.00 0.30 ? 63 VAL A H    1 
ATOM 946  H HA   . VAL A 1 63 ? 1.337   -9.666  2.651   1.00 0.44 ? 63 VAL A HA   1 
ATOM 947  H HB   . VAL A 1 63 ? 1.967   -6.755  2.070   1.00 0.47 ? 63 VAL A HB   1 
ATOM 948  H HG11 . VAL A 1 63 ? 4.049   -7.829  1.662   1.00 1.09 ? 63 VAL A HG11 1 
ATOM 949  H HG12 . VAL A 1 63 ? 3.260   -7.759  0.086   1.00 0.97 ? 63 VAL A HG12 1 
ATOM 950  H HG13 . VAL A 1 63 ? 3.268   -9.266  1.003   1.00 1.31 ? 63 VAL A HG13 1 
ATOM 951  H HG21 . VAL A 1 63 ? 0.645   -8.989  0.497   1.00 1.32 ? 63 VAL A HG21 1 
ATOM 952  H HG22 . VAL A 1 63 ? 0.964   -7.374  -0.135  1.00 1.10 ? 63 VAL A HG22 1 
ATOM 953  H HG23 . VAL A 1 63 ? -0.162  -7.590  1.205   1.00 1.23 ? 63 VAL A HG23 1 
ATOM 954  N N    . ASP A 1 64 ? 3.709   -9.761  3.691   1.00 0.39 ? 64 ASP A N    1 
ATOM 955  C CA   . ASP A 1 64 ? 4.895   -9.845  4.564   1.00 0.41 ? 64 ASP A CA   1 
ATOM 956  C C    . ASP A 1 64 ? 6.120   -9.366  3.814   1.00 0.47 ? 64 ASP A C    1 
ATOM 957  O O    . ASP A 1 64 ? 6.944   -10.140 3.381   1.00 0.72 ? 64 ASP A O    1 
ATOM 958  C CB   . ASP A 1 64 ? 5.032   -11.313 4.956   1.00 0.44 ? 64 ASP A CB   1 
ATOM 959  C CG   . ASP A 1 64 ? 4.864   -12.197 3.718   1.00 0.51 ? 64 ASP A CG   1 
ATOM 960  O OD1  . ASP A 1 64 ? 3.811   -12.131 3.106   1.00 1.11 ? 64 ASP A OD1  1 
ATOM 961  O OD2  . ASP A 1 64 ? 5.791   -12.925 3.405   1.00 1.28 ? 64 ASP A OD2  1 
ATOM 962  H H    . ASP A 1 64 ? 3.547   -10.440 3.017   1.00 0.50 ? 64 ASP A H    1 
ATOM 963  H HA   . ASP A 1 64 ? 4.738   -9.243  5.445   1.00 0.39 ? 64 ASP A HA   1 
ATOM 964  H HB2  . ASP A 1 64 ? 6.010   -11.475 5.388   1.00 0.48 ? 64 ASP A HB2  1 
ATOM 965  H HB3  . ASP A 1 64 ? 4.273   -11.560 5.682   1.00 0.41 ? 64 ASP A HB3  1 
ATOM 966  N N    . ARG A 1 65 ? 6.226   -8.084  3.668   1.00 0.33 ? 65 ARG A N    1 
ATOM 967  C CA   . ARG A 1 65 ? 7.385   -7.479  2.961   1.00 0.37 ? 65 ARG A CA   1 
ATOM 968  C C    . ARG A 1 65 ? 7.750   -8.270  1.698   1.00 0.35 ? 65 ARG A C    1 
ATOM 969  O O    . ARG A 1 65 ? 7.145   -9.274  1.381   1.00 0.39 ? 65 ARG A O    1 
ATOM 970  C CB   . ARG A 1 65 ? 8.533   -7.472  3.984   1.00 0.47 ? 65 ARG A CB   1 
ATOM 971  C CG   . ARG A 1 65 ? 8.730   -8.858  4.635   1.00 0.47 ? 65 ARG A CG   1 
ATOM 972  C CD   . ARG A 1 65 ? 9.301   -9.869  3.627   1.00 0.83 ? 65 ARG A CD   1 
ATOM 973  N NE   . ARG A 1 65 ? 8.887   -11.203 4.146   1.00 1.20 ? 65 ARG A NE   1 
ATOM 974  C CZ   . ARG A 1 65 ? 9.785   -12.037 4.596   1.00 1.63 ? 65 ARG A CZ   1 
ATOM 975  N NH1  . ARG A 1 65 ? 10.414  -11.780 5.710   1.00 2.31 ? 65 ARG A NH1  1 
ATOM 976  N NH2  . ARG A 1 65 ? 10.053  -13.126 3.930   1.00 2.12 ? 65 ARG A NH2  1 
ATOM 977  H H    . ARG A 1 65 ? 5.527   -7.507  4.032   1.00 0.36 ? 65 ARG A H    1 
ATOM 978  H HA   . ARG A 1 65 ? 7.148   -6.462  2.693   1.00 0.42 ? 65 ARG A HA   1 
ATOM 979  H HB2  . ARG A 1 65 ? 9.440   -7.173  3.493   1.00 0.75 ? 65 ARG A HB2  1 
ATOM 980  H HB3  . ARG A 1 65 ? 8.304   -6.755  4.758   1.00 0.82 ? 65 ARG A HB3  1 
ATOM 981  H HG2  . ARG A 1 65 ? 9.417   -8.760  5.462   1.00 0.78 ? 65 ARG A HG2  1 
ATOM 982  H HG3  . ARG A 1 65 ? 7.785   -9.217  5.008   1.00 0.83 ? 65 ARG A HG3  1 
ATOM 983  H HD2  . ARG A 1 65 ? 8.889   -9.702  2.643   1.00 1.17 ? 65 ARG A HD2  1 
ATOM 984  H HD3  . ARG A 1 65 ? 10.378  -9.809  3.598   1.00 1.16 ? 65 ARG A HD3  1 
ATOM 985  H HE   . ARG A 1 65 ? 7.939   -11.454 4.151   1.00 1.52 ? 65 ARG A HE   1 
ATOM 986  H HH11 . ARG A 1 65 ? 10.208  -10.945 6.220   1.00 2.73 ? 65 ARG A HH11 1 
ATOM 987  H HH12 . ARG A 1 65 ? 11.102  -12.419 6.054   1.00 2.71 ? 65 ARG A HH12 1 
ATOM 988  H HH21 . ARG A 1 65 ? 9.572   -13.323 3.076   1.00 2.47 ? 65 ARG A HH21 1 
ATOM 989  H HH22 . ARG A 1 65 ? 10.742  -13.765 4.274   1.00 2.53 ? 65 ARG A HH22 1 
ATOM 990  N N    . TRP A 1 66 ? 8.730   -7.801  0.970   1.00 0.37 ? 66 TRP A N    1 
ATOM 991  C CA   . TRP A 1 66 ? 9.146   -8.489  -0.287  1.00 0.37 ? 66 TRP A CA   1 
ATOM 992  C C    . TRP A 1 66 ? 7.947   -9.165  -0.959  1.00 0.35 ? 66 TRP A C    1 
ATOM 993  O O    . TRP A 1 66 ? 7.935   -10.360 -1.183  1.00 0.37 ? 66 TRP A O    1 
ATOM 994  C CB   . TRP A 1 66 ? 10.197  -9.508  0.149   1.00 0.42 ? 66 TRP A CB   1 
ATOM 995  C CG   . TRP A 1 66 ? 11.481  -8.783  0.408   1.00 0.69 ? 66 TRP A CG   1 
ATOM 996  C CD1  . TRP A 1 66 ? 12.483  -8.632  -0.482  1.00 1.26 ? 66 TRP A CD1  1 
ATOM 997  C CD2  . TRP A 1 66 ? 11.911  -8.097  1.617   1.00 0.67 ? 66 TRP A CD2  1 
ATOM 998  N NE1  . TRP A 1 66 ? 13.494  -7.897  0.110   1.00 1.60 ? 66 TRP A NE1  1 
ATOM 999  C CE2  . TRP A 1 66 ? 13.191  -7.550  1.401   1.00 1.22 ? 66 TRP A CE2  1 
ATOM 1000 C CE3  . TRP A 1 66 ? 11.321  -7.902  2.865   1.00 0.48 ? 66 TRP A CE3  1 
ATOM 1001 C CZ2  . TRP A 1 66 ? 13.863  -6.833  2.391   1.00 1.35 ? 66 TRP A CZ2  1 
ATOM 1002 C CZ3  . TRP A 1 66 ? 11.983  -7.183  3.867   1.00 0.53 ? 66 TRP A CZ3  1 
ATOM 1003 C CH2  . TRP A 1 66 ? 13.256  -6.649  3.633   1.00 0.90 ? 66 TRP A CH2  1 
ATOM 1004 H H    . TRP A 1 66 ? 9.188   -6.981  1.248   1.00 0.43 ? 66 TRP A H    1 
ATOM 1005 H HA   . TRP A 1 66 ? 9.593   -7.781  -0.967  1.00 0.40 ? 66 TRP A HA   1 
ATOM 1006 H HB2  . TRP A 1 66 ? 9.869   -10.003 1.051   1.00 0.66 ? 66 TRP A HB2  1 
ATOM 1007 H HB3  . TRP A 1 66 ? 10.345  -10.236 -0.633  1.00 0.53 ? 66 TRP A HB3  1 
ATOM 1008 H HD1  . TRP A 1 66 ? 12.493  -9.017  -1.493  1.00 1.47 ? 66 TRP A HD1  1 
ATOM 1009 H HE1  . TRP A 1 66 ? 14.324  -7.645  -0.312  1.00 2.05 ? 66 TRP A HE1  1 
ATOM 1010 H HE3  . TRP A 1 66 ? 10.347  -8.303  3.053   1.00 0.70 ? 66 TRP A HE3  1 
ATOM 1011 H HZ2  . TRP A 1 66 ? 14.844  -6.426  2.198   1.00 1.82 ? 66 TRP A HZ2  1 
ATOM 1012 H HZ3  . TRP A 1 66 ? 11.507  -7.037  4.820   1.00 0.65 ? 66 TRP A HZ3  1 
ATOM 1013 H HH2  . TRP A 1 66 ? 13.764  -6.095  4.408   1.00 1.00 ? 66 TRP A HH2  1 
ATOM 1014 N N    . HIS A 1 67 ? 6.938   -8.399  -1.286  1.00 0.34 ? 67 HIS A N    1 
ATOM 1015 C CA   . HIS A 1 67 ? 5.735   -8.984  -1.950  1.00 0.34 ? 67 HIS A CA   1 
ATOM 1016 C C    . HIS A 1 67 ? 5.002   -7.910  -2.768  1.00 0.35 ? 67 HIS A C    1 
ATOM 1017 O O    . HIS A 1 67 ? 4.761   -6.816  -2.297  1.00 0.37 ? 67 HIS A O    1 
ATOM 1018 C CB   . HIS A 1 67 ? 4.852   -9.481  -0.806  1.00 0.34 ? 67 HIS A CB   1 
ATOM 1019 C CG   . HIS A 1 67 ? 4.929   -10.982 -0.729  1.00 0.47 ? 67 HIS A CG   1 
ATOM 1020 N ND1  . HIS A 1 67 ? 5.248   -11.645 0.445   1.00 1.11 ? 67 HIS A ND1  1 
ATOM 1021 C CD2  . HIS A 1 67 ? 4.731   -11.959 -1.672  1.00 1.29 ? 67 HIS A CD2  1 
ATOM 1022 C CE1  . HIS A 1 67 ? 5.233   -12.965 0.181   1.00 0.94 ? 67 HIS A CE1  1 
ATOM 1023 N NE2  . HIS A 1 67 ? 4.923   -13.211 -1.095  1.00 1.05 ? 67 HIS A NE2  1 
ATOM 1024 H H    . HIS A 1 67 ? 6.972   -7.436  -1.097  1.00 0.36 ? 67 HIS A H    1 
ATOM 1025 H HA   . HIS A 1 67 ? 6.018   -9.811  -2.582  1.00 0.35 ? 67 HIS A HA   1 
ATOM 1026 H HB2  . HIS A 1 67 ? 5.196   -9.055  0.125   1.00 0.35 ? 67 HIS A HB2  1 
ATOM 1027 H HB3  . HIS A 1 67 ? 3.830   -9.183  -0.983  1.00 0.40 ? 67 HIS A HB3  1 
ATOM 1028 H HD1  . HIS A 1 67 ? 5.450   -11.230 1.309   1.00 1.92 ? 67 HIS A HD1  1 
ATOM 1029 H HD2  . HIS A 1 67 ? 4.466   -11.784 -2.704  1.00 2.22 ? 67 HIS A HD2  1 
ATOM 1030 H HE1  . HIS A 1 67 ? 5.446   -13.731 0.912   1.00 1.50 ? 67 HIS A HE1  1 
ATOM 1031 N N    . ASP A 1 68 ? 4.646   -8.217  -3.987  1.00 0.38 ? 68 ASP A N    1 
ATOM 1032 C CA   . ASP A 1 68 ? 3.928   -7.218  -4.836  1.00 0.40 ? 68 ASP A CA   1 
ATOM 1033 C C    . ASP A 1 68 ? 2.493   -7.684  -5.103  1.00 0.42 ? 68 ASP A C    1 
ATOM 1034 O O    . ASP A 1 68 ? 2.259   -8.600  -5.869  1.00 0.56 ? 68 ASP A O    1 
ATOM 1035 C CB   . ASP A 1 68 ? 4.724   -7.162  -6.140  1.00 0.46 ? 68 ASP A CB   1 
ATOM 1036 C CG   . ASP A 1 68 ? 4.833   -8.566  -6.736  1.00 0.92 ? 68 ASP A CG   1 
ATOM 1037 O OD1  . ASP A 1 68 ? 5.742   -9.282  -6.354  1.00 1.47 ? 68 ASP A OD1  1 
ATOM 1038 O OD2  . ASP A 1 68 ? 4.002   -8.901  -7.565  1.00 1.63 ? 68 ASP A OD2  1 
ATOM 1039 H H    . ASP A 1 68 ? 4.850   -9.107  -4.346  1.00 0.41 ? 68 ASP A H    1 
ATOM 1040 H HA   . ASP A 1 68 ? 3.928   -6.249  -4.365  1.00 0.40 ? 68 ASP A HA   1 
ATOM 1041 H HB2  . ASP A 1 68 ? 4.221   -6.509  -6.839  1.00 0.53 ? 68 ASP A HB2  1 
ATOM 1042 H HB3  . ASP A 1 68 ? 5.714   -6.779  -5.940  1.00 0.59 ? 68 ASP A HB3  1 
ATOM 1043 N N    . ILE A 1 69 ? 1.529   -7.062  -4.478  1.00 0.32 ? 69 ILE A N    1 
ATOM 1044 C CA   . ILE A 1 69 ? 0.112   -7.467  -4.694  1.00 0.34 ? 69 ILE A CA   1 
ATOM 1045 C C    . ILE A 1 69 ? -0.689  -6.285  -5.252  1.00 0.34 ? 69 ILE A C    1 
ATOM 1046 O O    . ILE A 1 69 ? -0.306  -5.142  -5.103  1.00 0.40 ? 69 ILE A O    1 
ATOM 1047 C CB   . ILE A 1 69 ? -0.386  -7.870  -3.305  1.00 0.34 ? 69 ILE A CB   1 
ATOM 1048 C CG1  . ILE A 1 69 ? -1.093  -9.223  -3.385  1.00 0.73 ? 69 ILE A CG1  1 
ATOM 1049 C CG2  . ILE A 1 69 ? -1.359  -6.820  -2.778  1.00 0.82 ? 69 ILE A CG2  1 
ATOM 1050 C CD1  . ILE A 1 69 ? -2.081  -9.213  -4.551  1.00 1.40 ? 69 ILE A CD1  1 
ATOM 1051 H H    . ILE A 1 69 ? 1.736   -6.329  -3.865  1.00 0.29 ? 69 ILE A H    1 
ATOM 1052 H HA   . ILE A 1 69 ? 0.057   -8.308  -5.356  1.00 0.37 ? 69 ILE A HA   1 
ATOM 1053 H HB   . ILE A 1 69 ? 0.457   -7.945  -2.637  1.00 0.62 ? 69 ILE A HB   1 
ATOM 1054 H HG12 . ILE A 1 69 ? -0.362  -10.002 -3.538  1.00 1.40 ? 69 ILE A HG12 1 
ATOM 1055 H HG13 . ILE A 1 69 ? -1.627  -9.406  -2.466  1.00 1.40 ? 69 ILE A HG13 1 
ATOM 1056 H HG21 . ILE A 1 69 ? -2.129  -6.644  -3.515  1.00 1.51 ? 69 ILE A HG21 1 
ATOM 1057 H HG22 . ILE A 1 69 ? -0.826  -5.901  -2.587  1.00 1.40 ? 69 ILE A HG22 1 
ATOM 1058 H HG23 . ILE A 1 69 ? -1.809  -7.176  -1.865  1.00 1.30 ? 69 ILE A HG23 1 
ATOM 1059 H HD11 . ILE A 1 69 ? -2.705  -8.335  -4.483  1.00 2.10 ? 69 ILE A HD11 1 
ATOM 1060 H HD12 . ILE A 1 69 ? -2.696  -10.098 -4.509  1.00 1.78 ? 69 ILE A HD12 1 
ATOM 1061 H HD13 . ILE A 1 69 ? -1.536  -9.196  -5.483  1.00 1.95 ? 69 ILE A HD13 1 
ATOM 1062 N N    . THR A 1 70 ? -1.798  -6.545  -5.891  1.00 0.33 ? 70 THR A N    1 
ATOM 1063 C CA   . THR A 1 70 ? -2.608  -5.425  -6.448  1.00 0.32 ? 70 THR A CA   1 
ATOM 1064 C C    . THR A 1 70 ? -4.103  -5.674  -6.241  1.00 0.33 ? 70 THR A C    1 
ATOM 1065 O O    . THR A 1 70 ? -4.503  -6.535  -5.483  1.00 0.41 ? 70 THR A O    1 
ATOM 1066 C CB   . THR A 1 70 ? -2.277  -5.390  -7.938  1.00 0.33 ? 70 THR A CB   1 
ATOM 1067 O OG1  . THR A 1 70 ? -0.890  -5.643  -8.121  1.00 0.37 ? 70 THR A OG1  1 
ATOM 1068 C CG2  . THR A 1 70 ? -2.627  -4.010  -8.488  1.00 0.29 ? 70 THR A CG2  1 
ATOM 1069 H H    . THR A 1 70 ? -2.096  -7.471  -6.005  1.00 0.36 ? 70 THR A H    1 
ATOM 1070 H HA   . THR A 1 70 ? -2.321  -4.493  -5.991  1.00 0.30 ? 70 THR A HA   1 
ATOM 1071 H HB   . THR A 1 70 ? -2.854  -6.139  -8.456  1.00 0.38 ? 70 THR A HB   1 
ATOM 1072 H HG1  . THR A 1 70 ? -0.774  -6.043  -8.985  1.00 0.76 ? 70 THR A HG1  1 
ATOM 1073 H HG21 . THR A 1 70 ? -1.768  -3.596  -8.991  1.00 0.99 ? 70 THR A HG21 1 
ATOM 1074 H HG22 . THR A 1 70 ? -2.915  -3.363  -7.671  1.00 1.09 ? 70 THR A HG22 1 
ATOM 1075 H HG23 . THR A 1 70 ? -3.448  -4.095  -9.184  1.00 0.89 ? 70 THR A HG23 1 
ATOM 1076 N N    . TYR A 1 71 ? -4.931  -4.911  -6.904  1.00 0.30 ? 71 TYR A N    1 
ATOM 1077 C CA   . TYR A 1 71 ? -6.401  -5.081  -6.742  1.00 0.32 ? 71 TYR A CA   1 
ATOM 1078 C C    . TYR A 1 71 ? -7.129  -4.777  -8.054  1.00 0.30 ? 71 TYR A C    1 
ATOM 1079 O O    . TYR A 1 71 ? -8.114  -4.066  -8.064  1.00 0.34 ? 71 TYR A O    1 
ATOM 1080 C CB   . TYR A 1 71 ? -6.780  -4.057  -5.680  1.00 0.32 ? 71 TYR A CB   1 
ATOM 1081 C CG   . TYR A 1 71 ? -6.288  -4.533  -4.337  1.00 0.43 ? 71 TYR A CG   1 
ATOM 1082 C CD1  . TYR A 1 71 ? -6.863  -5.660  -3.741  1.00 1.20 ? 71 TYR A CD1  1 
ATOM 1083 C CD2  . TYR A 1 71 ? -5.251  -3.852  -3.693  1.00 1.40 ? 71 TYR A CD2  1 
ATOM 1084 C CE1  . TYR A 1 71 ? -6.400  -6.106  -2.498  1.00 1.23 ? 71 TYR A CE1  1 
ATOM 1085 C CE2  . TYR A 1 71 ? -4.787  -4.296  -2.451  1.00 1.49 ? 71 TYR A CE2  1 
ATOM 1086 C CZ   . TYR A 1 71 ? -5.363  -5.424  -1.853  1.00 0.71 ? 71 TYR A CZ   1 
ATOM 1087 O OH   . TYR A 1 71 ? -4.906  -5.865  -0.630  1.00 0.85 ? 71 TYR A OH   1 
ATOM 1088 H H    . TYR A 1 71 ? -4.584  -4.217  -7.498  1.00 0.31 ? 71 TYR A H    1 
ATOM 1089 H HA   . TYR A 1 71 ? -6.635  -6.075  -6.396  1.00 0.39 ? 71 TYR A HA   1 
ATOM 1090 H HB2  . TYR A 1 71 ? -6.317  -3.110  -5.921  1.00 0.28 ? 71 TYR A HB2  1 
ATOM 1091 H HB3  . TYR A 1 71 ? -7.852  -3.939  -5.654  1.00 0.36 ? 71 TYR A HB3  1 
ATOM 1092 H HD1  . TYR A 1 71 ? -7.664  -6.187  -4.239  1.00 2.09 ? 71 TYR A HD1  1 
ATOM 1093 H HD2  . TYR A 1 71 ? -4.807  -2.982  -4.155  1.00 2.27 ? 71 TYR A HD2  1 
ATOM 1094 H HE1  . TYR A 1 71 ? -6.843  -6.976  -2.037  1.00 2.09 ? 71 TYR A HE1  1 
ATOM 1095 H HE2  . TYR A 1 71 ? -3.986  -3.769  -1.953  1.00 2.40 ? 71 TYR A HE2  1 
ATOM 1096 H HH   . TYR A 1 71 ? -4.852  -6.821  -0.662  1.00 1.22 ? 71 TYR A HH   1 
ATOM 1097 N N    . PRO A 1 72 ? -6.620  -5.328  -9.119  1.00 0.31 ? 72 PRO A N    1 
ATOM 1098 C CA   . PRO A 1 72 ? -7.235  -5.112  -10.450 1.00 0.35 ? 72 PRO A CA   1 
ATOM 1099 C C    . PRO A 1 72 ? -8.547  -5.896  -10.560 1.00 0.43 ? 72 PRO A C    1 
ATOM 1100 O O    . PRO A 1 72 ? -9.228  -5.850  -11.566 1.00 0.55 ? 72 PRO A O    1 
ATOM 1101 C CB   . PRO A 1 72 ? -6.187  -5.652  -11.419 1.00 0.38 ? 72 PRO A CB   1 
ATOM 1102 C CG   . PRO A 1 72 ? -5.399  -6.645  -10.624 1.00 0.40 ? 72 PRO A CG   1 
ATOM 1103 C CD   . PRO A 1 72 ? -5.439  -6.194  -9.187  1.00 0.34 ? 72 PRO A CD   1 
ATOM 1104 H HA   . PRO A 1 72 ? -7.399  -4.062  -10.628 1.00 0.35 ? 72 PRO A HA   1 
ATOM 1105 H HB2  . PRO A 1 72 ? -6.667  -6.132  -12.259 1.00 0.44 ? 72 PRO A HB2  1 
ATOM 1106 H HB3  . PRO A 1 72 ? -5.542  -4.854  -11.755 1.00 0.36 ? 72 PRO A HB3  1 
ATOM 1107 H HG2  . PRO A 1 72 ? -5.845  -7.626  -10.718 1.00 0.46 ? 72 PRO A HG2  1 
ATOM 1108 H HG3  . PRO A 1 72 ? -4.378  -6.668  -10.969 1.00 0.43 ? 72 PRO A HG3  1 
ATOM 1109 H HD2  . PRO A 1 72 ? -5.549  -7.044  -8.527  1.00 0.37 ? 72 PRO A HD2  1 
ATOM 1110 H HD3  . PRO A 1 72 ? -4.552  -5.633  -8.940  1.00 0.35 ? 72 PRO A HD3  1 
ATOM 1111 N N    . ASN A 1 73 ? -8.908  -6.611  -9.528  1.00 0.45 ? 73 ASN A N    1 
ATOM 1112 C CA   . ASN A 1 73 ? -10.177 -7.395  -9.564  1.00 0.54 ? 73 ASN A CA   1 
ATOM 1113 C C    . ASN A 1 73 ? -10.829 -7.394  -8.179  1.00 0.59 ? 73 ASN A C    1 
ATOM 1114 O O    . ASN A 1 73 ? -11.996 -7.088  -8.029  1.00 0.98 ? 73 ASN A O    1 
ATOM 1115 C CB   . ASN A 1 73 ? -9.759  -8.811  -9.961  1.00 0.61 ? 73 ASN A CB   1 
ATOM 1116 C CG   . ASN A 1 73 ? -10.578 -9.266  -11.169 1.00 1.46 ? 73 ASN A CG   1 
ATOM 1117 O OD1  . ASN A 1 73 ? -11.603 -8.689  -11.475 1.00 2.21 ? 73 ASN A OD1  1 
ATOM 1118 N ND2  . ASN A 1 73 ? -10.167 -10.283 -11.876 1.00 2.11 ? 73 ASN A ND2  1 
ATOM 1119 H H    . ASN A 1 73 ? -8.345  -6.630  -8.726  1.00 0.48 ? 73 ASN A H    1 
ATOM 1120 H HA   . ASN A 1 73 ? -10.850 -6.989  -10.297 1.00 0.56 ? 73 ASN A HA   1 
ATOM 1121 H HB2  . ASN A 1 73 ? -8.708  -8.818  -10.212 1.00 0.97 ? 73 ASN A HB2  1 
ATOM 1122 H HB3  . ASN A 1 73 ? -9.936  -9.484  -9.134  1.00 0.99 ? 73 ASN A HB3  1 
ATOM 1123 H HD21 . ASN A 1 73 ? -9.340  -10.748 -11.629 1.00 2.30 ? 73 ASN A HD21 1 
ATOM 1124 H HD22 . ASN A 1 73 ? -10.685 -10.582 -12.652 1.00 2.79 ? 73 ASN A HD22 1 
ATOM 1125 N N    . ARG A 1 74 ? -10.079 -7.728  -7.170  1.00 0.53 ? 74 ARG A N    1 
ATOM 1126 C CA   . ARG A 1 74 ? -10.638 -7.745  -5.786  1.00 0.57 ? 74 ARG A CA   1 
ATOM 1127 C C    . ARG A 1 74 ? -11.279 -6.389  -5.466  1.00 0.53 ? 74 ARG A C    1 
ATOM 1128 O O    . ARG A 1 74 ? -11.333 -5.521  -6.312  1.00 0.49 ? 74 ARG A O    1 
ATOM 1129 C CB   . ARG A 1 74 ? -9.429  -8.000  -4.886  1.00 0.58 ? 74 ARG A CB   1 
ATOM 1130 C CG   . ARG A 1 74 ? -9.547  -9.387  -4.250  1.00 0.71 ? 74 ARG A CG   1 
ATOM 1131 C CD   . ARG A 1 74 ? -8.203  -9.784  -3.636  1.00 1.36 ? 74 ARG A CD   1 
ATOM 1132 N NE   . ARG A 1 74 ? -8.083  -11.246 -3.892  1.00 1.53 ? 74 ARG A NE   1 
ATOM 1133 C CZ   . ARG A 1 74 ? -6.943  -11.749 -4.281  1.00 2.10 ? 74 ARG A CZ   1 
ATOM 1134 N NH1  . ARG A 1 74 ? -5.837  -11.398 -3.683  1.00 2.77 ? 74 ARG A NH1  1 
ATOM 1135 N NH2  . ARG A 1 74 ? -6.909  -12.603 -5.267  1.00 2.63 ? 74 ARG A NH2  1 
ATOM 1136 H H    . ARG A 1 74 ? -9.141  -7.964  -7.321  1.00 0.77 ? 74 ARG A H    1 
ATOM 1137 H HA   . ARG A 1 74 ? -11.357 -8.541  -5.677  1.00 0.64 ? 74 ARG A HA   1 
ATOM 1138 H HB2  . ARG A 1 74 ? -8.525  -7.951  -5.478  1.00 0.55 ? 74 ARG A HB2  1 
ATOM 1139 H HB3  . ARG A 1 74 ? -9.390  -7.250  -4.111  1.00 0.56 ? 74 ARG A HB3  1 
ATOM 1140 H HG2  . ARG A 1 74 ? -10.304 -9.366  -3.480  1.00 1.04 ? 74 ARG A HG2  1 
ATOM 1141 H HG3  . ARG A 1 74 ? -9.822  -10.107 -5.006  1.00 1.05 ? 74 ARG A HG3  1 
ATOM 1142 H HD2  . ARG A 1 74 ? -7.397  -9.247  -4.119  1.00 2.02 ? 74 ARG A HD2  1 
ATOM 1143 H HD3  . ARG A 1 74 ? -8.202  -9.592  -2.575  1.00 1.92 ? 74 ARG A HD3  1 
ATOM 1144 H HE   . ARG A 1 74 ? -8.858  -11.831 -3.767  1.00 1.82 ? 74 ARG A HE   1 
ATOM 1145 H HH11 . ARG A 1 74 ? -5.862  -10.744 -2.928  1.00 3.00 ? 74 ARG A HH11 1 
ATOM 1146 H HH12 . ARG A 1 74 ? -4.964  -11.783 -3.982  1.00 3.37 ? 74 ARG A HH12 1 
ATOM 1147 H HH21 . ARG A 1 74 ? -7.756  -12.872 -5.724  1.00 2.82 ? 74 ARG A HH21 1 
ATOM 1148 H HH22 . ARG A 1 74 ? -6.036  -12.988 -5.564  1.00 3.20 ? 74 ARG A HH22 1 
ATOM 1149 N N    . PRO A 1 75 ? -11.742 -6.249  -4.248  1.00 0.59 ? 75 PRO A N    1 
ATOM 1150 C CA   . PRO A 1 75 ? -12.382 -4.977  -3.819  1.00 0.60 ? 75 PRO A CA   1 
ATOM 1151 C C    . PRO A 1 75 ? -11.341 -3.857  -3.750  1.00 0.50 ? 75 PRO A C    1 
ATOM 1152 O O    . PRO A 1 75 ? -10.506 -3.838  -2.867  1.00 0.49 ? 75 PRO A O    1 
ATOM 1153 C CB   . PRO A 1 75 ? -12.938 -5.306  -2.433  1.00 0.69 ? 75 PRO A CB   1 
ATOM 1154 C CG   . PRO A 1 75 ? -12.104 -6.447  -1.948  1.00 0.71 ? 75 PRO A CG   1 
ATOM 1155 C CD   . PRO A 1 75 ? -11.712 -7.240  -3.166  1.00 0.69 ? 75 PRO A CD   1 
ATOM 1156 H HA   . PRO A 1 75 ? -13.186 -4.711  -4.486  1.00 0.63 ? 75 PRO A HA   1 
ATOM 1157 H HB2  . PRO A 1 75 ? -12.833 -4.455  -1.776  1.00 0.68 ? 75 PRO A HB2  1 
ATOM 1158 H HB3  . PRO A 1 75 ? -13.972 -5.608  -2.502  1.00 0.76 ? 75 PRO A HB3  1 
ATOM 1159 H HG2  . PRO A 1 75 ? -11.222 -6.071  -1.447  1.00 0.68 ? 75 PRO A HG2  1 
ATOM 1160 H HG3  . PRO A 1 75 ? -12.677 -7.068  -1.278  1.00 0.79 ? 75 PRO A HG3  1 
ATOM 1161 H HD2  . PRO A 1 75 ? -10.720 -7.650  -3.043  1.00 0.69 ? 75 PRO A HD2  1 
ATOM 1162 H HD3  . PRO A 1 75 ? -12.428 -8.024  -3.358  1.00 0.77 ? 75 PRO A HD3  1 
ATOM 1163 N N    . PRO A 1 76 ? -11.418 -2.968  -4.703  1.00 0.48 ? 76 PRO A N    1 
ATOM 1164 C CA   . PRO A 1 76 ? -10.468 -1.841  -4.778  1.00 0.42 ? 76 PRO A CA   1 
ATOM 1165 C C    . PRO A 1 76 ? -10.954 -0.641  -3.962  1.00 0.58 ? 76 PRO A C    1 
ATOM 1166 O O    . PRO A 1 76 ? -11.791 0.123   -4.399  1.00 1.40 ? 76 PRO A O    1 
ATOM 1167 C CB   . PRO A 1 76 ? -10.458 -1.501  -6.260  1.00 0.47 ? 76 PRO A CB   1 
ATOM 1168 C CG   . PRO A 1 76 ? -11.779 -1.974  -6.800  1.00 0.58 ? 76 PRO A CG   1 
ATOM 1169 C CD   . PRO A 1 76 ? -12.389 -2.927  -5.796  1.00 0.56 ? 76 PRO A CD   1 
ATOM 1170 H HA   . PRO A 1 76 ? -9.485  -2.147  -4.465  1.00 0.33 ? 76 PRO A HA   1 
ATOM 1171 H HB2  . PRO A 1 76 ? -10.357 -0.433  -6.392  1.00 0.55 ? 76 PRO A HB2  1 
ATOM 1172 H HB3  . PRO A 1 76 ? -9.652  -2.019  -6.754  1.00 0.41 ? 76 PRO A HB3  1 
ATOM 1173 H HG2  . PRO A 1 76 ? -12.435 -1.128  -6.947  1.00 0.78 ? 76 PRO A HG2  1 
ATOM 1174 H HG3  . PRO A 1 76 ? -11.627 -2.487  -7.738  1.00 0.56 ? 76 PRO A HG3  1 
ATOM 1175 H HD2  . PRO A 1 76 ? -13.339 -2.549  -5.448  1.00 0.74 ? 76 PRO A HD2  1 
ATOM 1176 H HD3  . PRO A 1 76 ? -12.506 -3.908  -6.228  1.00 0.51 ? 76 PRO A HD3  1 
ATOM 1177 N N    . LYS A 1 77 ? -10.416 -0.462  -2.790  1.00 0.38 ? 77 LYS A N    1 
ATOM 1178 C CA   . LYS A 1 77 ? -10.816 0.695   -1.940  1.00 0.31 ? 77 LYS A CA   1 
ATOM 1179 C C    . LYS A 1 77 ? -10.107 0.601   -0.592  1.00 0.27 ? 77 LYS A C    1 
ATOM 1180 O O    . LYS A 1 77 ? -10.728 0.506   0.448   1.00 0.35 ? 77 LYS A O    1 
ATOM 1181 C CB   . LYS A 1 77 ? -12.326 0.580   -1.756  1.00 0.35 ? 77 LYS A CB   1 
ATOM 1182 C CG   . LYS A 1 77 ? -12.877 1.934   -1.314  1.00 0.39 ? 77 LYS A CG   1 
ATOM 1183 C CD   . LYS A 1 77 ? -14.383 1.988   -1.582  1.00 0.77 ? 77 LYS A CD   1 
ATOM 1184 C CE   . LYS A 1 77 ? -15.054 2.896   -0.549  1.00 0.87 ? 77 LYS A CE   1 
ATOM 1185 N NZ   . LYS A 1 77 ? -16.283 2.165   -0.135  1.00 1.24 ? 77 LYS A NZ   1 
ATOM 1186 H H    . LYS A 1 77 ? -9.730  -1.085  -2.471  1.00 0.97 ? 77 LYS A H    1 
ATOM 1187 H HA   . LYS A 1 77 ? -10.572 1.625   -2.430  1.00 0.33 ? 77 LYS A HA   1 
ATOM 1188 H HB2  . LYS A 1 77 ? -12.787 0.287   -2.688  1.00 0.50 ? 77 LYS A HB2  1 
ATOM 1189 H HB3  . LYS A 1 77 ? -12.541 -0.153  -1.001  1.00 0.50 ? 77 LYS A HB3  1 
ATOM 1190 H HG2  . LYS A 1 77 ? -12.692 2.068   -0.258  1.00 0.58 ? 77 LYS A HG2  1 
ATOM 1191 H HG3  . LYS A 1 77 ? -12.385 2.718   -1.867  1.00 0.62 ? 77 LYS A HG3  1 
ATOM 1192 H HD2  . LYS A 1 77 ? -14.559 2.379   -2.574  1.00 1.35 ? 77 LYS A HD2  1 
ATOM 1193 H HD3  . LYS A 1 77 ? -14.798 0.995   -1.508  1.00 1.42 ? 77 LYS A HD3  1 
ATOM 1194 H HE2  . LYS A 1 77 ? -14.399 3.047   0.299   1.00 1.51 ? 77 LYS A HE2  1 
ATOM 1195 H HE3  . LYS A 1 77 ? -15.319 3.842   -0.994  1.00 1.33 ? 77 LYS A HE3  1 
ATOM 1196 H HZ1  . LYS A 1 77 ? -16.540 2.437   0.835   1.00 1.71 ? 77 LYS A HZ1  1 
ATOM 1197 H HZ2  . LYS A 1 77 ? -16.106 1.140   -0.174  1.00 1.67 ? 77 LYS A HZ2  1 
ATOM 1198 H HZ3  . LYS A 1 77 ? -17.064 2.407   -0.778  1.00 1.71 ? 77 LYS A HZ3  1 
ATOM 1199 N N    . VAL A 1 78 ? -8.807  0.616   -0.609  1.00 0.23 ? 78 VAL A N    1 
ATOM 1200 C CA   . VAL A 1 78 ? -8.040  0.516   0.661   1.00 0.20 ? 78 VAL A CA   1 
ATOM 1201 C C    . VAL A 1 78 ? -8.418  1.657   1.602   1.00 0.20 ? 78 VAL A C    1 
ATOM 1202 O O    . VAL A 1 78 ? -8.304  2.819   1.264   1.00 0.23 ? 78 VAL A O    1 
ATOM 1203 C CB   . VAL A 1 78 ? -6.576  0.628   0.245   1.00 0.21 ? 78 VAL A CB   1 
ATOM 1204 C CG1  . VAL A 1 78 ? -5.676  0.337   1.447   1.00 0.23 ? 78 VAL A CG1  1 
ATOM 1205 C CG2  . VAL A 1 78 ? -6.289  -0.384  -0.863  1.00 0.23 ? 78 VAL A CG2  1 
ATOM 1206 H H    . VAL A 1 78 ? -8.333  0.687   -1.463  1.00 0.30 ? 78 VAL A H    1 
ATOM 1207 H HA   . VAL A 1 78 ? -8.219  -0.438  1.132   1.00 0.22 ? 78 VAL A HA   1 
ATOM 1208 H HB   . VAL A 1 78 ? -6.380  1.627   -0.119  1.00 0.21 ? 78 VAL A HB   1 
ATOM 1209 H HG11 . VAL A 1 78 ? -4.653  0.241   1.117   1.00 0.97 ? 78 VAL A HG11 1 
ATOM 1210 H HG12 . VAL A 1 78 ? -5.991  -0.583  1.919   1.00 1.03 ? 78 VAL A HG12 1 
ATOM 1211 H HG13 . VAL A 1 78 ? -5.751  1.148   2.157   1.00 1.11 ? 78 VAL A HG13 1 
ATOM 1212 H HG21 . VAL A 1 78 ? -5.236  -0.624  -0.868  1.00 0.98 ? 78 VAL A HG21 1 
ATOM 1213 H HG22 . VAL A 1 78 ? -6.566  0.040   -1.816  1.00 0.97 ? 78 VAL A HG22 1 
ATOM 1214 H HG23 . VAL A 1 78 ? -6.862  -1.281  -0.688  1.00 1.05 ? 78 VAL A HG23 1 
ATOM 1215 N N    . ASN A 1 79 ? -8.861  1.335   2.784   1.00 0.21 ? 79 ASN A N    1 
ATOM 1216 C CA   . ASN A 1 79 ? -9.239  2.403   3.749   1.00 0.22 ? 79 ASN A CA   1 
ATOM 1217 C C    . ASN A 1 79 ? -8.001  2.884   4.505   1.00 0.21 ? 79 ASN A C    1 
ATOM 1218 O O    . ASN A 1 79 ? -8.010  3.925   5.132   1.00 0.24 ? 79 ASN A O    1 
ATOM 1219 C CB   . ASN A 1 79 ? -10.235 1.740   4.700   1.00 0.24 ? 79 ASN A CB   1 
ATOM 1220 C CG   . ASN A 1 79 ? -11.387 1.136   3.892   1.00 0.56 ? 79 ASN A CG   1 
ATOM 1221 O OD1  . ASN A 1 79 ? -12.188 0.391   4.423   1.00 1.10 ? 79 ASN A OD1  1 
ATOM 1222 N ND2  . ASN A 1 79 ? -11.506 1.426   2.625   1.00 0.37 ? 79 ASN A ND2  1 
ATOM 1223 H H    . ASN A 1 79 ? -8.940  0.392   3.037   1.00 0.23 ? 79 ASN A H    1 
ATOM 1224 H HA   . ASN A 1 79 ? -9.710  3.225   3.236   1.00 0.25 ? 79 ASN A HA   1 
ATOM 1225 H HB2  . ASN A 1 79 ? -9.736  0.960   5.257   1.00 0.37 ? 79 ASN A HB2  1 
ATOM 1226 H HB3  . ASN A 1 79 ? -10.626 2.479   5.383   1.00 0.33 ? 79 ASN A HB3  1 
ATOM 1227 H HD21 . ASN A 1 79 ? -10.862 2.026   2.195   1.00 0.31 ? 79 ASN A HD21 1 
ATOM 1228 H HD22 . ASN A 1 79 ? -12.240 1.041   2.101   1.00 0.61 ? 79 ASN A HD22 1 
ATOM 1229 N N    . SER A 1 80 ? -6.930  2.139   4.450   1.00 0.21 ? 80 SER A N    1 
ATOM 1230 C CA   . SER A 1 80 ? -5.694  2.567   5.169   1.00 0.24 ? 80 SER A CA   1 
ATOM 1231 C C    . SER A 1 80 ? -4.625  1.471   5.113   1.00 0.24 ? 80 SER A C    1 
ATOM 1232 O O    . SER A 1 80 ? -4.882  0.356   4.705   1.00 0.27 ? 80 SER A O    1 
ATOM 1233 C CB   . SER A 1 80 ? -6.140  2.800   6.611   1.00 0.26 ? 80 SER A CB   1 
ATOM 1234 O OG   . SER A 1 80 ? -7.023  1.757   7.004   1.00 1.22 ? 80 SER A OG   1 
ATOM 1235 H H    . SER A 1 80 ? -6.939  1.301   3.934   1.00 0.21 ? 80 SER A H    1 
ATOM 1236 H HA   . SER A 1 80 ? -5.314  3.485   4.750   1.00 0.28 ? 80 SER A HA   1 
ATOM 1237 H HB2  . SER A 1 80 ? -5.280  2.800   7.260   1.00 1.03 ? 80 SER A HB2  1 
ATOM 1238 H HB3  . SER A 1 80 ? -6.641  3.756   6.682   1.00 0.99 ? 80 SER A HB3  1 
ATOM 1239 H HG   . SER A 1 80 ? -6.994  1.690   7.961   1.00 1.47 ? 80 SER A HG   1 
ATOM 1240 N N    . ILE A 1 81 ? -3.429  1.784   5.535   1.00 0.25 ? 81 ILE A N    1 
ATOM 1241 C CA   . ILE A 1 81 ? -2.338  0.773   5.527   1.00 0.26 ? 81 ILE A CA   1 
ATOM 1242 C C    . ILE A 1 81 ? -1.985  0.409   6.950   1.00 0.24 ? 81 ILE A C    1 
ATOM 1243 O O    . ILE A 1 81 ? -2.491  0.970   7.900   1.00 0.24 ? 81 ILE A O    1 
ATOM 1244 C CB   . ILE A 1 81 ? -1.157  1.463   4.846   1.00 0.34 ? 81 ILE A CB   1 
ATOM 1245 C CG1  . ILE A 1 81 ? -1.180  1.156   3.347   1.00 0.50 ? 81 ILE A CG1  1 
ATOM 1246 C CG2  . ILE A 1 81 ? 0.161   0.972   5.449   1.00 0.33 ? 81 ILE A CG2  1 
ATOM 1247 C CD1  . ILE A 1 81 ? -0.245  2.120   2.614   1.00 0.73 ? 81 ILE A CD1  1 
ATOM 1248 H H    . ILE A 1 81 ? -3.247  2.688   5.871   1.00 0.28 ? 81 ILE A H    1 
ATOM 1249 H HA   . ILE A 1 81 ? -2.617  -0.106  4.979   1.00 0.29 ? 81 ILE A HA   1 
ATOM 1250 H HB   . ILE A 1 81 ? -1.237  2.518   4.998   1.00 0.39 ? 81 ILE A HB   1 
ATOM 1251 H HG12 . ILE A 1 81 ? -0.852  0.139   3.183   1.00 0.82 ? 81 ILE A HG12 1 
ATOM 1252 H HG13 . ILE A 1 81 ? -2.185  1.276   2.970   1.00 0.73 ? 81 ILE A HG13 1 
ATOM 1253 H HG21 . ILE A 1 81 ? 0.984   1.510   5.004   1.00 0.99 ? 81 ILE A HG21 1 
ATOM 1254 H HG22 . ILE A 1 81 ? 0.275   -0.082  5.255   1.00 1.02 ? 81 ILE A HG22 1 
ATOM 1255 H HG23 . ILE A 1 81 ? 0.155   1.143   6.516   1.00 1.02 ? 81 ILE A HG23 1 
ATOM 1256 H HD11 . ILE A 1 81 ? -0.554  3.137   2.805   1.00 1.32 ? 81 ILE A HD11 1 
ATOM 1257 H HD12 . ILE A 1 81 ? -0.287  1.924   1.552   1.00 1.44 ? 81 ILE A HD12 1 
ATOM 1258 H HD13 . ILE A 1 81 ? 0.766   1.978   2.967   1.00 1.11 ? 81 ILE A HD13 1 
ATOM 1259 N N    . GLU A 1 82 ? -1.101  -0.514  7.096   1.00 0.26 ? 82 GLU A N    1 
ATOM 1260 C CA   . GLU A 1 82 ? -0.677  -0.913  8.449   1.00 0.26 ? 82 GLU A CA   1 
ATOM 1261 C C    . GLU A 1 82 ? 0.443   -1.940  8.361   1.00 0.25 ? 82 GLU A C    1 
ATOM 1262 O O    . GLU A 1 82 ? 0.241   -3.113  8.583   1.00 0.28 ? 82 GLU A O    1 
ATOM 1263 C CB   . GLU A 1 82 ? -1.915  -1.513  9.114   1.00 0.29 ? 82 GLU A CB   1 
ATOM 1264 C CG   . GLU A 1 82 ? -1.692  -1.596  10.625  1.00 0.64 ? 82 GLU A CG   1 
ATOM 1265 C CD   . GLU A 1 82 ? -3.027  -1.409  11.351  1.00 0.81 ? 82 GLU A CD   1 
ATOM 1266 O OE1  . GLU A 1 82 ? -3.985  -2.057  10.963  1.00 1.43 ? 82 GLU A OE1  1 
ATOM 1267 O OE2  . GLU A 1 82 ? -3.066  -0.621  12.281  1.00 1.50 ? 82 GLU A OE2  1 
ATOM 1268 H H    . GLU A 1 82 ? -0.701  -0.929  6.308   1.00 0.29 ? 82 GLU A H    1 
ATOM 1269 H HA   . GLU A 1 82 ? -0.349  -0.045  8.988   1.00 0.27 ? 82 GLU A HA   1 
ATOM 1270 H HB2  . GLU A 1 82 ? -2.772  -0.890  8.908   1.00 0.53 ? 82 GLU A HB2  1 
ATOM 1271 H HB3  . GLU A 1 82 ? -2.089  -2.503  8.724   1.00 0.57 ? 82 GLU A HB3  1 
ATOM 1272 H HG2  . GLU A 1 82 ? -1.278  -2.563  10.875  1.00 1.16 ? 82 GLU A HG2  1 
ATOM 1273 H HG3  . GLU A 1 82 ? -1.007  -0.821  10.931  1.00 1.17 ? 82 GLU A HG3  1 
ATOM 1274 N N    . ILE A 1 83 ? 1.625   -1.499  8.052   1.00 0.25 ? 83 ILE A N    1 
ATOM 1275 C CA   . ILE A 1 83 ? 2.773   -2.438  7.968   1.00 0.24 ? 83 ILE A CA   1 
ATOM 1276 C C    . ILE A 1 83 ? 3.196   -2.810  9.378   1.00 0.25 ? 83 ILE A C    1 
ATOM 1277 O O    . ILE A 1 83 ? 3.114   -2.006  10.287  1.00 0.29 ? 83 ILE A O    1 
ATOM 1278 C CB   . ILE A 1 83 ? 3.900   -1.662  7.275   1.00 0.25 ? 83 ILE A CB   1 
ATOM 1279 C CG1  . ILE A 1 83 ? 3.795   -1.826  5.759   1.00 0.32 ? 83 ILE A CG1  1 
ATOM 1280 C CG2  . ILE A 1 83 ? 5.258   -2.204  7.742   1.00 0.24 ? 83 ILE A CG2  1 
ATOM 1281 C CD1  . ILE A 1 83 ? 4.846   -0.949  5.078   1.00 0.47 ? 83 ILE A CD1  1 
ATOM 1282 H H    . ILE A 1 83 ? 1.757   -0.549  7.888   1.00 0.27 ? 83 ILE A H    1 
ATOM 1283 H HA   . ILE A 1 83 ? 2.512   -3.315  7.402   1.00 0.24 ? 83 ILE A HA   1 
ATOM 1284 H HB   . ILE A 1 83 ? 3.827   -0.615  7.533   1.00 0.26 ? 83 ILE A HB   1 
ATOM 1285 H HG12 . ILE A 1 83 ? 3.967   -2.859  5.497   1.00 0.36 ? 83 ILE A HG12 1 
ATOM 1286 H HG13 . ILE A 1 83 ? 2.811   -1.528  5.430   1.00 0.52 ? 83 ILE A HG13 1 
ATOM 1287 H HG21 . ILE A 1 83 ? 5.410   -3.192  7.340   1.00 1.03 ? 83 ILE A HG21 1 
ATOM 1288 H HG22 . ILE A 1 83 ? 5.277   -2.250  8.819   1.00 1.04 ? 83 ILE A HG22 1 
ATOM 1289 H HG23 . ILE A 1 83 ? 6.046   -1.549  7.398   1.00 1.01 ? 83 ILE A HG23 1 
ATOM 1290 H HD11 . ILE A 1 83 ? 4.576   -0.803  4.042   1.00 1.06 ? 83 ILE A HD11 1 
ATOM 1291 H HD12 . ILE A 1 83 ? 5.810   -1.432  5.133   1.00 1.21 ? 83 ILE A HD12 1 
ATOM 1292 H HD13 . ILE A 1 83 ? 4.895   0.007   5.576   1.00 1.12 ? 83 ILE A HD13 1 
ATOM 1293 N N    . LEU A 1 84 ? 3.676   -3.996  9.581   1.00 0.26 ? 84 LEU A N    1 
ATOM 1294 C CA   . LEU A 1 84 ? 4.120   -4.350  10.940  1.00 0.31 ? 84 LEU A CA   1 
ATOM 1295 C C    . LEU A 1 84 ? 5.375   -5.226  10.884  1.00 0.48 ? 84 LEU A C    1 
ATOM 1296 O O    . LEU A 1 84 ? 5.781   -5.712  11.926  1.00 1.30 ? 84 LEU A O    1 
ATOM 1297 C CB   . LEU A 1 84 ? 2.965   -5.099  11.612  1.00 0.51 ? 84 LEU A CB   1 
ATOM 1298 C CG   . LEU A 1 84 ? 2.067   -5.831  10.603  1.00 0.40 ? 84 LEU A CG   1 
ATOM 1299 C CD1  . LEU A 1 84 ? 1.182   -4.831  9.863   1.00 0.34 ? 84 LEU A CD1  1 
ATOM 1300 C CD2  . LEU A 1 84 ? 2.916   -6.610  9.603   1.00 0.59 ? 84 LEU A CD2  1 
ATOM 1301 O OXT  . LEU A 1 84 ? 5.908   -5.394  9.799   1.00 1.10 ? 84 LEU A OXT  1 
ATOM 1302 H H    . LEU A 1 84 ? 3.764   -4.631  8.847   1.00 0.28 ? 84 LEU A H    1 
ATOM 1303 H HA   . LEU A 1 84 ? 4.321   -3.439  11.482  1.00 0.48 ? 84 LEU A HA   1 
ATOM 1304 H HB2  . LEU A 1 84 ? 3.376   -5.822  12.292  1.00 0.83 ? 84 LEU A HB2  1 
ATOM 1305 H HB3  . LEU A 1 84 ? 2.369   -4.391  12.160  1.00 0.77 ? 84 LEU A HB3  1 
ATOM 1306 H HG   . LEU A 1 84 ? 1.433   -6.522  11.142  1.00 0.47 ? 84 LEU A HG   1 
ATOM 1307 H HD11 . LEU A 1 84 ? 1.479   -4.784  8.825   1.00 0.96 ? 84 LEU A HD11 1 
ATOM 1308 H HD12 . LEU A 1 84 ? 1.282   -3.854  10.310  1.00 1.03 ? 84 LEU A HD12 1 
ATOM 1309 H HD13 . LEU A 1 84 ? 0.150   -5.148  9.926   1.00 1.12 ? 84 LEU A HD13 1 
ATOM 1310 H HD21 . LEU A 1 84 ? 2.410   -6.638  8.649   1.00 1.16 ? 84 LEU A HD21 1 
ATOM 1311 H HD22 . LEU A 1 84 ? 3.058   -7.618  9.962   1.00 1.23 ? 84 LEU A HD22 1 
ATOM 1312 H HD23 . LEU A 1 84 ? 3.873   -6.132  9.490   1.00 0.92 ? 84 LEU A HD23 1 
# 
